data_6HBE
#
_entry.id   6HBE
#
_cell.length_a   145.692
_cell.length_b   110.553
_cell.length_c   88.810
_cell.angle_alpha   90.000
_cell.angle_beta   107.510
_cell.angle_gamma   90.000
#
_symmetry.space_group_name_H-M   'C 1 2 1'
#
loop_
_entity.id
_entity.type
_entity.pdbx_description
1 polymer 'Copper-containing nitrite reductase'
2 non-polymer 'COPPER (II) ION'
3 non-polymer 'CALCIUM ION'
4 water water
#
_entity_poly.entity_id   1
_entity_poly.type   'polypeptide(L)'
_entity_poly.pdbx_seq_one_letter_code
;MRKVLGVLAGLVLGIPGVAAERHFTLEARSSIFEVDQGVYLRGFSFNDMSPGPMLVVEEGDTVHITLRNLDNVTHGLSIH
AANTQTSRFLGNVQPGETREFSFTADFPGVFMYHCAPGGHGIMAHTMGGQFGMIVVEPKEKYRMERELGRGPDLKLYIIQ
SEAYASGRDFYDGKALYVMFNGRNFRYVDEPIPVRPGDYLRIYFLNVGPNLTSTLHVVGGIFEYMYYQGNPKNLVVGAQT
ALAGPSDSWVIEWRVPPVEGDYTLVTHVFGTAIKGALGILRAKKDAPRIPEVRAEGVPGVKEIPASAKRVVDPYGLASPG
HEHTVRVPLDPALAQPVAVGAKALEPLPVTVQMVGNSFYPKVLEIPVGTTVEFVNEDVFDLLEGERTGRHDAVVIDVQGP
EPFVTPKLGHGERYRITFTKPGEYVYICSIHPYMKGIIRVYEPLSQRADSQ
;
_entity_poly.pdbx_strand_id   A,B,C
#
loop_
_chem_comp.id
_chem_comp.type
_chem_comp.name
_chem_comp.formula
CA non-polymer 'CALCIUM ION' 'Ca 2'
CU non-polymer 'COPPER (II) ION' 'Cu 2'
#
# COMPACT_ATOMS: atom_id res chain seq x y z
N ALA A 20 21.84 -3.20 36.39
CA ALA A 20 22.63 -1.95 36.15
C ALA A 20 21.77 -0.71 35.97
N GLU A 21 22.43 0.44 36.07
CA GLU A 21 21.86 1.76 35.74
C GLU A 21 22.53 2.21 34.44
N ARG A 22 21.77 2.43 33.39
CA ARG A 22 22.32 2.80 32.08
C ARG A 22 21.84 4.18 31.69
N HIS A 23 22.73 5.02 31.18
CA HIS A 23 22.37 6.39 30.85
C HIS A 23 22.62 6.70 29.37
N PHE A 24 21.62 7.30 28.70
CA PHE A 24 21.71 7.64 27.29
C PHE A 24 21.26 9.07 27.06
N THR A 25 21.95 9.78 26.19
CA THR A 25 21.57 11.15 25.83
C THR A 25 21.16 11.25 24.34
N LEU A 26 19.95 11.75 24.11
CA LEU A 26 19.42 11.97 22.77
C LEU A 26 19.25 13.47 22.55
N GLU A 27 19.74 13.94 21.41
CA GLU A 27 19.68 15.37 21.08
C GLU A 27 18.88 15.62 19.80
N ALA A 28 17.73 16.28 19.92
CA ALA A 28 16.87 16.52 18.78
C ALA A 28 17.38 17.71 17.96
N ARG A 29 17.55 17.51 16.66
CA ARG A 29 17.91 18.60 15.75
C ARG A 29 17.43 18.50 14.31
N SER A 30 17.67 19.58 13.54
CA SER A 30 17.48 19.59 12.08
C SER A 30 18.78 19.16 11.36
N SER A 31 18.67 18.31 10.35
CA SER A 31 19.84 17.64 9.77
C SER A 31 19.71 17.41 8.26
N ILE A 32 20.83 17.02 7.64
CA ILE A 32 20.91 16.65 6.22
C ILE A 32 21.65 15.30 6.13
N PHE A 33 21.01 14.30 5.53
CA PHE A 33 21.58 12.96 5.45
C PHE A 33 21.98 12.67 3.99
N GLU A 34 23.15 12.04 3.75
CA GLU A 34 23.49 11.54 2.41
C GLU A 34 22.97 10.10 2.25
N VAL A 35 21.78 9.94 1.66
CA VAL A 35 21.13 8.63 1.53
C VAL A 35 21.57 7.79 0.32
N ASP A 36 22.26 8.41 -0.64
CA ASP A 36 22.88 7.73 -1.79
C ASP A 36 24.00 8.64 -2.29
N GLN A 37 24.88 8.15 -3.18
CA GLN A 37 25.95 9.02 -3.69
C GLN A 37 25.32 10.21 -4.38
N GLY A 38 25.65 11.42 -3.90
CA GLY A 38 25.17 12.67 -4.48
C GLY A 38 23.69 13.02 -4.21
N VAL A 39 23.03 12.25 -3.34
CA VAL A 39 21.63 12.45 -2.99
C VAL A 39 21.51 12.77 -1.51
N TYR A 40 20.94 13.94 -1.20
CA TYR A 40 20.85 14.51 0.14
C TYR A 40 19.38 14.69 0.56
N LEU A 41 19.08 14.34 1.81
CA LEU A 41 17.72 14.36 2.37
C LEU A 41 17.69 15.32 3.56
N ARG A 42 16.87 16.35 3.49
CA ARG A 42 16.65 17.25 4.62
C ARG A 42 15.57 16.71 5.52
N GLY A 43 15.78 16.83 6.82
CA GLY A 43 14.79 16.37 7.80
C GLY A 43 15.17 16.64 9.25
N PHE A 44 14.77 15.74 10.16
CA PHE A 44 14.99 15.92 11.58
C PHE A 44 15.69 14.67 12.09
N SER A 45 16.50 14.79 13.14
CA SER A 45 17.23 13.64 13.70
C SER A 45 17.33 13.68 15.22
N PHE A 46 17.76 12.53 15.78
CA PHE A 46 18.49 12.53 17.04
C PHE A 46 19.99 12.39 16.73
N ASN A 47 20.79 13.32 17.22
CA ASN A 47 22.27 13.19 17.19
C ASN A 47 22.88 13.18 15.79
N ASP A 48 22.22 13.85 14.84
CA ASP A 48 22.68 14.03 13.47
C ASP A 48 22.83 12.75 12.61
N MET A 49 22.11 11.68 12.95
N MET A 49 22.06 11.70 12.96
CA MET A 49 22.11 10.44 12.15
CA MET A 49 22.06 10.41 12.28
C MET A 49 20.67 9.89 12.14
C MET A 49 20.61 9.94 12.12
N SER A 50 20.30 9.24 11.03
CA SER A 50 18.96 8.61 10.83
C SER A 50 19.13 7.26 10.16
N PRO A 51 18.88 6.15 10.87
CA PRO A 51 18.37 6.12 12.24
C PRO A 51 19.36 6.67 13.28
N GLY A 52 18.83 7.01 14.45
CA GLY A 52 19.59 7.60 15.53
C GLY A 52 20.42 6.60 16.32
N PRO A 53 21.00 7.10 17.43
CA PRO A 53 21.83 6.21 18.22
C PRO A 53 21.12 4.96 18.65
N MET A 54 21.81 3.81 18.58
CA MET A 54 21.28 2.52 19.03
C MET A 54 21.59 2.31 20.51
N LEU A 55 20.55 1.96 21.28
CA LEU A 55 20.65 1.82 22.73
C LEU A 55 20.49 0.33 23.05
N VAL A 56 21.39 -0.25 23.83
CA VAL A 56 21.32 -1.68 24.20
C VAL A 56 21.44 -1.84 25.72
N VAL A 57 20.46 -2.51 26.33
CA VAL A 57 20.43 -2.73 27.77
C VAL A 57 20.09 -4.19 28.04
N GLU A 58 20.16 -4.57 29.31
CA GLU A 58 19.72 -5.90 29.73
C GLU A 58 18.36 -5.85 30.43
N GLU A 59 17.55 -6.89 30.26
CA GLU A 59 16.28 -7.06 30.96
C GLU A 59 16.46 -6.82 32.48
N GLY A 60 15.64 -5.93 33.04
CA GLY A 60 15.73 -5.56 34.47
C GLY A 60 16.58 -4.34 34.78
N ASP A 61 17.35 -3.83 33.80
CA ASP A 61 18.10 -2.58 33.99
C ASP A 61 17.18 -1.37 34.21
N THR A 62 17.69 -0.39 34.97
CA THR A 62 17.11 0.94 35.03
C THR A 62 17.74 1.72 33.90
N VAL A 63 16.90 2.38 33.10
CA VAL A 63 17.34 3.14 31.93
C VAL A 63 17.05 4.60 32.22
N HIS A 64 18.11 5.43 32.21
CA HIS A 64 17.96 6.87 32.41
C HIS A 64 18.16 7.54 31.07
N ILE A 65 17.19 8.37 30.66
CA ILE A 65 17.25 9.11 29.38
C ILE A 65 17.41 10.60 29.66
N THR A 66 18.35 11.26 28.97
CA THR A 66 18.42 12.70 28.92
C THR A 66 18.07 13.11 27.50
N LEU A 67 16.96 13.84 27.35
CA LEU A 67 16.55 14.40 26.08
C LEU A 67 16.79 15.90 26.07
N ARG A 68 17.54 16.38 25.08
CA ARG A 68 17.78 17.83 24.90
C ARG A 68 17.33 18.29 23.53
N ASN A 69 16.65 19.43 23.47
CA ASN A 69 16.21 19.97 22.18
C ASN A 69 17.15 21.09 21.74
N LEU A 70 17.96 20.78 20.73
CA LEU A 70 18.96 21.66 20.18
C LEU A 70 18.43 22.40 18.95
N ASP A 71 17.14 22.26 18.63
CA ASP A 71 16.54 22.83 17.42
C ASP A 71 15.74 24.12 17.72
N ASN A 72 15.19 24.75 16.69
CA ASN A 72 14.31 25.93 16.84
C ASN A 72 12.78 25.65 16.73
N VAL A 73 12.38 24.37 16.71
CA VAL A 73 10.98 23.97 16.90
C VAL A 73 10.89 22.90 17.99
N THR A 74 9.69 22.70 18.51
CA THR A 74 9.39 21.71 19.55
C THR A 74 9.61 20.28 19.05
N HIS A 75 10.13 19.43 19.93
CA HIS A 75 10.36 18.01 19.68
C HIS A 75 9.90 17.23 20.94
N GLY A 76 10.25 15.94 21.02
CA GLY A 76 9.86 15.13 22.14
C GLY A 76 10.37 13.72 21.93
N LEU A 77 9.89 12.79 22.75
CA LEU A 77 10.31 11.37 22.66
C LEU A 77 9.25 10.39 23.14
N SER A 78 9.09 9.32 22.36
CA SER A 78 8.43 8.11 22.79
C SER A 78 9.40 6.94 22.68
N ILE A 79 9.35 6.03 23.65
CA ILE A 79 10.30 4.93 23.74
C ILE A 79 9.56 3.63 24.09
N HIS A 80 9.45 2.73 23.10
CA HIS A 80 8.49 1.62 23.22
C HIS A 80 8.92 0.57 24.26
N ALA A 81 10.17 0.61 24.72
CA ALA A 81 10.62 -0.30 25.79
C ALA A 81 10.07 0.05 27.19
N ALA A 82 9.49 1.24 27.33
CA ALA A 82 8.86 1.68 28.60
C ALA A 82 7.37 1.27 28.70
N ASN A 83 7.04 0.42 29.67
CA ASN A 83 5.64 0.15 30.03
C ASN A 83 5.23 1.04 31.22
N THR A 84 5.24 2.36 31.00
CA THR A 84 4.79 3.32 31.99
C THR A 84 4.59 4.64 31.24
N GLN A 85 3.88 5.57 31.86
N GLN A 85 3.88 5.59 31.85
CA GLN A 85 3.55 6.87 31.25
CA GLN A 85 3.54 6.86 31.20
C GLN A 85 4.77 7.60 30.74
C GLN A 85 4.78 7.57 30.71
N THR A 86 4.78 8.01 29.45
CA THR A 86 5.91 8.76 28.90
C THR A 86 5.61 10.20 28.48
N SER A 87 4.45 10.45 27.89
N SER A 87 4.43 10.43 27.91
CA SER A 87 4.20 11.76 27.23
CA SER A 87 4.11 11.71 27.25
C SER A 87 4.20 12.97 28.19
C SER A 87 4.16 12.95 28.17
N ARG A 88 3.77 12.79 29.43
CA ARG A 88 3.87 13.87 30.46
C ARG A 88 5.29 14.34 30.70
N PHE A 89 6.22 13.39 30.62
CA PHE A 89 7.62 13.60 30.95
C PHE A 89 8.55 13.88 29.75
N LEU A 90 8.19 13.38 28.56
CA LEU A 90 9.06 13.50 27.38
C LEU A 90 8.39 14.19 26.16
N GLY A 91 7.15 14.63 26.30
CA GLY A 91 6.40 15.28 25.22
C GLY A 91 6.49 16.80 25.29
N ASN A 92 6.26 17.44 24.14
CA ASN A 92 6.14 18.89 24.06
C ASN A 92 7.37 19.62 24.64
N VAL A 93 8.55 19.22 24.16
CA VAL A 93 9.84 19.75 24.62
C VAL A 93 10.23 20.98 23.80
N GLN A 94 10.15 22.15 24.42
CA GLN A 94 10.41 23.42 23.70
C GLN A 94 11.88 23.59 23.31
N PRO A 95 12.18 24.45 22.32
CA PRO A 95 13.57 24.73 21.92
C PRO A 95 14.43 25.15 23.11
N GLY A 96 15.62 24.59 23.21
CA GLY A 96 16.48 24.82 24.37
C GLY A 96 16.19 24.05 25.64
N GLU A 97 15.05 23.35 25.74
CA GLU A 97 14.70 22.61 26.98
C GLU A 97 15.39 21.26 27.09
N THR A 98 15.46 20.74 28.33
CA THR A 98 16.03 19.41 28.65
C THR A 98 15.01 18.66 29.49
N ARG A 99 14.91 17.35 29.31
CA ARG A 99 14.10 16.50 30.18
C ARG A 99 14.94 15.33 30.65
N GLU A 100 14.65 14.84 31.86
CA GLU A 100 15.29 13.67 32.45
C GLU A 100 14.20 12.70 32.81
N PHE A 101 14.33 11.44 32.40
CA PHE A 101 13.31 10.42 32.61
C PHE A 101 13.96 9.07 32.87
N SER A 102 13.45 8.29 33.83
CA SER A 102 13.93 6.92 34.09
C SER A 102 12.81 5.89 34.07
N PHE A 103 13.10 4.68 33.62
CA PHE A 103 12.14 3.55 33.66
C PHE A 103 12.92 2.27 33.74
N THR A 104 12.25 1.20 34.16
CA THR A 104 12.82 -0.11 34.22
C THR A 104 12.47 -0.89 32.95
N ALA A 105 13.46 -1.56 32.38
CA ALA A 105 13.23 -2.40 31.19
C ALA A 105 12.72 -3.80 31.56
N ASP A 106 11.40 -3.95 31.67
CA ASP A 106 10.75 -5.18 32.18
C ASP A 106 10.44 -6.21 31.10
N PHE A 107 10.45 -5.78 29.83
CA PHE A 107 10.08 -6.68 28.72
C PHE A 107 11.25 -6.81 27.75
N PRO A 108 11.71 -8.04 27.49
CA PRO A 108 12.80 -8.21 26.53
C PRO A 108 12.34 -8.09 25.08
N GLY A 109 13.27 -7.65 24.22
CA GLY A 109 13.06 -7.64 22.78
C GLY A 109 13.67 -6.43 22.08
N VAL A 110 13.11 -6.09 20.91
CA VAL A 110 13.63 -5.04 20.03
C VAL A 110 12.53 -3.99 19.87
N PHE A 111 12.80 -2.74 20.29
CA PHE A 111 11.79 -1.71 20.41
C PHE A 111 12.16 -0.48 19.60
N MET A 112 11.14 0.17 19.05
CA MET A 112 11.33 1.50 18.39
C MET A 112 11.36 2.64 19.42
N TYR A 113 12.11 3.70 19.12
CA TYR A 113 11.89 5.03 19.72
C TYR A 113 11.78 6.05 18.57
N HIS A 114 11.08 7.14 18.82
CA HIS A 114 10.86 8.18 17.81
C HIS A 114 10.48 9.50 18.44
N CYS A 115 10.47 10.58 17.65
CA CYS A 115 10.03 11.89 18.16
C CYS A 115 8.52 11.85 18.48
N ALA A 116 8.15 12.55 19.55
CA ALA A 116 6.74 12.71 19.96
C ALA A 116 6.54 14.11 20.55
N PRO A 117 6.48 15.15 19.67
CA PRO A 117 6.05 16.45 20.20
C PRO A 117 4.66 16.39 20.84
N GLY A 118 3.78 15.52 20.29
CA GLY A 118 2.38 15.43 20.65
C GLY A 118 1.52 15.59 19.40
N GLY A 119 0.33 15.01 19.44
CA GLY A 119 -0.68 15.17 18.40
C GLY A 119 -0.20 14.89 16.99
N HIS A 120 -0.51 15.81 16.07
CA HIS A 120 -0.12 15.71 14.66
C HIS A 120 1.37 15.51 14.47
N GLY A 121 2.18 16.16 15.32
CA GLY A 121 3.60 16.12 15.14
C GLY A 121 4.31 14.79 15.37
N ILE A 122 3.68 13.90 16.12
CA ILE A 122 4.24 12.55 16.31
C ILE A 122 4.49 11.91 14.92
N MET A 123 3.43 11.91 14.11
CA MET A 123 3.47 11.32 12.78
C MET A 123 4.32 12.17 11.84
N ALA A 124 4.16 13.48 11.89
CA ALA A 124 4.85 14.32 10.94
C ALA A 124 6.39 14.33 11.12
N HIS A 125 6.85 14.42 12.36
CA HIS A 125 8.29 14.38 12.66
C HIS A 125 8.92 13.01 12.45
N THR A 126 8.21 11.94 12.83
CA THR A 126 8.75 10.60 12.63
C THR A 126 9.06 10.31 11.17
N MET A 127 8.19 10.72 10.27
CA MET A 127 8.48 10.51 8.84
C MET A 127 9.61 11.37 8.28
N GLY A 128 10.04 12.39 9.02
CA GLY A 128 11.22 13.19 8.67
C GLY A 128 12.58 12.66 9.10
N GLY A 129 12.61 11.52 9.81
CA GLY A 129 13.87 10.82 10.12
C GLY A 129 14.14 10.55 11.60
N GLN A 130 13.26 11.00 12.49
CA GLN A 130 13.54 10.98 13.91
C GLN A 130 13.08 9.64 14.51
N PHE A 131 13.94 8.64 14.42
CA PHE A 131 13.63 7.29 14.92
C PHE A 131 14.90 6.52 15.18
N GLY A 132 14.78 5.41 15.95
CA GLY A 132 15.92 4.56 16.26
C GLY A 132 15.47 3.30 16.98
N MET A 133 16.45 2.53 17.44
CA MET A 133 16.24 1.21 18.11
C MET A 133 16.78 1.19 19.55
N ILE A 134 16.01 0.59 20.46
CA ILE A 134 16.48 0.17 21.78
C ILE A 134 16.23 -1.33 21.96
N VAL A 135 17.32 -2.07 22.25
CA VAL A 135 17.30 -3.53 22.49
C VAL A 135 17.36 -3.82 24.00
N VAL A 136 16.52 -4.75 24.46
CA VAL A 136 16.48 -5.24 25.85
C VAL A 136 16.76 -6.74 25.78
N GLU A 137 18.01 -7.11 26.08
CA GLU A 137 18.47 -8.48 25.93
C GLU A 137 17.84 -9.36 27.03
N PRO A 138 17.27 -10.53 26.65
CA PRO A 138 16.54 -11.30 27.68
C PRO A 138 17.48 -12.04 28.65
N LYS A 139 16.97 -12.27 29.87
CA LYS A 139 17.63 -13.15 30.86
C LYS A 139 17.57 -14.59 30.38
N GLU A 140 16.40 -15.03 29.92
CA GLU A 140 16.23 -16.32 29.27
C GLU A 140 16.97 -16.31 27.92
N LYS A 141 17.91 -17.25 27.77
CA LYS A 141 18.67 -17.39 26.53
C LYS A 141 17.80 -17.83 25.35
N TYR A 142 18.01 -17.22 24.18
CA TYR A 142 17.38 -17.71 22.93
C TYR A 142 17.83 -19.17 22.63
N ARG A 143 17.00 -19.87 21.87
CA ARG A 143 17.11 -21.32 21.70
C ARG A 143 18.43 -21.79 21.10
N MET A 144 18.88 -21.19 20.00
CA MET A 144 20.16 -21.62 19.40
C MET A 144 21.38 -21.41 20.32
N GLU A 145 21.40 -20.29 21.07
CA GLU A 145 22.45 -20.07 22.09
C GLU A 145 22.40 -21.19 23.14
N ARG A 146 21.22 -21.54 23.61
CA ARG A 146 21.08 -22.67 24.55
C ARG A 146 21.66 -23.95 23.95
N GLU A 147 21.21 -24.29 22.75
CA GLU A 147 21.59 -25.55 22.11
C GLU A 147 23.10 -25.67 21.83
N LEU A 148 23.73 -24.58 21.41
CA LEU A 148 25.17 -24.59 21.08
C LEU A 148 26.12 -24.34 22.28
N GLY A 149 25.57 -23.90 23.41
CA GLY A 149 26.38 -23.58 24.59
C GLY A 149 27.25 -22.34 24.47
N ARG A 150 26.95 -21.45 23.51
CA ARG A 150 27.77 -20.26 23.29
C ARG A 150 26.95 -19.18 22.59
N GLY A 151 27.44 -17.94 22.69
CA GLY A 151 26.79 -16.78 22.09
C GLY A 151 27.07 -16.67 20.59
N PRO A 152 26.45 -15.67 19.92
CA PRO A 152 26.61 -15.53 18.47
C PRO A 152 28.03 -15.24 18.05
N ASP A 153 28.42 -15.74 16.89
CA ASP A 153 29.71 -15.37 16.28
C ASP A 153 29.66 -13.93 15.80
N LEU A 154 28.49 -13.48 15.33
CA LEU A 154 28.33 -12.08 14.98
C LEU A 154 26.86 -11.64 15.21
N LYS A 155 26.66 -10.46 15.80
CA LYS A 155 25.33 -9.84 15.93
C LYS A 155 25.19 -8.76 14.88
N LEU A 156 24.02 -8.69 14.22
CA LEU A 156 23.71 -7.66 13.23
C LEU A 156 22.41 -6.95 13.63
N TYR A 157 22.43 -5.61 13.67
CA TYR A 157 21.29 -4.82 14.13
C TYR A 157 20.90 -3.98 12.91
N ILE A 158 19.67 -4.18 12.44
CA ILE A 158 19.17 -3.61 11.17
C ILE A 158 17.81 -2.90 11.37
N ILE A 159 17.73 -1.63 10.93
CA ILE A 159 16.47 -0.91 10.77
C ILE A 159 16.17 -0.77 9.26
N GLN A 160 14.92 -1.03 8.86
CA GLN A 160 14.39 -0.61 7.58
C GLN A 160 13.56 0.64 7.74
N SER A 161 13.79 1.63 6.88
CA SER A 161 13.02 2.86 6.93
C SER A 161 12.81 3.48 5.55
N GLU A 162 11.87 4.43 5.46
CA GLU A 162 11.46 5.04 4.19
C GLU A 162 11.82 6.53 4.19
N ALA A 163 12.04 7.08 2.99
CA ALA A 163 12.17 8.55 2.79
C ALA A 163 11.14 9.07 1.79
N TYR A 164 10.65 10.31 2.02
CA TYR A 164 9.53 10.89 1.23
C TYR A 164 9.95 12.22 0.55
N ALA A 165 9.55 12.38 -0.72
CA ALA A 165 9.72 13.65 -1.44
C ALA A 165 8.74 14.77 -1.06
N SER A 166 7.58 14.43 -0.50
CA SER A 166 6.55 15.42 -0.12
C SER A 166 5.60 14.84 0.91
N GLY A 167 4.89 15.71 1.63
CA GLY A 167 3.79 15.26 2.51
C GLY A 167 2.61 14.64 1.74
N ARG A 168 2.40 15.05 0.48
CA ARG A 168 1.41 14.40 -0.41
C ARG A 168 1.74 12.90 -0.59
N ASP A 169 3.00 12.65 -0.91
CA ASP A 169 3.48 11.28 -1.08
C ASP A 169 3.41 10.50 0.24
N PHE A 170 3.71 11.14 1.36
CA PHE A 170 3.57 10.48 2.67
C PHE A 170 2.10 9.99 2.90
N TYR A 171 1.12 10.86 2.66
CA TYR A 171 -0.31 10.49 2.75
C TYR A 171 -0.64 9.32 1.82
N ASP A 172 -0.07 9.34 0.62
CA ASP A 172 -0.38 8.35 -0.41
C ASP A 172 0.41 7.00 -0.29
N GLY A 173 1.33 6.89 0.67
CA GLY A 173 2.14 5.69 0.80
C GLY A 173 3.20 5.51 -0.29
N LYS A 174 3.64 6.58 -0.94
CA LYS A 174 4.57 6.56 -2.06
C LYS A 174 5.99 6.97 -1.61
N ALA A 175 6.78 6.00 -1.13
CA ALA A 175 8.15 6.25 -0.66
C ALA A 175 9.11 6.49 -1.85
N LEU A 176 9.97 7.51 -1.78
CA LEU A 176 11.03 7.68 -2.77
C LEU A 176 12.13 6.60 -2.61
N TYR A 177 12.62 6.43 -1.38
CA TYR A 177 13.67 5.43 -1.08
C TYR A 177 13.24 4.62 0.12
N VAL A 178 13.74 3.39 0.15
CA VAL A 178 13.56 2.47 1.27
C VAL A 178 14.92 1.81 1.50
N MET A 179 15.40 1.80 2.74
CA MET A 179 16.82 1.50 3.04
C MET A 179 17.06 0.78 4.38
N PHE A 180 18.17 0.05 4.45
CA PHE A 180 18.68 -0.54 5.70
C PHE A 180 19.75 0.41 6.32
N ASN A 181 19.54 0.81 7.57
CA ASN A 181 20.45 1.69 8.32
C ASN A 181 20.85 2.98 7.57
N GLY A 182 19.84 3.60 6.98
CA GLY A 182 19.95 5.00 6.53
C GLY A 182 20.65 5.33 5.24
N ARG A 183 20.99 4.33 4.41
CA ARG A 183 21.61 4.60 3.09
C ARG A 183 21.26 3.50 2.09
N ASN A 184 20.81 3.91 0.91
CA ASN A 184 20.45 2.97 -0.21
C ASN A 184 21.59 1.99 -0.54
N PHE A 185 21.29 0.70 -0.50
CA PHE A 185 22.25 -0.34 -0.89
C PHE A 185 23.60 -0.22 -0.14
N ARG A 186 23.53 0.27 1.11
CA ARG A 186 24.69 0.42 1.99
C ARG A 186 25.58 -0.84 2.08
N TYR A 187 24.96 -2.01 2.23
CA TYR A 187 25.67 -3.26 2.40
C TYR A 187 25.86 -4.04 1.10
N VAL A 188 25.55 -3.39 -0.03
CA VAL A 188 26.09 -3.80 -1.31
C VAL A 188 27.43 -3.07 -1.53
N ASP A 189 27.44 -1.73 -1.33
CA ASP A 189 28.66 -0.93 -1.44
C ASP A 189 29.76 -1.42 -0.47
N GLU A 190 29.37 -1.82 0.75
CA GLU A 190 30.26 -2.40 1.76
C GLU A 190 29.65 -3.70 2.35
N PRO A 191 29.88 -4.84 1.70
CA PRO A 191 29.36 -6.13 2.18
C PRO A 191 29.86 -6.51 3.55
N ILE A 192 29.01 -7.22 4.30
CA ILE A 192 29.28 -7.58 5.70
C ILE A 192 30.01 -8.92 5.69
N PRO A 193 31.26 -8.98 6.21
CA PRO A 193 31.97 -10.27 6.22
C PRO A 193 31.46 -11.26 7.26
N VAL A 194 31.28 -12.51 6.83
CA VAL A 194 30.90 -13.61 7.70
C VAL A 194 31.67 -14.85 7.26
N ARG A 195 31.64 -15.90 8.08
CA ARG A 195 32.24 -17.18 7.74
C ARG A 195 31.17 -18.30 7.59
N PRO A 196 31.37 -19.24 6.63
CA PRO A 196 30.58 -20.47 6.59
C PRO A 196 30.57 -21.14 7.95
N GLY A 197 29.41 -21.60 8.39
CA GLY A 197 29.21 -22.12 9.74
C GLY A 197 28.95 -21.12 10.89
N ASP A 198 29.09 -19.81 10.68
CA ASP A 198 28.85 -18.81 11.76
C ASP A 198 27.42 -18.87 12.32
N TYR A 199 27.27 -18.80 13.65
CA TYR A 199 25.98 -18.52 14.29
C TYR A 199 25.74 -16.99 14.29
N LEU A 200 24.80 -16.56 13.43
CA LEU A 200 24.37 -15.15 13.37
C LEU A 200 23.09 -14.96 14.18
N ARG A 201 23.03 -13.84 14.90
CA ARG A 201 21.76 -13.35 15.49
C ARG A 201 21.46 -11.96 14.92
N ILE A 202 20.29 -11.83 14.29
CA ILE A 202 19.86 -10.61 13.62
C ILE A 202 18.75 -9.95 14.46
N TYR A 203 18.91 -8.64 14.76
CA TYR A 203 17.93 -7.83 15.49
C TYR A 203 17.34 -6.88 14.44
N PHE A 204 16.10 -7.14 14.03
CA PHE A 204 15.44 -6.42 12.92
C PHE A 204 14.23 -5.59 13.38
N LEU A 205 14.16 -4.31 12.97
CA LEU A 205 13.04 -3.44 13.27
C LEU A 205 12.65 -2.71 11.99
N ASN A 206 11.39 -2.86 11.56
CA ASN A 206 10.83 -2.07 10.47
C ASN A 206 10.19 -0.83 11.07
N VAL A 207 10.78 0.36 10.83
CA VAL A 207 10.16 1.57 11.39
C VAL A 207 9.05 2.10 10.45
N GLY A 208 9.04 1.64 9.20
CA GLY A 208 8.07 2.12 8.26
C GLY A 208 8.49 3.52 7.78
N PRO A 209 7.63 4.52 7.89
CA PRO A 209 6.38 4.50 8.70
C PRO A 209 5.08 3.99 8.03
N ASN A 210 5.10 3.66 6.73
CA ASN A 210 3.92 3.19 6.00
C ASN A 210 3.92 1.74 5.53
N LEU A 211 5.09 1.20 5.14
CA LEU A 211 5.11 -0.01 4.32
C LEU A 211 5.51 -1.25 5.16
N THR A 212 4.95 -2.37 4.77
CA THR A 212 5.28 -3.66 5.40
C THR A 212 6.55 -4.23 4.76
N SER A 213 7.28 -5.09 5.50
CA SER A 213 8.51 -5.73 5.06
C SER A 213 8.41 -7.24 5.20
N THR A 214 9.07 -7.99 4.32
CA THR A 214 9.22 -9.44 4.52
C THR A 214 10.72 -9.81 4.39
N LEU A 215 11.42 -9.82 5.52
CA LEU A 215 12.88 -9.97 5.50
C LEU A 215 13.28 -11.40 5.10
N HIS A 216 14.30 -11.50 4.24
CA HIS A 216 14.71 -12.76 3.59
C HIS A 216 16.23 -12.78 3.37
N VAL A 217 16.85 -13.95 3.52
CA VAL A 217 18.23 -14.18 3.04
C VAL A 217 18.26 -15.18 1.89
N VAL A 218 18.81 -14.76 0.74
CA VAL A 218 18.96 -15.64 -0.46
C VAL A 218 20.01 -16.72 -0.17
N GLY A 219 19.58 -17.98 -0.20
CA GLY A 219 20.41 -19.11 0.24
C GLY A 219 20.25 -19.50 1.70
N GLY A 220 19.30 -18.88 2.41
CA GLY A 220 19.00 -19.29 3.77
C GLY A 220 17.52 -19.51 4.12
N ILE A 221 17.28 -20.43 5.05
CA ILE A 221 16.00 -20.57 5.73
C ILE A 221 16.27 -20.30 7.19
N PHE A 222 15.60 -19.28 7.75
CA PHE A 222 15.82 -18.87 9.13
C PHE A 222 15.41 -20.00 10.09
N GLU A 223 16.29 -20.38 11.00
CA GLU A 223 16.03 -21.55 11.85
C GLU A 223 15.03 -21.25 12.97
N TYR A 224 15.30 -20.24 13.78
CA TYR A 224 14.38 -19.77 14.85
C TYR A 224 14.19 -18.25 14.77
N MET A 225 12.95 -17.80 14.92
CA MET A 225 12.63 -16.35 14.90
C MET A 225 11.71 -16.05 16.11
N TYR A 226 11.81 -14.83 16.64
CA TYR A 226 11.08 -14.41 17.84
C TYR A 226 10.36 -13.09 17.60
N TYR A 227 9.03 -13.14 17.53
CA TYR A 227 8.22 -11.94 17.25
C TYR A 227 8.39 -10.93 18.40
N GLN A 228 8.67 -9.68 18.04
CA GLN A 228 9.01 -8.63 18.99
C GLN A 228 10.39 -8.81 19.68
N GLY A 229 11.11 -9.89 19.34
CA GLY A 229 12.34 -10.24 20.06
C GLY A 229 12.13 -10.95 21.41
N ASN A 230 10.89 -11.30 21.76
CA ASN A 230 10.61 -11.99 23.02
C ASN A 230 10.84 -13.50 22.85
N PRO A 231 11.69 -14.11 23.70
CA PRO A 231 11.96 -15.56 23.53
C PRO A 231 10.74 -16.47 23.51
N LYS A 232 9.62 -16.07 24.12
CA LYS A 232 8.40 -16.90 24.08
C LYS A 232 7.74 -16.99 22.69
N ASN A 233 7.93 -15.98 21.82
CA ASN A 233 7.15 -15.89 20.57
C ASN A 233 7.87 -16.57 19.36
N LEU A 234 8.13 -17.87 19.51
CA LEU A 234 8.94 -18.66 18.58
C LEU A 234 8.21 -19.08 17.32
N VAL A 235 8.86 -18.83 16.18
CA VAL A 235 8.45 -19.30 14.87
C VAL A 235 9.67 -19.98 14.24
N VAL A 236 9.48 -21.15 13.60
CA VAL A 236 10.61 -21.91 13.04
C VAL A 236 10.56 -22.11 11.51
N GLY A 237 11.76 -22.24 10.92
CA GLY A 237 11.92 -22.68 9.54
C GLY A 237 11.28 -21.78 8.46
N ALA A 238 11.62 -20.51 8.52
CA ALA A 238 10.97 -19.47 7.73
C ALA A 238 11.81 -18.85 6.60
N GLN A 239 11.19 -18.68 5.44
CA GLN A 239 11.80 -18.00 4.30
C GLN A 239 11.65 -16.46 4.38
N THR A 240 10.72 -15.99 5.22
CA THR A 240 10.44 -14.57 5.42
C THR A 240 10.07 -14.29 6.90
N ALA A 241 10.36 -13.08 7.33
CA ALA A 241 9.87 -12.52 8.59
C ALA A 241 8.99 -11.31 8.27
N LEU A 242 7.68 -11.47 8.43
CA LEU A 242 6.68 -10.44 8.13
C LEU A 242 6.69 -9.38 9.23
N ALA A 243 6.80 -8.09 8.86
CA ALA A 243 6.84 -7.01 9.85
C ALA A 243 6.19 -5.74 9.29
N GLY A 244 5.09 -5.33 9.92
CA GLY A 244 4.49 -4.04 9.66
C GLY A 244 5.29 -2.93 10.34
N PRO A 245 4.90 -1.67 10.12
CA PRO A 245 5.58 -0.58 10.79
C PRO A 245 5.55 -0.65 12.34
N SER A 246 6.76 -0.58 12.91
CA SER A 246 7.11 -0.73 14.33
C SER A 246 7.08 -2.20 14.79
N ASP A 247 6.89 -3.17 13.88
CA ASP A 247 7.10 -4.60 14.27
C ASP A 247 8.59 -4.90 14.25
N SER A 248 8.99 -5.93 15.01
CA SER A 248 10.38 -6.35 15.08
C SER A 248 10.50 -7.88 15.24
N TRP A 249 11.71 -8.38 15.00
CA TRP A 249 12.08 -9.79 15.16
C TRP A 249 13.51 -9.91 15.69
N VAL A 250 13.78 -10.98 16.43
CA VAL A 250 15.14 -11.51 16.54
C VAL A 250 15.18 -12.84 15.76
N ILE A 251 16.22 -13.01 14.95
CA ILE A 251 16.35 -14.17 14.05
C ILE A 251 17.69 -14.87 14.36
N GLU A 252 17.65 -16.19 14.56
CA GLU A 252 18.85 -17.03 14.71
C GLU A 252 19.03 -17.94 13.48
N TRP A 253 20.22 -17.90 12.88
CA TRP A 253 20.52 -18.64 11.64
C TRP A 253 22.02 -18.95 11.56
N ARG A 254 22.36 -20.20 11.20
CA ARG A 254 23.74 -20.57 10.84
C ARG A 254 24.02 -20.41 9.36
N VAL A 255 25.15 -19.78 9.03
CA VAL A 255 25.56 -19.64 7.64
C VAL A 255 25.87 -21.07 7.13
N PRO A 256 25.25 -21.51 6.02
CA PRO A 256 25.57 -22.85 5.48
C PRO A 256 27.04 -23.02 5.16
N PRO A 257 27.53 -24.29 5.10
CA PRO A 257 28.99 -24.54 4.97
C PRO A 257 29.54 -24.31 3.57
N VAL A 258 29.12 -23.23 2.88
CA VAL A 258 29.52 -22.98 1.50
C VAL A 258 29.82 -21.49 1.34
N GLU A 259 30.95 -21.19 0.68
CA GLU A 259 31.38 -19.80 0.49
C GLU A 259 30.51 -19.10 -0.55
N GLY A 260 30.43 -17.78 -0.42
CA GLY A 260 29.76 -16.91 -1.40
C GLY A 260 28.84 -15.89 -0.75
N ASP A 261 28.10 -15.15 -1.59
CA ASP A 261 27.23 -14.07 -1.12
C ASP A 261 25.85 -14.61 -0.75
N TYR A 262 25.36 -14.24 0.44
CA TYR A 262 24.01 -14.50 0.88
C TYR A 262 23.31 -13.14 1.06
N THR A 263 22.36 -12.85 0.18
CA THR A 263 21.80 -11.47 0.01
C THR A 263 20.65 -11.26 0.98
N LEU A 264 20.73 -10.21 1.78
CA LEU A 264 19.69 -9.80 2.70
C LEU A 264 18.75 -8.85 1.98
N VAL A 265 17.45 -9.15 2.00
CA VAL A 265 16.51 -8.38 1.17
C VAL A 265 15.09 -8.45 1.76
N THR A 266 14.27 -7.43 1.48
CA THR A 266 12.81 -7.52 1.73
C THR A 266 12.14 -8.06 0.46
N HIS A 267 11.25 -9.03 0.61
CA HIS A 267 10.54 -9.63 -0.56
C HIS A 267 9.36 -8.76 -1.07
N VAL A 268 9.14 -7.60 -0.44
CA VAL A 268 8.27 -6.56 -0.99
C VAL A 268 9.16 -5.86 -2.06
N PHE A 269 9.12 -6.39 -3.27
CA PHE A 269 10.16 -6.08 -4.26
C PHE A 269 10.09 -4.67 -4.83
N GLY A 270 8.93 -4.05 -4.71
CA GLY A 270 8.81 -2.61 -5.04
C GLY A 270 9.48 -1.69 -4.03
N THR A 271 9.87 -2.22 -2.87
CA THR A 271 10.74 -1.51 -1.92
C THR A 271 12.21 -1.97 -1.96
N ALA A 272 12.48 -3.24 -2.26
CA ALA A 272 13.86 -3.73 -2.44
C ALA A 272 14.58 -2.95 -3.55
N ILE A 273 13.82 -2.65 -4.60
CA ILE A 273 14.32 -1.96 -5.79
C ILE A 273 14.66 -0.49 -5.53
N LYS A 274 14.14 0.07 -4.42
CA LYS A 274 14.38 1.45 -4.00
C LYS A 274 15.50 1.60 -2.96
N GLY A 275 16.23 0.51 -2.63
CA GLY A 275 17.42 0.58 -1.76
C GLY A 275 17.59 -0.45 -0.64
N ALA A 276 16.59 -1.30 -0.46
CA ALA A 276 16.56 -2.26 0.68
C ALA A 276 17.06 -3.65 0.31
N LEU A 277 18.36 -3.71 0.07
CA LEU A 277 19.05 -4.93 -0.29
C LEU A 277 20.52 -4.80 0.17
N GLY A 278 21.08 -5.85 0.76
CA GLY A 278 22.49 -5.86 1.23
C GLY A 278 23.11 -7.23 1.04
N ILE A 279 24.42 -7.35 1.33
CA ILE A 279 25.17 -8.62 1.14
C ILE A 279 25.89 -9.08 2.42
N LEU A 280 25.70 -10.35 2.77
CA LEU A 280 26.55 -11.07 3.72
C LEU A 280 27.55 -11.89 2.89
N ARG A 281 28.83 -11.51 2.91
CA ARG A 281 29.86 -12.14 2.07
C ARG A 281 30.61 -13.17 2.90
N ALA A 282 30.31 -14.44 2.61
CA ALA A 282 30.86 -15.58 3.35
C ALA A 282 32.20 -16.09 2.79
N LYS A 283 33.25 -16.01 3.62
CA LYS A 283 34.58 -16.52 3.29
C LYS A 283 35.18 -17.25 4.49
N LYS A 284 35.82 -18.40 4.25
CA LYS A 284 36.45 -19.18 5.32
C LYS A 284 37.44 -18.37 6.16
N ASP A 285 38.15 -17.43 5.56
CA ASP A 285 39.16 -16.65 6.31
C ASP A 285 38.67 -15.23 6.70
N ALA A 286 37.35 -15.01 6.80
CA ALA A 286 36.82 -13.67 7.07
C ALA A 286 37.23 -13.21 8.48
N PRO A 287 37.71 -11.96 8.60
CA PRO A 287 37.98 -11.41 9.93
C PRO A 287 36.71 -11.15 10.68
N ARG A 288 36.81 -11.15 12.00
CA ARG A 288 35.70 -10.83 12.86
C ARG A 288 35.56 -9.33 13.04
N ILE A 289 34.67 -8.73 12.27
CA ILE A 289 34.46 -7.28 12.33
C ILE A 289 33.64 -6.88 13.55
N PRO A 290 33.65 -5.59 13.88
CA PRO A 290 32.74 -5.11 14.93
C PRO A 290 31.26 -5.28 14.54
N GLU A 291 30.39 -5.47 15.53
CA GLU A 291 28.95 -5.62 15.31
C GLU A 291 28.40 -4.47 14.46
N VAL A 292 27.47 -4.82 13.58
CA VAL A 292 26.78 -3.86 12.73
C VAL A 292 25.70 -3.19 13.57
N ARG A 293 25.86 -1.89 13.84
CA ARG A 293 24.94 -1.11 14.65
C ARG A 293 23.81 -0.49 13.77
N ALA A 294 22.62 -0.34 14.33
CA ALA A 294 21.43 0.11 13.56
C ALA A 294 21.41 1.64 13.57
N GLU A 295 22.41 2.26 12.94
CA GLU A 295 22.66 3.71 13.00
C GLU A 295 23.02 4.22 11.62
N GLY A 296 22.49 5.39 11.27
CA GLY A 296 22.83 5.99 10.00
C GLY A 296 24.24 6.58 9.99
N VAL A 297 24.62 7.12 8.84
CA VAL A 297 25.92 7.79 8.63
C VAL A 297 25.76 9.24 9.13
N PRO A 298 26.74 9.77 9.90
CA PRO A 298 26.54 11.15 10.34
C PRO A 298 26.25 12.12 9.21
N GLY A 299 25.43 13.12 9.49
CA GLY A 299 24.98 14.08 8.49
C GLY A 299 26.00 15.14 8.13
N VAL A 300 25.60 16.06 7.26
CA VAL A 300 26.48 17.09 6.75
C VAL A 300 25.94 18.46 7.13
N LYS A 301 26.79 19.50 7.08
CA LYS A 301 26.33 20.87 7.36
C LYS A 301 25.89 21.64 6.14
N GLU A 302 26.48 21.32 4.99
CA GLU A 302 26.11 21.93 3.73
C GLU A 302 26.07 20.90 2.62
N ILE A 303 25.33 21.23 1.58
CA ILE A 303 25.19 20.39 0.41
C ILE A 303 26.27 20.80 -0.60
N PRO A 304 27.09 19.86 -1.08
CA PRO A 304 28.14 20.25 -2.04
C PRO A 304 27.61 20.65 -3.41
N ALA A 305 28.44 21.37 -4.16
CA ALA A 305 28.11 21.79 -5.51
C ALA A 305 27.81 20.60 -6.44
N SER A 306 28.55 19.50 -6.24
CA SER A 306 28.37 18.22 -6.93
C SER A 306 26.98 17.53 -6.86
N ALA A 307 26.17 17.83 -5.84
CA ALA A 307 24.92 17.06 -5.58
C ALA A 307 24.02 16.94 -6.79
N LYS A 308 23.45 15.76 -6.98
CA LYS A 308 22.51 15.59 -8.07
C LYS A 308 21.03 15.72 -7.68
N ARG A 309 20.72 15.57 -6.41
CA ARG A 309 19.34 15.69 -5.91
C ARG A 309 19.33 16.13 -4.44
N VAL A 310 18.44 17.05 -4.08
CA VAL A 310 18.13 17.37 -2.69
C VAL A 310 16.63 17.14 -2.46
N VAL A 311 16.33 16.24 -1.52
CA VAL A 311 14.98 15.79 -1.20
C VAL A 311 14.61 16.50 0.10
N ASP A 312 13.39 17.05 0.18
CA ASP A 312 12.87 17.72 1.38
C ASP A 312 11.37 17.56 1.43
N PRO A 313 10.86 16.70 2.31
CA PRO A 313 9.40 16.50 2.31
C PRO A 313 8.62 17.73 2.66
N TYR A 314 9.17 18.59 3.52
CA TYR A 314 8.45 19.76 4.00
C TYR A 314 8.61 21.04 3.17
N GLY A 315 9.68 21.14 2.40
CA GLY A 315 10.15 22.41 1.85
C GLY A 315 10.55 22.35 0.39
N LEU A 316 11.42 23.26 -0.03
CA LEU A 316 11.85 23.26 -1.44
C LEU A 316 12.91 22.18 -1.75
N ALA A 317 12.74 21.50 -2.86
CA ALA A 317 13.65 20.45 -3.30
C ALA A 317 14.42 20.84 -4.58
N SER A 318 15.50 20.10 -4.89
CA SER A 318 16.33 20.36 -6.11
C SER A 318 16.56 19.08 -6.92
N PRO A 319 16.50 19.15 -8.25
CA PRO A 319 16.28 20.41 -9.00
C PRO A 319 14.84 20.86 -8.90
N GLY A 320 14.62 22.18 -8.87
CA GLY A 320 13.28 22.75 -8.67
C GLY A 320 12.25 22.41 -9.75
N HIS A 321 12.69 22.23 -10.98
CA HIS A 321 11.79 22.04 -12.10
C HIS A 321 11.00 20.73 -12.01
N GLU A 322 11.56 19.71 -11.36
CA GLU A 322 10.84 18.43 -11.17
C GLU A 322 9.69 18.53 -10.14
N HIS A 323 9.57 19.65 -9.43
CA HIS A 323 8.46 19.89 -8.47
C HIS A 323 7.52 21.03 -8.90
N THR A 324 7.66 21.47 -10.16
CA THR A 324 7.00 22.68 -10.65
C THR A 324 5.83 22.30 -11.56
N VAL A 325 4.68 22.92 -11.30
CA VAL A 325 3.50 22.84 -12.13
C VAL A 325 3.31 24.22 -12.79
N ARG A 326 3.27 24.25 -14.12
CA ARG A 326 3.00 25.49 -14.89
C ARG A 326 1.65 25.29 -15.57
N VAL A 327 0.73 26.21 -15.30
CA VAL A 327 -0.65 26.11 -15.74
C VAL A 327 -0.82 27.11 -16.91
N PRO A 328 -1.52 26.72 -18.00
CA PRO A 328 -1.90 27.71 -19.03
C PRO A 328 -3.11 28.54 -18.60
N LEU A 329 -3.47 29.55 -19.40
CA LEU A 329 -4.66 30.38 -19.10
C LEU A 329 -5.93 29.51 -19.16
N ASP A 330 -6.81 29.58 -18.15
CA ASP A 330 -8.12 28.87 -18.19
C ASP A 330 -8.87 29.27 -19.49
N PRO A 331 -9.47 28.29 -20.22
CA PRO A 331 -10.29 28.60 -21.41
C PRO A 331 -11.38 29.66 -21.16
N ALA A 332 -11.91 29.71 -19.94
CA ALA A 332 -12.92 30.70 -19.53
C ALA A 332 -12.39 32.12 -19.37
N LEU A 333 -11.09 32.24 -19.06
CA LEU A 333 -10.39 33.54 -19.06
C LEU A 333 -9.88 33.94 -20.44
N ALA A 334 -9.47 32.96 -21.25
CA ALA A 334 -9.00 33.23 -22.61
C ALA A 334 -10.06 34.02 -23.41
N GLN A 335 -11.28 33.49 -23.43
CA GLN A 335 -12.43 34.17 -24.06
C GLN A 335 -13.72 33.79 -23.33
N PRO A 336 -14.80 34.59 -23.50
CA PRO A 336 -16.07 34.18 -22.89
C PRO A 336 -16.65 32.88 -23.48
N VAL A 337 -16.87 31.87 -22.63
CA VAL A 337 -17.45 30.59 -23.07
C VAL A 337 -18.66 30.25 -22.20
N ALA A 338 -19.54 29.35 -22.67
CA ALA A 338 -20.74 28.97 -21.92
C ALA A 338 -21.21 27.58 -22.26
N VAL A 339 -22.03 27.01 -21.37
CA VAL A 339 -22.57 25.65 -21.55
C VAL A 339 -24.09 25.63 -21.80
N GLY A 340 -24.63 26.73 -22.31
CA GLY A 340 -26.07 26.86 -22.58
C GLY A 340 -26.71 28.14 -22.08
N ALA A 341 -26.06 28.83 -21.14
CA ALA A 341 -26.64 30.04 -20.54
C ALA A 341 -25.56 31.15 -20.43
N LYS A 342 -25.25 31.65 -19.22
CA LYS A 342 -24.24 32.71 -19.06
C LYS A 342 -22.80 32.18 -19.08
N ALA A 343 -21.84 33.11 -19.15
CA ALA A 343 -20.42 32.78 -19.23
C ALA A 343 -19.93 31.94 -18.03
N LEU A 344 -19.09 30.93 -18.31
CA LEU A 344 -18.42 30.15 -17.26
C LEU A 344 -17.36 30.99 -16.54
N GLU A 345 -17.29 30.80 -15.22
CA GLU A 345 -16.19 31.29 -14.40
C GLU A 345 -14.99 30.36 -14.55
N PRO A 346 -13.75 30.88 -14.38
CA PRO A 346 -12.60 29.98 -14.34
C PRO A 346 -12.62 29.07 -13.08
N LEU A 347 -12.03 27.88 -13.18
CA LEU A 347 -11.82 27.03 -12.00
C LEU A 347 -10.59 27.51 -11.21
N PRO A 348 -10.69 27.56 -9.87
CA PRO A 348 -9.47 27.89 -9.10
C PRO A 348 -8.38 26.79 -9.25
N VAL A 349 -7.12 27.18 -9.03
CA VAL A 349 -5.96 26.30 -9.04
C VAL A 349 -5.63 25.99 -7.56
N THR A 350 -5.69 24.71 -7.20
CA THR A 350 -5.49 24.28 -5.80
C THR A 350 -4.01 24.17 -5.37
N VAL A 351 -3.70 24.72 -4.21
CA VAL A 351 -2.50 24.35 -3.45
C VAL A 351 -2.97 23.73 -2.12
N GLN A 352 -2.57 22.46 -1.92
CA GLN A 352 -2.86 21.72 -0.67
C GLN A 352 -1.79 21.95 0.40
N MET A 353 -2.25 22.10 1.64
CA MET A 353 -1.40 21.90 2.80
C MET A 353 -1.61 20.46 3.20
N VAL A 354 -0.55 19.64 3.18
CA VAL A 354 -0.70 18.20 3.44
C VAL A 354 0.63 17.62 3.93
N GLY A 355 0.57 16.86 5.04
CA GLY A 355 1.80 16.33 5.66
C GLY A 355 2.86 17.38 5.98
N ASN A 356 2.44 18.50 6.56
CA ASN A 356 3.34 19.63 6.87
C ASN A 356 4.18 20.08 5.63
N SER A 357 3.49 20.21 4.50
CA SER A 357 4.09 20.64 3.24
C SER A 357 3.07 21.29 2.32
N PHE A 358 3.54 22.02 1.30
CA PHE A 358 2.66 22.59 0.28
C PHE A 358 2.78 21.83 -1.03
N TYR A 359 1.64 21.49 -1.65
CA TYR A 359 1.63 20.69 -2.87
C TYR A 359 0.73 21.32 -3.94
N PRO A 360 1.24 21.64 -5.14
CA PRO A 360 2.65 21.53 -5.52
C PRO A 360 3.57 22.51 -4.77
N LYS A 361 4.84 22.13 -4.63
CA LYS A 361 5.86 22.97 -3.99
C LYS A 361 6.09 24.29 -4.76
N VAL A 362 6.06 24.22 -6.09
CA VAL A 362 6.23 25.42 -6.96
C VAL A 362 5.09 25.46 -7.99
N LEU A 363 4.38 26.58 -8.04
CA LEU A 363 3.23 26.78 -8.93
C LEU A 363 3.47 28.04 -9.81
N GLU A 364 3.26 27.92 -11.11
CA GLU A 364 3.47 29.03 -12.06
C GLU A 364 2.18 29.24 -12.85
N ILE A 365 1.60 30.43 -12.72
CA ILE A 365 0.24 30.71 -13.19
C ILE A 365 0.19 32.03 -13.98
N PRO A 366 -0.74 32.14 -14.96
CA PRO A 366 -0.87 33.41 -15.69
C PRO A 366 -1.68 34.45 -14.90
N VAL A 367 -1.35 35.71 -15.14
CA VAL A 367 -2.11 36.83 -14.55
C VAL A 367 -3.60 36.62 -14.76
N GLY A 368 -4.40 36.96 -13.74
CA GLY A 368 -5.84 36.74 -13.75
C GLY A 368 -6.32 35.46 -13.07
N THR A 369 -5.38 34.58 -12.69
CA THR A 369 -5.72 33.28 -12.09
C THR A 369 -6.00 33.41 -10.58
N THR A 370 -6.99 32.67 -10.10
CA THR A 370 -7.28 32.56 -8.67
C THR A 370 -6.70 31.26 -8.11
N VAL A 371 -5.97 31.38 -6.99
CA VAL A 371 -5.47 30.23 -6.25
C VAL A 371 -6.34 29.95 -5.04
N GLU A 372 -6.65 28.66 -4.79
CA GLU A 372 -7.32 28.25 -3.54
C GLU A 372 -6.42 27.34 -2.69
N PHE A 373 -6.01 27.82 -1.53
CA PHE A 373 -5.33 27.01 -0.51
C PHE A 373 -6.40 26.20 0.20
N VAL A 374 -6.12 24.92 0.44
CA VAL A 374 -7.01 24.06 1.20
C VAL A 374 -6.14 23.22 2.17
N ASN A 375 -6.53 23.16 3.43
CA ASN A 375 -5.83 22.33 4.42
C ASN A 375 -6.35 20.88 4.44
N GLU A 376 -5.56 19.97 3.88
CA GLU A 376 -5.88 18.53 3.90
C GLU A 376 -5.36 17.80 5.16
N ASP A 377 -4.50 18.42 5.97
CA ASP A 377 -4.17 17.78 7.29
C ASP A 377 -5.46 17.77 8.13
N VAL A 378 -5.63 16.72 8.92
CA VAL A 378 -6.88 16.38 9.57
C VAL A 378 -6.92 16.79 11.07
N PHE A 379 -5.82 16.60 11.79
CA PHE A 379 -5.74 16.91 13.21
C PHE A 379 -5.53 18.41 13.38
N ASP A 380 -6.56 19.14 13.80
CA ASP A 380 -6.48 20.61 13.87
C ASP A 380 -6.64 21.22 15.27
N LEU A 381 -6.55 20.38 16.29
CA LEU A 381 -6.47 20.79 17.71
C LEU A 381 -5.04 21.13 18.16
N LEU A 382 -4.91 21.61 19.39
CA LEU A 382 -3.60 21.94 20.02
C LEU A 382 -2.92 23.13 19.31
N GLU A 383 -1.60 23.25 19.39
CA GLU A 383 -0.87 24.39 18.79
C GLU A 383 0.54 23.99 18.38
N GLY A 384 1.18 24.83 17.58
CA GLY A 384 2.59 24.65 17.20
C GLY A 384 2.83 23.31 16.51
N GLU A 385 3.90 22.61 16.93
CA GLU A 385 4.22 21.30 16.33
C GLU A 385 3.23 20.20 16.69
N ARG A 386 2.34 20.44 17.67
CA ARG A 386 1.29 19.48 17.98
C ARG A 386 0.04 19.58 17.10
N THR A 387 -0.11 20.66 16.31
CA THR A 387 -1.30 20.84 15.47
C THR A 387 -0.99 20.65 13.99
N GLY A 388 -2.02 20.28 13.23
CA GLY A 388 -2.02 20.23 11.77
C GLY A 388 -2.76 21.40 11.11
N ARG A 389 -3.13 22.41 11.90
CA ARG A 389 -3.52 23.74 11.34
C ARG A 389 -2.32 24.41 10.63
N HIS A 390 -2.60 25.19 9.56
CA HIS A 390 -1.56 25.86 8.76
C HIS A 390 -2.06 27.18 8.18
N ASP A 391 -1.10 28.05 7.89
CA ASP A 391 -1.33 29.25 7.06
C ASP A 391 -0.28 29.31 5.97
N ALA A 392 -0.36 30.35 5.14
CA ALA A 392 0.62 30.60 4.13
C ALA A 392 0.87 32.12 4.10
N VAL A 393 2.13 32.52 4.33
CA VAL A 393 2.55 33.93 4.49
C VAL A 393 3.83 34.24 3.69
N VAL A 394 3.78 35.30 2.85
CA VAL A 394 4.94 35.65 2.02
C VAL A 394 6.07 36.26 2.90
N ILE A 395 7.30 35.80 2.67
CA ILE A 395 8.51 36.34 3.29
C ILE A 395 9.40 36.96 2.19
N ASP A 396 10.32 37.84 2.61
CA ASP A 396 11.26 38.49 1.66
C ASP A 396 10.55 39.00 0.38
N VAL A 397 9.57 39.89 0.59
CA VAL A 397 8.61 40.30 -0.44
C VAL A 397 9.31 40.98 -1.64
N GLN A 398 9.03 40.50 -2.85
CA GLN A 398 9.56 41.04 -4.11
C GLN A 398 8.54 40.94 -5.27
N GLY A 399 7.27 41.15 -4.95
CA GLY A 399 6.21 41.20 -5.95
C GLY A 399 5.17 42.15 -5.43
N PRO A 400 4.33 42.70 -6.32
CA PRO A 400 3.37 43.73 -5.88
C PRO A 400 2.17 43.28 -5.03
N GLU A 401 1.84 41.98 -5.01
CA GLU A 401 0.64 41.47 -4.32
C GLU A 401 0.94 40.35 -3.29
N PRO A 402 1.66 40.68 -2.19
CA PRO A 402 1.96 39.66 -1.17
C PRO A 402 0.73 39.31 -0.36
N PHE A 403 0.69 38.08 0.18
CA PHE A 403 -0.48 37.54 0.84
C PHE A 403 -0.16 37.00 2.25
N VAL A 404 -1.19 36.94 3.08
CA VAL A 404 -1.18 36.33 4.41
C VAL A 404 -2.54 35.64 4.56
N THR A 405 -2.59 34.32 4.59
CA THR A 405 -3.86 33.61 4.76
C THR A 405 -4.18 33.52 6.25
N PRO A 406 -5.46 33.34 6.61
CA PRO A 406 -5.74 32.94 7.97
C PRO A 406 -5.21 31.54 8.23
N LYS A 407 -5.21 31.16 9.50
CA LYS A 407 -4.85 29.80 9.90
C LYS A 407 -6.05 28.87 9.68
N LEU A 408 -5.88 27.93 8.76
CA LEU A 408 -6.93 27.05 8.30
C LEU A 408 -6.94 25.75 9.10
N GLY A 409 -8.13 25.39 9.62
CA GLY A 409 -8.41 24.01 10.11
C GLY A 409 -8.70 23.03 8.96
N HIS A 410 -9.01 21.80 9.31
CA HIS A 410 -9.21 20.76 8.29
C HIS A 410 -10.34 21.10 7.32
N GLY A 411 -10.07 21.01 6.02
CA GLY A 411 -11.09 21.24 5.01
C GLY A 411 -11.47 22.71 4.81
N GLU A 412 -10.79 23.61 5.53
CA GLU A 412 -10.98 25.06 5.36
C GLU A 412 -10.15 25.59 4.21
N ARG A 413 -10.61 26.70 3.62
CA ARG A 413 -10.12 27.17 2.31
C ARG A 413 -9.87 28.68 2.30
N TYR A 414 -8.99 29.14 1.40
CA TYR A 414 -8.78 30.57 1.20
C TYR A 414 -8.34 30.90 -0.23
N ARG A 415 -8.99 31.91 -0.84
CA ARG A 415 -8.75 32.29 -2.26
C ARG A 415 -7.98 33.60 -2.40
N ILE A 416 -7.10 33.64 -3.40
CA ILE A 416 -6.32 34.82 -3.74
C ILE A 416 -6.30 34.92 -5.26
N THR A 417 -6.70 36.08 -5.80
CA THR A 417 -6.65 36.34 -7.26
C THR A 417 -5.44 37.22 -7.55
N PHE A 418 -4.58 36.78 -8.47
CA PHE A 418 -3.34 37.48 -8.79
C PHE A 418 -3.55 38.23 -10.11
N THR A 419 -3.31 39.54 -10.12
CA THR A 419 -3.53 40.39 -11.31
C THR A 419 -2.26 40.95 -11.98
N LYS A 420 -1.12 40.90 -11.28
CA LYS A 420 0.15 41.45 -11.82
C LYS A 420 1.30 40.44 -11.70
N PRO A 421 2.35 40.57 -12.55
CA PRO A 421 3.40 39.55 -12.52
C PRO A 421 4.27 39.69 -11.26
N GLY A 422 4.86 38.58 -10.81
CA GLY A 422 5.74 38.60 -9.64
C GLY A 422 6.04 37.21 -9.09
N GLU A 423 7.02 37.15 -8.20
CA GLU A 423 7.43 35.89 -7.54
C GLU A 423 7.22 36.02 -6.04
N TYR A 424 6.69 34.96 -5.41
CA TYR A 424 6.43 34.93 -3.97
C TYR A 424 6.90 33.59 -3.37
N VAL A 425 7.88 33.70 -2.48
CA VAL A 425 8.29 32.60 -1.63
C VAL A 425 7.49 32.76 -0.34
N TYR A 426 6.89 31.67 0.14
CA TYR A 426 6.02 31.73 1.32
C TYR A 426 6.26 30.55 2.28
N ILE A 427 5.90 30.76 3.54
CA ILE A 427 6.03 29.73 4.60
C ILE A 427 4.75 29.61 5.40
N CYS A 428 4.68 28.60 6.26
CA CYS A 428 3.70 28.52 7.33
C CYS A 428 4.27 29.15 8.60
N SER A 429 3.54 30.09 9.21
CA SER A 429 4.00 30.76 10.45
C SER A 429 4.02 29.83 11.66
N ILE A 430 3.18 28.79 11.63
CA ILE A 430 3.10 27.81 12.72
C ILE A 430 4.26 26.81 12.64
N HIS A 431 4.56 26.32 11.43
CA HIS A 431 5.66 25.39 11.15
C HIS A 431 6.64 26.01 10.13
N PRO A 432 7.61 26.82 10.61
CA PRO A 432 8.38 27.68 9.66
C PRO A 432 9.33 27.01 8.67
N TYR A 433 9.60 25.73 8.87
CA TYR A 433 10.29 24.89 7.86
C TYR A 433 9.44 24.48 6.63
N MET A 434 8.12 24.67 6.68
CA MET A 434 7.26 24.48 5.49
C MET A 434 7.49 25.66 4.56
N LYS A 435 7.73 25.38 3.28
CA LYS A 435 8.00 26.43 2.28
C LYS A 435 7.49 26.10 0.90
N GLY A 436 6.99 27.12 0.19
CA GLY A 436 6.56 26.97 -1.19
C GLY A 436 6.76 28.27 -1.99
N ILE A 437 6.50 28.18 -3.28
CA ILE A 437 6.66 29.31 -4.25
C ILE A 437 5.44 29.40 -5.17
N ILE A 438 4.98 30.63 -5.39
CA ILE A 438 4.05 30.95 -6.49
C ILE A 438 4.70 32.03 -7.36
N ARG A 439 4.73 31.78 -8.66
CA ARG A 439 5.15 32.78 -9.64
C ARG A 439 3.98 33.09 -10.59
N VAL A 440 3.80 34.38 -10.88
CA VAL A 440 2.73 34.83 -11.78
C VAL A 440 3.37 35.44 -13.04
N TYR A 441 2.97 34.96 -14.22
CA TYR A 441 3.58 35.39 -15.50
C TYR A 441 2.60 36.18 -16.38
N GLU A 442 3.18 36.98 -17.26
CA GLU A 442 2.45 37.91 -18.13
C GLU A 442 3.21 38.02 -19.45
N PRO A 443 2.48 38.01 -20.60
CA PRO A 443 3.15 38.29 -21.88
C PRO A 443 3.91 39.62 -21.90
N LEU A 444 5.13 39.61 -22.45
CA LEU A 444 5.87 40.85 -22.70
C LEU A 444 5.27 41.59 -23.88
N ALA B 20 14.44 -40.02 -1.76
CA ALA B 20 14.65 -40.18 -3.23
C ALA B 20 15.41 -39.00 -3.85
N GLU B 21 15.75 -39.15 -5.13
CA GLU B 21 16.32 -38.09 -5.94
C GLU B 21 15.23 -37.69 -6.89
N ARG B 22 14.97 -36.39 -6.96
CA ARG B 22 13.90 -35.82 -7.77
C ARG B 22 14.53 -34.80 -8.69
N HIS B 23 14.15 -34.82 -9.94
CA HIS B 23 14.73 -33.92 -10.93
C HIS B 23 13.67 -33.09 -11.62
N PHE B 24 13.98 -31.79 -11.78
CA PHE B 24 13.10 -30.85 -12.45
C PHE B 24 13.89 -30.00 -13.42
N THR B 25 13.26 -29.67 -14.55
CA THR B 25 13.84 -28.76 -15.54
C THR B 25 13.00 -27.47 -15.64
N LEU B 26 13.66 -26.32 -15.50
CA LEU B 26 13.03 -25.03 -15.70
C LEU B 26 13.69 -24.32 -16.87
N GLU B 27 12.88 -23.75 -17.76
CA GLU B 27 13.33 -23.08 -18.97
C GLU B 27 12.90 -21.62 -18.99
N ALA B 28 13.86 -20.70 -18.82
CA ALA B 28 13.57 -19.27 -18.87
C ALA B 28 13.28 -18.79 -20.29
N ARG B 29 12.17 -18.04 -20.45
CA ARG B 29 11.64 -17.64 -21.76
C ARG B 29 10.95 -16.29 -21.70
N SER B 30 10.85 -15.63 -22.83
CA SER B 30 9.94 -14.49 -23.01
C SER B 30 8.58 -15.03 -23.45
N SER B 31 7.47 -14.58 -22.84
CA SER B 31 6.13 -15.17 -23.05
C SER B 31 4.96 -14.16 -23.13
N ILE B 32 3.80 -14.65 -23.56
CA ILE B 32 2.51 -13.91 -23.57
C ILE B 32 1.46 -14.75 -22.82
N PHE B 33 0.88 -14.18 -21.75
CA PHE B 33 -0.10 -14.89 -20.90
C PHE B 33 -1.52 -14.35 -21.15
N GLU B 34 -2.51 -15.23 -21.27
CA GLU B 34 -3.93 -14.83 -21.38
C GLU B 34 -4.51 -14.73 -19.97
N VAL B 35 -4.55 -13.51 -19.41
CA VAL B 35 -4.94 -13.29 -18.01
C VAL B 35 -6.44 -13.03 -17.81
N ASP B 36 -7.16 -12.73 -18.89
CA ASP B 36 -8.62 -12.55 -18.87
C ASP B 36 -9.13 -12.81 -20.30
N GLN B 37 -10.45 -12.91 -20.49
CA GLN B 37 -10.97 -13.03 -21.85
C GLN B 37 -10.60 -11.76 -22.59
N GLY B 38 -9.91 -11.88 -23.73
CA GLY B 38 -9.44 -10.74 -24.51
C GLY B 38 -8.29 -9.90 -23.93
N VAL B 39 -7.65 -10.35 -22.86
CA VAL B 39 -6.60 -9.56 -22.18
C VAL B 39 -5.31 -10.36 -22.08
N TYR B 40 -4.26 -9.82 -22.72
CA TYR B 40 -2.96 -10.49 -22.82
C TYR B 40 -1.86 -9.71 -22.07
N LEU B 41 -0.95 -10.45 -21.40
CA LEU B 41 0.16 -9.87 -20.64
C LEU B 41 1.49 -10.31 -21.19
N ARG B 42 2.32 -9.36 -21.63
CA ARG B 42 3.70 -9.65 -22.08
C ARG B 42 4.64 -9.68 -20.89
N GLY B 43 5.49 -10.70 -20.82
CA GLY B 43 6.51 -10.80 -19.76
C GLY B 43 7.51 -11.91 -19.92
N PHE B 44 7.99 -12.41 -18.77
CA PHE B 44 8.98 -13.48 -18.74
C PHE B 44 8.39 -14.65 -17.95
N SER B 45 8.75 -15.87 -18.37
CA SER B 45 8.27 -17.07 -17.69
C SER B 45 9.36 -18.11 -17.45
N PHE B 46 9.00 -19.10 -16.62
CA PHE B 46 9.57 -20.43 -16.68
C PHE B 46 8.57 -21.35 -17.41
N ASN B 47 8.99 -21.92 -18.55
CA ASN B 47 8.22 -22.93 -19.28
C ASN B 47 6.89 -22.46 -19.87
N ASP B 48 6.81 -21.18 -20.25
CA ASP B 48 5.68 -20.60 -20.95
C ASP B 48 4.34 -20.63 -20.17
N MET B 49 4.42 -20.40 -18.86
N MET B 49 4.41 -20.45 -18.86
CA MET B 49 3.27 -20.40 -17.95
CA MET B 49 3.23 -20.36 -17.98
C MET B 49 3.63 -19.49 -16.76
C MET B 49 3.62 -19.50 -16.76
N SER B 50 2.66 -18.73 -16.24
CA SER B 50 2.88 -17.88 -15.04
C SER B 50 1.64 -17.96 -14.13
N PRO B 51 1.74 -18.52 -12.92
CA PRO B 51 2.98 -19.10 -12.36
C PRO B 51 3.56 -20.33 -13.10
N GLY B 52 4.84 -20.58 -12.85
CA GLY B 52 5.59 -21.61 -13.54
C GLY B 52 5.24 -22.99 -12.99
N PRO B 53 5.91 -24.03 -13.49
CA PRO B 53 5.64 -25.42 -13.00
C PRO B 53 5.71 -25.53 -11.49
N MET B 54 4.80 -26.32 -10.91
CA MET B 54 4.80 -26.57 -9.48
C MET B 54 5.65 -27.80 -9.23
N LEU B 55 6.55 -27.71 -8.25
CA LEU B 55 7.45 -28.79 -7.85
C LEU B 55 7.05 -29.32 -6.49
N VAL B 56 6.97 -30.65 -6.34
CA VAL B 56 6.56 -31.24 -5.05
C VAL B 56 7.52 -32.36 -4.70
N VAL B 57 8.09 -32.28 -3.50
CA VAL B 57 9.02 -33.27 -2.95
C VAL B 57 8.69 -33.57 -1.51
N GLU B 58 9.40 -34.56 -0.94
CA GLU B 58 9.29 -34.92 0.46
C GLU B 58 10.50 -34.38 1.25
N GLU B 59 10.28 -34.03 2.51
CA GLU B 59 11.35 -33.64 3.43
C GLU B 59 12.49 -34.66 3.45
N GLY B 60 13.74 -34.19 3.31
CA GLY B 60 14.93 -35.03 3.23
C GLY B 60 15.30 -35.50 1.82
N ASP B 61 14.46 -35.23 0.79
CA ASP B 61 14.81 -35.60 -0.59
C ASP B 61 16.00 -34.77 -1.11
N THR B 62 16.75 -35.36 -2.04
CA THR B 62 17.72 -34.63 -2.86
C THR B 62 17.01 -34.09 -4.08
N VAL B 63 17.22 -32.80 -4.35
CA VAL B 63 16.51 -32.12 -5.42
C VAL B 63 17.54 -31.67 -6.47
N HIS B 64 17.36 -32.12 -7.71
CA HIS B 64 18.24 -31.79 -8.81
C HIS B 64 17.50 -30.82 -9.72
N ILE B 65 18.10 -29.67 -9.98
CA ILE B 65 17.53 -28.65 -10.86
C ILE B 65 18.40 -28.49 -12.11
N THR B 66 17.78 -28.58 -13.28
CA THR B 66 18.41 -28.16 -14.53
C THR B 66 17.73 -26.89 -14.96
N LEU B 67 18.49 -25.82 -15.07
CA LEU B 67 18.01 -24.53 -15.54
C LEU B 67 18.58 -24.20 -16.90
N ARG B 68 17.71 -23.96 -17.89
CA ARG B 68 18.14 -23.63 -19.24
C ARG B 68 17.61 -22.27 -19.57
N ASN B 69 18.45 -21.43 -20.18
CA ASN B 69 18.01 -20.12 -20.65
C ASN B 69 17.76 -20.16 -22.18
N LEU B 70 16.48 -20.14 -22.55
CA LEU B 70 16.04 -20.16 -23.95
C LEU B 70 15.83 -18.77 -24.52
N ASP B 71 16.06 -17.72 -23.73
CA ASP B 71 15.76 -16.35 -24.12
C ASP B 71 17.01 -15.63 -24.68
N ASN B 72 16.81 -14.42 -25.17
CA ASN B 72 17.92 -13.58 -25.63
C ASN B 72 18.44 -12.54 -24.62
N VAL B 73 17.97 -12.60 -23.37
CA VAL B 73 18.61 -11.89 -22.26
C VAL B 73 18.92 -12.86 -21.11
N THR B 74 19.79 -12.40 -20.22
CA THR B 74 20.22 -13.14 -19.04
C THR B 74 19.06 -13.39 -18.06
N HIS B 75 19.04 -14.59 -17.46
CA HIS B 75 18.11 -14.96 -16.41
C HIS B 75 18.87 -15.70 -15.27
N GLY B 76 18.15 -16.38 -14.39
CA GLY B 76 18.74 -17.14 -13.30
C GLY B 76 17.67 -17.71 -12.40
N LEU B 77 18.03 -18.11 -11.20
CA LEU B 77 17.06 -18.77 -10.30
C LEU B 77 17.43 -18.62 -8.83
N SER B 78 16.43 -18.27 -8.03
CA SER B 78 16.47 -18.42 -6.57
C SER B 78 15.36 -19.40 -6.17
N ILE B 79 15.67 -20.26 -5.21
CA ILE B 79 14.73 -21.30 -4.78
C ILE B 79 14.73 -21.40 -3.26
N HIS B 80 13.64 -20.95 -2.64
CA HIS B 80 13.62 -20.66 -1.20
C HIS B 80 13.67 -21.95 -0.36
N ALA B 81 13.39 -23.10 -0.96
CA ALA B 81 13.56 -24.40 -0.22
C ALA B 81 15.02 -24.81 0.07
N ALA B 82 15.99 -24.12 -0.55
CA ALA B 82 17.43 -24.43 -0.34
C ALA B 82 18.03 -23.58 0.78
N ASN B 83 18.52 -24.24 1.84
CA ASN B 83 19.30 -23.58 2.90
C ASN B 83 20.79 -23.81 2.62
N THR B 84 21.25 -23.26 1.51
CA THR B 84 22.64 -23.33 1.09
C THR B 84 22.84 -22.29 -0.02
N GLN B 85 24.09 -21.91 -0.28
N GLN B 85 24.10 -21.92 -0.30
CA GLN B 85 24.44 -20.94 -1.32
CA GLN B 85 24.42 -20.91 -1.32
C GLN B 85 23.82 -21.27 -2.69
C GLN B 85 23.81 -21.27 -2.68
N THR B 86 23.11 -20.32 -3.30
CA THR B 86 22.48 -20.52 -4.62
C THR B 86 23.00 -19.62 -5.72
N SER B 87 23.26 -18.34 -5.44
N SER B 87 23.26 -18.35 -5.42
CA SER B 87 23.59 -17.36 -6.49
CA SER B 87 23.62 -17.34 -6.43
C SER B 87 24.89 -17.67 -7.29
C SER B 87 24.88 -17.68 -7.28
N ARG B 88 25.89 -18.30 -6.68
CA ARG B 88 27.12 -18.70 -7.44
C ARG B 88 26.79 -19.70 -8.53
N PHE B 89 25.82 -20.58 -8.25
CA PHE B 89 25.49 -21.70 -9.09
C PHE B 89 24.34 -21.44 -10.06
N LEU B 90 23.38 -20.59 -9.63
CA LEU B 90 22.17 -20.35 -10.42
C LEU B 90 21.95 -18.89 -10.87
N GLY B 91 22.85 -17.98 -10.52
CA GLY B 91 22.77 -16.58 -11.00
C GLY B 91 23.52 -16.30 -12.30
N ASN B 92 23.15 -15.19 -12.92
CA ASN B 92 23.82 -14.66 -14.11
C ASN B 92 23.94 -15.67 -15.22
N VAL B 93 22.81 -16.28 -15.58
CA VAL B 93 22.79 -17.34 -16.59
C VAL B 93 22.55 -16.70 -17.97
N GLN B 94 23.58 -16.72 -18.82
CA GLN B 94 23.57 -15.97 -20.09
C GLN B 94 22.66 -16.66 -21.14
N PRO B 95 22.24 -15.93 -22.20
CA PRO B 95 21.47 -16.58 -23.28
C PRO B 95 22.10 -17.88 -23.78
N GLY B 96 21.30 -18.95 -23.85
CA GLY B 96 21.74 -20.26 -24.27
C GLY B 96 22.47 -21.13 -23.28
N GLU B 97 22.77 -20.61 -22.08
CA GLU B 97 23.54 -21.36 -21.11
C GLU B 97 22.62 -22.27 -20.29
N THR B 98 23.20 -23.35 -19.76
CA THR B 98 22.57 -24.32 -18.86
C THR B 98 23.33 -24.40 -17.54
N ARG B 99 22.62 -24.58 -16.43
CA ARG B 99 23.22 -24.88 -15.13
C ARG B 99 22.57 -26.09 -14.50
N GLU B 100 23.33 -26.80 -13.69
CA GLU B 100 22.87 -27.95 -12.91
C GLU B 100 23.19 -27.67 -11.47
N PHE B 101 22.23 -27.92 -10.56
CA PHE B 101 22.39 -27.63 -9.14
C PHE B 101 21.60 -28.65 -8.31
N SER B 102 22.19 -29.14 -7.24
CA SER B 102 21.49 -30.03 -6.29
C SER B 102 21.52 -29.52 -4.87
N PHE B 103 20.47 -29.83 -4.12
CA PHE B 103 20.39 -29.49 -2.68
C PHE B 103 19.50 -30.51 -1.95
N THR B 104 19.60 -30.56 -0.62
CA THR B 104 18.72 -31.37 0.20
C THR B 104 17.59 -30.50 0.77
N ALA B 105 16.36 -30.98 0.65
CA ALA B 105 15.16 -30.30 1.21
C ALA B 105 15.00 -30.59 2.70
N ASP B 106 15.72 -29.85 3.53
CA ASP B 106 15.81 -30.08 5.00
C ASP B 106 14.67 -29.46 5.83
N PHE B 107 13.91 -28.54 5.24
CA PHE B 107 12.84 -27.83 5.96
C PHE B 107 11.51 -28.04 5.23
N PRO B 108 10.50 -28.56 5.94
CA PRO B 108 9.15 -28.70 5.34
C PRO B 108 8.41 -27.37 5.17
N GLY B 109 7.55 -27.32 4.15
CA GLY B 109 6.63 -26.21 3.92
C GLY B 109 6.41 -25.79 2.46
N VAL B 110 5.93 -24.56 2.28
CA VAL B 110 5.58 -24.05 0.96
C VAL B 110 6.50 -22.88 0.65
N PHE B 111 7.28 -23.01 -0.44
CA PHE B 111 8.39 -22.10 -0.77
C PHE B 111 8.23 -21.47 -2.14
N MET B 112 8.60 -20.18 -2.25
CA MET B 112 8.68 -19.49 -3.56
C MET B 112 9.99 -19.86 -4.30
N TYR B 113 9.92 -19.96 -5.63
CA TYR B 113 11.07 -19.79 -6.51
C TYR B 113 10.78 -18.67 -7.49
N HIS B 114 11.84 -18.06 -8.01
CA HIS B 114 11.72 -16.93 -8.93
C HIS B 114 13.01 -16.68 -9.71
N CYS B 115 12.94 -15.84 -10.73
CA CYS B 115 14.17 -15.48 -11.49
C CYS B 115 15.13 -14.62 -10.64
N ALA B 116 16.42 -14.87 -10.81
CA ALA B 116 17.47 -14.12 -10.10
C ALA B 116 18.71 -13.97 -10.98
N PRO B 117 18.66 -13.05 -11.95
CA PRO B 117 19.89 -12.76 -12.72
C PRO B 117 20.99 -12.25 -11.79
N GLY B 118 20.59 -11.47 -10.77
CA GLY B 118 21.47 -10.82 -9.81
C GLY B 118 21.12 -9.34 -9.76
N GLY B 119 21.46 -8.70 -8.65
CA GLY B 119 21.18 -7.26 -8.44
C GLY B 119 19.77 -6.78 -8.77
N HIS B 120 19.70 -5.67 -9.50
CA HIS B 120 18.47 -5.02 -9.93
C HIS B 120 17.49 -5.95 -10.64
N GLY B 121 18.02 -6.89 -11.42
CA GLY B 121 17.19 -7.80 -12.17
C GLY B 121 16.35 -8.81 -11.40
N ILE B 122 16.78 -9.15 -10.19
CA ILE B 122 15.99 -10.06 -9.32
C ILE B 122 14.56 -9.48 -9.17
N MET B 123 14.49 -8.19 -8.79
CA MET B 123 13.21 -7.48 -8.64
C MET B 123 12.52 -7.22 -9.98
N ALA B 124 13.24 -6.71 -11.00
CA ALA B 124 12.62 -6.38 -12.29
C ALA B 124 12.06 -7.60 -13.05
N HIS B 125 12.75 -8.74 -13.02
CA HIS B 125 12.25 -9.95 -13.71
C HIS B 125 11.11 -10.67 -12.97
N THR B 126 11.21 -10.74 -11.64
CA THR B 126 10.17 -11.37 -10.82
C THR B 126 8.80 -10.75 -11.07
N MET B 127 8.76 -9.42 -11.17
CA MET B 127 7.50 -8.73 -11.41
C MET B 127 6.92 -8.92 -12.83
N GLY B 128 7.73 -9.40 -13.78
CA GLY B 128 7.26 -9.74 -15.12
C GLY B 128 6.71 -11.11 -15.33
N GLY B 129 6.61 -11.92 -14.27
CA GLY B 129 5.96 -13.24 -14.39
C GLY B 129 6.74 -14.46 -13.97
N GLN B 130 8.02 -14.29 -13.63
CA GLN B 130 8.93 -15.40 -13.42
C GLN B 130 8.97 -15.86 -11.96
N PHE B 131 7.97 -16.67 -11.60
CA PHE B 131 7.81 -17.18 -10.25
C PHE B 131 7.01 -18.47 -10.22
N GLY B 132 7.15 -19.23 -9.13
CA GLY B 132 6.39 -20.47 -8.87
C GLY B 132 6.53 -21.01 -7.46
N MET B 133 6.04 -22.24 -7.25
CA MET B 133 5.97 -22.85 -5.94
C MET B 133 6.71 -24.17 -5.91
N ILE B 134 7.51 -24.36 -4.88
CA ILE B 134 7.99 -25.70 -4.49
C ILE B 134 7.48 -26.09 -3.09
N VAL B 135 6.84 -27.28 -3.01
CA VAL B 135 6.31 -27.82 -1.77
C VAL B 135 7.23 -28.95 -1.29
N VAL B 136 7.56 -28.90 0.00
CA VAL B 136 8.33 -29.91 0.70
C VAL B 136 7.40 -30.49 1.76
N GLU B 137 6.88 -31.69 1.49
CA GLU B 137 5.89 -32.34 2.41
C GLU B 137 6.59 -32.90 3.70
N PRO B 138 6.08 -32.54 4.91
CA PRO B 138 6.80 -32.91 6.14
C PRO B 138 6.70 -34.40 6.46
N LYS B 139 7.72 -34.94 7.14
CA LYS B 139 7.67 -36.30 7.71
C LYS B 139 6.62 -36.35 8.83
N GLU B 140 6.66 -35.38 9.73
CA GLU B 140 5.60 -35.17 10.74
C GLU B 140 4.27 -34.85 10.06
N LYS B 141 3.24 -35.64 10.37
CA LYS B 141 1.90 -35.38 9.82
C LYS B 141 1.27 -34.11 10.40
N TYR B 142 0.56 -33.34 9.56
CA TYR B 142 -0.23 -32.22 10.07
C TYR B 142 -1.35 -32.74 11.00
N ARG B 143 -1.81 -31.88 11.89
CA ARG B 143 -2.69 -32.25 12.98
C ARG B 143 -4.00 -32.93 12.55
N MET B 144 -4.71 -32.40 11.57
CA MET B 144 -5.99 -32.99 11.14
C MET B 144 -5.81 -34.39 10.53
N GLU B 145 -4.76 -34.57 9.73
CA GLU B 145 -4.38 -35.90 9.23
C GLU B 145 -4.11 -36.88 10.38
N ARG B 146 -3.39 -36.44 11.42
CA ARG B 146 -3.12 -37.30 12.58
C ARG B 146 -4.42 -37.66 13.28
N GLU B 147 -5.23 -36.63 13.59
CA GLU B 147 -6.51 -36.78 14.28
C GLU B 147 -7.53 -37.66 13.56
N LEU B 148 -7.62 -37.56 12.24
CA LEU B 148 -8.58 -38.35 11.45
C LEU B 148 -8.05 -39.72 10.98
N GLY B 149 -6.76 -39.99 11.17
CA GLY B 149 -6.14 -41.20 10.69
C GLY B 149 -6.08 -41.37 9.18
N ARG B 150 -6.23 -40.29 8.42
CA ARG B 150 -6.20 -40.37 6.97
C ARG B 150 -5.78 -39.05 6.33
N GLY B 151 -5.43 -39.13 5.07
CA GLY B 151 -4.94 -38.00 4.29
C GLY B 151 -6.11 -37.17 3.80
N PRO B 152 -5.81 -36.00 3.19
CA PRO B 152 -6.87 -35.15 2.66
C PRO B 152 -7.71 -35.85 1.62
N ASP B 153 -9.01 -35.59 1.65
CA ASP B 153 -9.89 -35.93 0.54
C ASP B 153 -9.51 -35.12 -0.69
N LEU B 154 -8.97 -33.93 -0.48
CA LEU B 154 -8.56 -33.08 -1.59
C LEU B 154 -7.47 -32.07 -1.20
N LYS B 155 -6.45 -31.92 -2.05
CA LYS B 155 -5.37 -30.93 -1.89
C LYS B 155 -5.55 -29.84 -2.95
N LEU B 156 -5.44 -28.56 -2.56
CA LEU B 156 -5.58 -27.42 -3.47
C LEU B 156 -4.31 -26.55 -3.34
N TYR B 157 -3.68 -26.22 -4.46
CA TYR B 157 -2.42 -25.47 -4.48
C TYR B 157 -2.68 -24.12 -5.20
N ILE B 158 -2.47 -23.01 -4.47
CA ILE B 158 -2.86 -21.68 -4.96
C ILE B 158 -1.71 -20.67 -4.77
N ILE B 159 -1.40 -19.96 -5.85
CA ILE B 159 -0.55 -18.78 -5.83
C ILE B 159 -1.41 -17.56 -6.09
N GLN B 160 -1.22 -16.53 -5.24
CA GLN B 160 -1.69 -15.19 -5.57
C GLN B 160 -0.56 -14.33 -6.13
N SER B 161 -0.84 -13.59 -7.21
CA SER B 161 0.18 -12.72 -7.86
C SER B 161 -0.47 -11.53 -8.54
N GLU B 162 0.37 -10.53 -8.80
CA GLU B 162 -0.06 -9.24 -9.37
C GLU B 162 0.50 -9.08 -10.81
N ALA B 163 -0.18 -8.25 -11.62
CA ALA B 163 0.32 -7.82 -12.95
C ALA B 163 0.34 -6.32 -13.03
N TYR B 164 1.37 -5.77 -13.66
CA TYR B 164 1.59 -4.31 -13.79
C TYR B 164 1.58 -3.81 -15.24
N ALA B 165 0.98 -2.64 -15.43
CA ALA B 165 0.97 -1.93 -16.71
C ALA B 165 2.24 -1.13 -17.05
N SER B 166 3.05 -0.80 -16.04
CA SER B 166 4.30 -0.09 -16.25
C SER B 166 5.24 -0.26 -15.05
N GLY B 167 6.52 -0.02 -15.27
CA GLY B 167 7.49 0.06 -14.17
C GLY B 167 7.19 1.18 -13.17
N ARG B 168 6.65 2.31 -13.66
CA ARG B 168 6.14 3.38 -12.79
C ARG B 168 5.09 2.86 -11.76
N ASP B 169 4.11 2.11 -12.26
CA ASP B 169 3.07 1.52 -11.41
C ASP B 169 3.67 0.47 -10.44
N PHE B 170 4.69 -0.27 -10.88
CA PHE B 170 5.38 -1.22 -10.00
C PHE B 170 6.04 -0.52 -8.80
N TYR B 171 6.76 0.57 -9.06
CA TYR B 171 7.35 1.39 -7.96
C TYR B 171 6.23 1.90 -7.02
N ASP B 172 5.11 2.33 -7.60
CA ASP B 172 4.00 2.92 -6.82
C ASP B 172 3.07 1.91 -6.12
N GLY B 173 3.25 0.61 -6.33
CA GLY B 173 2.37 -0.43 -5.74
C GLY B 173 0.95 -0.45 -6.31
N LYS B 174 0.80 -0.02 -7.56
CA LYS B 174 -0.50 0.08 -8.25
C LYS B 174 -0.68 -1.08 -9.24
N ALA B 175 -1.18 -2.21 -8.75
CA ALA B 175 -1.37 -3.41 -9.57
C ALA B 175 -2.58 -3.24 -10.49
N LEU B 176 -2.47 -3.65 -11.75
CA LEU B 176 -3.63 -3.63 -12.67
C LEU B 176 -4.57 -4.79 -12.36
N TYR B 177 -4.01 -5.98 -12.21
CA TYR B 177 -4.80 -7.17 -11.87
C TYR B 177 -4.12 -7.94 -10.76
N VAL B 178 -4.92 -8.65 -9.99
CA VAL B 178 -4.43 -9.53 -8.95
C VAL B 178 -5.19 -10.83 -9.08
N MET B 179 -4.52 -11.99 -8.99
CA MET B 179 -5.14 -13.25 -9.45
C MET B 179 -4.64 -14.50 -8.75
N PHE B 180 -5.50 -15.53 -8.77
CA PHE B 180 -5.14 -16.87 -8.29
C PHE B 180 -4.76 -17.74 -9.50
N ASN B 181 -3.57 -18.32 -9.45
CA ASN B 181 -3.02 -19.17 -10.51
C ASN B 181 -3.09 -18.60 -11.91
N GLY B 182 -2.77 -17.31 -12.02
CA GLY B 182 -2.47 -16.70 -13.32
C GLY B 182 -3.62 -16.20 -14.20
N ARG B 183 -4.85 -16.20 -13.71
CA ARG B 183 -5.98 -15.75 -14.50
C ARG B 183 -7.07 -15.12 -13.65
N ASN B 184 -7.52 -13.92 -14.02
CA ASN B 184 -8.59 -13.23 -13.27
C ASN B 184 -9.85 -14.09 -13.11
N PHE B 185 -10.36 -14.22 -11.88
CA PHE B 185 -11.61 -14.95 -11.64
C PHE B 185 -11.63 -16.34 -12.31
N ARG B 186 -10.43 -16.95 -12.41
CA ARG B 186 -10.24 -18.32 -12.96
C ARG B 186 -11.25 -19.32 -12.39
N TYR B 187 -11.41 -19.31 -11.06
CA TYR B 187 -12.22 -20.33 -10.35
C TYR B 187 -13.67 -19.84 -10.06
N VAL B 188 -14.05 -18.71 -10.65
CA VAL B 188 -15.44 -18.38 -10.85
C VAL B 188 -15.90 -18.98 -12.18
N ASP B 189 -15.08 -18.82 -13.24
CA ASP B 189 -15.39 -19.37 -14.58
C ASP B 189 -15.41 -20.90 -14.51
N GLU B 190 -14.50 -21.48 -13.72
CA GLU B 190 -14.42 -22.92 -13.47
C GLU B 190 -14.34 -23.25 -11.96
N PRO B 191 -15.50 -23.33 -11.30
CA PRO B 191 -15.56 -23.61 -9.86
C PRO B 191 -14.98 -24.93 -9.52
N ILE B 192 -14.23 -24.97 -8.42
CA ILE B 192 -13.55 -26.17 -7.95
C ILE B 192 -14.55 -27.09 -7.21
N PRO B 193 -14.71 -28.33 -7.69
CA PRO B 193 -15.69 -29.24 -7.08
C PRO B 193 -15.23 -29.86 -5.77
N VAL B 194 -16.08 -29.73 -4.74
CA VAL B 194 -15.85 -30.35 -3.43
C VAL B 194 -17.16 -30.99 -2.96
N ARG B 195 -17.06 -31.79 -1.90
CA ARG B 195 -18.19 -32.44 -1.25
C ARG B 195 -18.33 -31.99 0.20
N PRO B 196 -19.59 -31.80 0.68
CA PRO B 196 -19.81 -31.57 2.10
C PRO B 196 -19.13 -32.64 2.92
N GLY B 197 -18.46 -32.26 4.01
CA GLY B 197 -17.67 -33.17 4.84
C GLY B 197 -16.22 -33.50 4.40
N ASP B 198 -15.79 -33.02 3.23
CA ASP B 198 -14.39 -33.20 2.76
C ASP B 198 -13.34 -32.60 3.70
N TYR B 199 -12.29 -33.34 3.97
CA TYR B 199 -11.06 -32.80 4.57
C TYR B 199 -10.23 -32.18 3.42
N LEU B 200 -10.18 -30.83 3.38
CA LEU B 200 -9.36 -30.08 2.44
C LEU B 200 -8.02 -29.68 3.07
N ARG B 201 -6.92 -29.82 2.32
CA ARG B 201 -5.63 -29.22 2.69
C ARG B 201 -5.24 -28.24 1.59
N ILE B 202 -5.12 -26.97 1.96
CA ILE B 202 -4.79 -25.88 1.04
C ILE B 202 -3.33 -25.43 1.23
N TYR B 203 -2.57 -25.37 0.13
CA TYR B 203 -1.17 -24.91 0.09
C TYR B 203 -1.19 -23.52 -0.60
N PHE B 204 -1.00 -22.46 0.19
CA PHE B 204 -1.11 -21.05 -0.29
C PHE B 204 0.21 -20.28 -0.23
N LEU B 205 0.56 -19.63 -1.34
CA LEU B 205 1.74 -18.77 -1.42
C LEU B 205 1.33 -17.45 -2.06
N ASN B 206 1.57 -16.33 -1.35
CA ASN B 206 1.40 -14.98 -1.96
C ASN B 206 2.76 -14.58 -2.49
N VAL B 207 2.92 -14.53 -3.81
CA VAL B 207 4.23 -14.11 -4.38
C VAL B 207 4.31 -12.58 -4.38
N GLY B 208 3.18 -11.89 -4.26
CA GLY B 208 3.15 -10.45 -4.41
C GLY B 208 3.32 -10.01 -5.87
N PRO B 209 4.29 -9.14 -6.21
CA PRO B 209 5.47 -8.81 -5.37
C PRO B 209 5.35 -7.68 -4.39
N ASN B 210 4.26 -6.90 -4.41
CA ASN B 210 4.07 -5.75 -3.51
C ASN B 210 3.03 -5.85 -2.40
N LEU B 211 1.92 -6.55 -2.65
CA LEU B 211 0.69 -6.38 -1.82
C LEU B 211 0.51 -7.54 -0.85
N THR B 212 -0.06 -7.23 0.28
CA THR B 212 -0.39 -8.20 1.31
C THR B 212 -1.75 -8.85 0.98
N SER B 213 -1.93 -10.09 1.44
CA SER B 213 -3.16 -10.86 1.26
C SER B 213 -3.70 -11.33 2.62
N THR B 214 -5.03 -11.47 2.71
CA THR B 214 -5.71 -12.08 3.85
C THR B 214 -6.71 -13.12 3.30
N LEU B 215 -6.24 -14.37 3.19
CA LEU B 215 -7.05 -15.42 2.53
C LEU B 215 -8.21 -15.83 3.44
N HIS B 216 -9.38 -16.04 2.83
CA HIS B 216 -10.66 -16.24 3.53
C HIS B 216 -11.56 -17.15 2.66
N VAL B 217 -12.33 -18.01 3.30
CA VAL B 217 -13.47 -18.71 2.65
C VAL B 217 -14.80 -18.27 3.27
N VAL B 218 -15.74 -17.81 2.46
CA VAL B 218 -17.08 -17.37 2.89
C VAL B 218 -17.84 -18.64 3.32
N GLY B 219 -18.24 -18.70 4.59
CA GLY B 219 -18.84 -19.92 5.19
C GLY B 219 -17.90 -20.87 5.86
N GLY B 220 -16.64 -20.44 6.04
CA GLY B 220 -15.67 -21.27 6.69
C GLY B 220 -14.83 -20.54 7.72
N ILE B 221 -14.48 -21.24 8.79
CA ILE B 221 -13.43 -20.83 9.73
C ILE B 221 -12.36 -21.91 9.68
N PHE B 222 -11.15 -21.53 9.30
CA PHE B 222 -10.06 -22.48 9.12
C PHE B 222 -9.72 -23.11 10.44
N GLU B 223 -9.65 -24.44 10.48
CA GLU B 223 -9.47 -25.12 11.76
C GLU B 223 -8.02 -25.07 12.27
N TYR B 224 -7.09 -25.47 11.41
CA TYR B 224 -5.66 -25.41 11.69
C TYR B 224 -4.92 -24.77 10.51
N MET B 225 -3.99 -23.86 10.81
CA MET B 225 -3.12 -23.27 9.78
C MET B 225 -1.68 -23.28 10.26
N TYR B 226 -0.74 -23.38 9.31
CA TYR B 226 0.69 -23.52 9.63
C TYR B 226 1.47 -22.45 8.86
N TYR B 227 2.07 -21.51 9.57
CA TYR B 227 2.86 -20.45 8.92
C TYR B 227 4.11 -21.07 8.28
N GLN B 228 4.33 -20.68 7.03
CA GLN B 228 5.40 -21.20 6.15
C GLN B 228 5.13 -22.66 5.72
N GLY B 229 4.00 -23.22 6.13
CA GLY B 229 3.72 -24.65 5.96
C GLY B 229 4.49 -25.58 6.90
N ASN B 230 5.19 -25.05 7.90
CA ASN B 230 5.91 -25.89 8.87
C ASN B 230 4.92 -26.36 9.96
N PRO B 231 4.83 -27.69 10.19
CA PRO B 231 3.86 -28.16 11.22
C PRO B 231 3.98 -27.57 12.63
N LYS B 232 5.16 -27.08 13.00
CA LYS B 232 5.37 -26.46 14.32
C LYS B 232 4.66 -25.12 14.52
N ASN B 233 4.40 -24.40 13.42
CA ASN B 233 3.90 -23.03 13.50
C ASN B 233 2.35 -22.95 13.41
N LEU B 234 1.71 -23.57 14.39
CA LEU B 234 0.25 -23.77 14.45
C LEU B 234 -0.54 -22.56 14.94
N VAL B 235 -1.53 -22.18 14.14
CA VAL B 235 -2.55 -21.17 14.47
C VAL B 235 -3.91 -21.85 14.31
N VAL B 236 -4.83 -21.63 15.24
CA VAL B 236 -6.17 -22.25 15.17
C VAL B 236 -7.32 -21.26 15.03
N GLY B 237 -8.39 -21.71 14.35
CA GLY B 237 -9.70 -21.06 14.38
C GLY B 237 -9.71 -19.66 13.78
N ALA B 238 -9.23 -19.57 12.55
CA ALA B 238 -8.99 -18.28 11.90
C ALA B 238 -9.94 -17.98 10.73
N GLN B 239 -10.41 -16.75 10.69
CA GLN B 239 -11.19 -16.25 9.56
C GLN B 239 -10.33 -15.75 8.36
N THR B 240 -9.04 -15.46 8.60
CA THR B 240 -8.08 -14.94 7.61
C THR B 240 -6.71 -15.62 7.82
N ALA B 241 -5.96 -15.80 6.74
CA ALA B 241 -4.54 -16.17 6.79
C ALA B 241 -3.77 -14.97 6.23
N LEU B 242 -3.09 -14.22 7.10
CA LEU B 242 -2.32 -13.01 6.70
C LEU B 242 -1.00 -13.42 6.04
N ALA B 243 -0.73 -12.90 4.84
CA ALA B 243 0.50 -13.24 4.09
C ALA B 243 1.01 -12.05 3.28
N GLY B 244 2.20 -11.58 3.66
CA GLY B 244 2.93 -10.58 2.87
C GLY B 244 3.60 -11.26 1.68
N PRO B 245 4.26 -10.48 0.81
CA PRO B 245 4.97 -11.10 -0.33
C PRO B 245 6.03 -12.13 0.06
N SER B 246 5.87 -13.32 -0.55
CA SER B 246 6.63 -14.54 -0.28
C SER B 246 6.28 -15.24 1.02
N ASP B 247 5.26 -14.80 1.78
CA ASP B 247 4.75 -15.61 2.92
C ASP B 247 3.85 -16.71 2.37
N SER B 248 3.79 -17.82 3.13
CA SER B 248 2.95 -18.95 2.77
C SER B 248 2.28 -19.54 4.02
N TRP B 249 1.27 -20.39 3.76
CA TRP B 249 0.52 -21.16 4.78
C TRP B 249 0.11 -22.53 4.21
N VAL B 250 0.04 -23.54 5.09
CA VAL B 250 -0.79 -24.74 4.86
C VAL B 250 -2.02 -24.61 5.78
N ILE B 251 -3.19 -24.88 5.23
CA ILE B 251 -4.48 -24.71 5.90
C ILE B 251 -5.24 -26.06 5.85
N GLU B 252 -5.73 -26.52 6.99
CA GLU B 252 -6.63 -27.68 7.08
C GLU B 252 -8.04 -27.24 7.49
N TRP B 253 -9.05 -27.67 6.73
CA TRP B 253 -10.45 -27.28 6.97
C TRP B 253 -11.38 -28.36 6.42
N ARG B 254 -12.39 -28.72 7.21
CA ARG B 254 -13.48 -29.58 6.72
C ARG B 254 -14.60 -28.75 6.16
N VAL B 255 -15.03 -29.10 4.95
CA VAL B 255 -16.19 -28.50 4.32
C VAL B 255 -17.42 -28.82 5.22
N PRO B 256 -18.18 -27.79 5.64
CA PRO B 256 -19.35 -28.07 6.50
C PRO B 256 -20.42 -28.95 5.78
N PRO B 257 -21.32 -29.57 6.54
CA PRO B 257 -22.25 -30.58 5.96
C PRO B 257 -23.44 -30.00 5.22
N VAL B 258 -23.24 -28.95 4.42
CA VAL B 258 -24.27 -28.23 3.72
C VAL B 258 -23.78 -27.89 2.33
N GLU B 259 -24.61 -28.19 1.32
CA GLU B 259 -24.31 -27.88 -0.07
C GLU B 259 -24.38 -26.39 -0.41
N GLY B 260 -23.63 -26.04 -1.47
CA GLY B 260 -23.60 -24.68 -2.09
C GLY B 260 -22.17 -24.13 -2.24
N ASP B 261 -22.07 -22.85 -2.60
CA ASP B 261 -20.79 -22.20 -2.92
C ASP B 261 -20.11 -21.64 -1.68
N TYR B 262 -18.84 -22.01 -1.49
CA TYR B 262 -17.96 -21.48 -0.46
C TYR B 262 -16.86 -20.66 -1.18
N THR B 263 -17.02 -19.34 -1.21
CA THR B 263 -16.16 -18.48 -2.01
C THR B 263 -14.77 -18.27 -1.36
N LEU B 264 -13.73 -18.52 -2.15
CA LEU B 264 -12.32 -18.25 -1.79
C LEU B 264 -11.93 -16.82 -2.23
N VAL B 265 -11.43 -16.02 -1.29
CA VAL B 265 -11.22 -14.60 -1.60
C VAL B 265 -10.10 -14.03 -0.68
N THR B 266 -9.43 -12.99 -1.14
CA THR B 266 -8.58 -12.19 -0.21
C THR B 266 -9.43 -11.05 0.36
N HIS B 267 -9.34 -10.82 1.68
CA HIS B 267 -10.15 -9.77 2.29
C HIS B 267 -9.52 -8.37 2.14
N VAL B 268 -8.38 -8.28 1.43
CA VAL B 268 -7.90 -7.00 0.90
C VAL B 268 -8.74 -6.70 -0.34
N PHE B 269 -9.86 -6.04 -0.12
CA PHE B 269 -10.94 -6.02 -1.13
C PHE B 269 -10.64 -5.18 -2.37
N GLY B 270 -9.69 -4.26 -2.26
CA GLY B 270 -9.16 -3.54 -3.44
C GLY B 270 -8.31 -4.40 -4.38
N THR B 271 -7.95 -5.61 -3.94
CA THR B 271 -7.31 -6.59 -4.80
C THR B 271 -8.28 -7.74 -5.21
N ALA B 272 -9.19 -8.14 -4.32
CA ALA B 272 -10.25 -9.09 -4.69
C ALA B 272 -11.05 -8.59 -5.89
N ILE B 273 -11.28 -7.28 -5.94
CA ILE B 273 -12.07 -6.66 -6.99
C ILE B 273 -11.32 -6.71 -8.35
N LYS B 274 -9.99 -6.91 -8.32
CA LYS B 274 -9.13 -6.94 -9.50
C LYS B 274 -8.87 -8.33 -10.09
N GLY B 275 -9.48 -9.37 -9.51
CA GLY B 275 -9.42 -10.73 -10.05
C GLY B 275 -9.22 -11.86 -9.05
N ALA B 276 -8.94 -11.55 -7.76
CA ALA B 276 -8.53 -12.60 -6.76
C ALA B 276 -9.72 -13.10 -5.94
N LEU B 277 -10.58 -13.85 -6.62
CA LEU B 277 -11.80 -14.44 -6.02
C LEU B 277 -12.11 -15.70 -6.86
N GLY B 278 -12.43 -16.82 -6.19
CA GLY B 278 -12.84 -18.09 -6.84
C GLY B 278 -13.93 -18.80 -6.03
N ILE B 279 -14.39 -19.97 -6.49
CA ILE B 279 -15.51 -20.69 -5.85
C ILE B 279 -15.14 -22.14 -5.57
N LEU B 280 -15.36 -22.61 -4.33
CA LEU B 280 -15.40 -24.06 -3.99
C LEU B 280 -16.88 -24.46 -3.98
N ARG B 281 -17.30 -25.26 -4.96
CA ARG B 281 -18.73 -25.61 -5.15
C ARG B 281 -19.01 -26.99 -4.56
N ALA B 282 -19.69 -26.99 -3.41
CA ALA B 282 -19.95 -28.21 -2.63
C ALA B 282 -21.26 -28.90 -3.06
N LYS B 283 -21.13 -30.15 -3.54
CA LYS B 283 -22.25 -31.06 -3.91
C LYS B 283 -21.91 -32.47 -3.42
N LYS B 284 -22.91 -33.19 -2.90
CA LYS B 284 -22.71 -34.57 -2.41
C LYS B 284 -22.13 -35.54 -3.47
N ASP B 285 -22.48 -35.35 -4.72
CA ASP B 285 -21.95 -36.26 -5.79
C ASP B 285 -20.74 -35.70 -6.59
N ALA B 286 -20.07 -34.65 -6.08
CA ALA B 286 -19.08 -33.92 -6.89
C ALA B 286 -17.97 -34.86 -7.37
N PRO B 287 -17.57 -34.77 -8.66
CA PRO B 287 -16.43 -35.60 -9.12
C PRO B 287 -15.07 -35.16 -8.55
N ARG B 288 -14.15 -36.10 -8.39
CA ARG B 288 -12.74 -35.78 -8.13
C ARG B 288 -12.06 -35.51 -9.46
N ILE B 289 -11.83 -34.23 -9.77
CA ILE B 289 -11.19 -33.81 -11.04
C ILE B 289 -9.66 -33.82 -10.89
N PRO B 290 -8.90 -33.56 -11.98
CA PRO B 290 -7.46 -33.44 -11.84
C PRO B 290 -7.02 -32.37 -10.80
N GLU B 291 -5.88 -32.65 -10.18
CA GLU B 291 -5.38 -31.84 -9.07
C GLU B 291 -5.25 -30.36 -9.48
N VAL B 292 -5.71 -29.45 -8.62
CA VAL B 292 -5.54 -28.02 -8.79
C VAL B 292 -4.09 -27.66 -8.40
N ARG B 293 -3.22 -27.56 -9.41
CA ARG B 293 -1.80 -27.23 -9.23
C ARG B 293 -1.62 -25.70 -9.28
N ALA B 294 -0.62 -25.15 -8.58
CA ALA B 294 -0.37 -23.70 -8.59
C ALA B 294 0.42 -23.30 -9.83
N GLU B 295 -0.21 -23.46 -10.98
CA GLU B 295 0.37 -23.30 -12.31
C GLU B 295 -0.56 -22.48 -13.18
N GLY B 296 0.02 -21.55 -13.97
CA GLY B 296 -0.76 -20.80 -14.94
C GLY B 296 -1.19 -21.70 -16.10
N VAL B 297 -2.08 -21.16 -16.92
CA VAL B 297 -2.52 -21.70 -18.21
C VAL B 297 -1.35 -21.60 -19.22
N PRO B 298 -1.24 -22.53 -20.19
CA PRO B 298 -0.16 -22.36 -21.18
C PRO B 298 -0.23 -21.02 -21.91
N GLY B 299 0.93 -20.43 -22.18
CA GLY B 299 1.02 -19.15 -22.90
C GLY B 299 0.59 -19.23 -24.35
N VAL B 300 0.37 -18.09 -24.99
CA VAL B 300 -0.04 -18.08 -26.39
C VAL B 300 1.12 -17.69 -27.28
N LYS B 301 0.99 -18.07 -28.55
CA LYS B 301 2.07 -17.85 -29.54
C LYS B 301 2.00 -16.46 -30.16
N GLU B 302 0.79 -15.95 -30.37
CA GLU B 302 0.56 -14.60 -30.89
C GLU B 302 -0.68 -14.00 -30.25
N ILE B 303 -0.84 -12.70 -30.45
CA ILE B 303 -1.99 -11.95 -29.96
C ILE B 303 -3.05 -11.88 -31.06
N PRO B 304 -4.27 -12.40 -30.83
CA PRO B 304 -5.31 -12.30 -31.87
C PRO B 304 -5.82 -10.89 -32.07
N ALA B 305 -6.29 -10.57 -33.29
CA ALA B 305 -6.66 -9.18 -33.63
C ALA B 305 -7.92 -8.71 -32.88
N SER B 306 -8.73 -9.67 -32.41
CA SER B 306 -9.84 -9.47 -31.46
C SER B 306 -9.51 -9.15 -29.95
N ALA B 307 -8.25 -8.88 -29.62
CA ALA B 307 -7.85 -8.58 -28.23
C ALA B 307 -8.39 -7.23 -27.81
N LYS B 308 -8.80 -7.10 -26.55
CA LYS B 308 -9.28 -5.82 -26.01
C LYS B 308 -8.12 -4.98 -25.46
N ARG B 309 -7.12 -5.67 -24.91
CA ARG B 309 -5.99 -5.02 -24.23
C ARG B 309 -4.75 -5.91 -24.28
N VAL B 310 -3.60 -5.29 -24.50
CA VAL B 310 -2.31 -5.97 -24.32
C VAL B 310 -1.50 -5.14 -23.30
N VAL B 311 -1.14 -5.80 -22.21
CA VAL B 311 -0.40 -5.23 -21.10
C VAL B 311 1.06 -5.61 -21.27
N ASP B 312 1.96 -4.65 -21.04
CA ASP B 312 3.40 -4.90 -21.08
C ASP B 312 4.11 -3.91 -20.17
N PRO B 313 4.57 -4.34 -19.01
CA PRO B 313 5.19 -3.34 -18.11
C PRO B 313 6.45 -2.66 -18.67
N TYR B 314 7.22 -3.35 -19.50
CA TYR B 314 8.53 -2.86 -19.97
C TYR B 314 8.49 -2.08 -21.30
N GLY B 315 7.50 -2.37 -22.14
CA GLY B 315 7.50 -1.92 -23.55
C GLY B 315 6.19 -1.31 -23.97
N LEU B 316 5.88 -1.41 -25.27
CA LEU B 316 4.69 -0.77 -25.84
C LEU B 316 3.46 -1.63 -25.58
N ALA B 317 2.37 -0.97 -25.19
CA ALA B 317 1.15 -1.66 -24.79
C ALA B 317 0.01 -1.21 -25.70
N SER B 318 -1.08 -1.99 -25.75
CA SER B 318 -2.29 -1.67 -26.57
C SER B 318 -3.60 -1.64 -25.77
N PRO B 319 -4.55 -0.77 -26.14
CA PRO B 319 -4.42 0.25 -27.21
C PRO B 319 -3.44 1.34 -26.87
N GLY B 320 -2.70 1.84 -27.87
CA GLY B 320 -1.65 2.83 -27.64
C GLY B 320 -2.10 4.14 -27.04
N HIS B 321 -3.33 4.56 -27.38
CA HIS B 321 -3.85 5.85 -26.93
C HIS B 321 -4.00 5.92 -25.42
N GLU B 322 -4.25 4.80 -24.74
CA GLU B 322 -4.36 4.84 -23.26
C GLU B 322 -2.99 4.93 -22.55
N HIS B 323 -1.88 4.90 -23.30
CA HIS B 323 -0.53 5.16 -22.75
C HIS B 323 0.17 6.41 -23.34
N THR B 324 -0.59 7.24 -24.05
CA THR B 324 -0.02 8.37 -24.81
C THR B 324 -0.23 9.69 -24.06
N VAL B 325 0.84 10.46 -23.88
CA VAL B 325 0.77 11.80 -23.35
C VAL B 325 1.03 12.77 -24.52
N ARG B 326 0.06 13.61 -24.83
CA ARG B 326 0.21 14.69 -25.81
C ARG B 326 0.27 16.01 -25.07
N VAL B 327 1.39 16.71 -25.23
CA VAL B 327 1.70 17.94 -24.53
C VAL B 327 1.37 19.09 -25.48
N PRO B 328 0.62 20.11 -25.02
CA PRO B 328 0.46 21.34 -25.83
C PRO B 328 1.71 22.22 -25.78
N LEU B 329 1.76 23.27 -26.59
CA LEU B 329 2.91 24.18 -26.56
C LEU B 329 2.97 24.85 -25.19
N ASP B 330 4.15 24.84 -24.57
CA ASP B 330 4.42 25.54 -23.30
C ASP B 330 4.07 27.03 -23.48
N PRO B 331 3.39 27.66 -22.50
CA PRO B 331 3.09 29.09 -22.60
C PRO B 331 4.29 29.99 -22.88
N ALA B 332 5.49 29.61 -22.41
CA ALA B 332 6.71 30.36 -22.65
C ALA B 332 7.24 30.22 -24.08
N LEU B 333 6.87 29.15 -24.78
CA LEU B 333 7.21 29.01 -26.21
C LEU B 333 6.19 29.67 -27.16
N ALA B 334 4.91 29.68 -26.79
CA ALA B 334 3.86 30.32 -27.61
C ALA B 334 4.12 31.82 -27.83
N GLN B 335 4.61 32.49 -26.80
CA GLN B 335 5.03 33.89 -26.90
C GLN B 335 6.01 34.22 -25.76
N PRO B 336 6.71 35.38 -25.85
CA PRO B 336 7.49 35.84 -24.72
C PRO B 336 6.61 36.16 -23.51
N VAL B 337 6.88 35.51 -22.38
CA VAL B 337 6.19 35.80 -21.11
C VAL B 337 7.24 35.98 -20.02
N ALA B 338 6.89 36.66 -18.94
CA ALA B 338 7.86 36.90 -17.87
C ALA B 338 7.22 37.12 -16.50
N VAL B 339 8.02 36.88 -15.47
CA VAL B 339 7.66 37.10 -14.08
C VAL B 339 8.32 38.39 -13.61
N GLY B 340 9.66 38.41 -13.62
CA GLY B 340 10.43 39.49 -13.01
C GLY B 340 11.08 40.40 -14.01
N ALA B 341 12.19 39.95 -14.57
CA ALA B 341 13.03 40.75 -15.46
C ALA B 341 13.02 40.16 -16.87
N LYS B 342 13.67 39.00 -17.04
CA LYS B 342 13.83 38.39 -18.36
C LYS B 342 12.74 37.35 -18.66
N ALA B 343 12.65 36.97 -19.93
CA ALA B 343 11.63 36.04 -20.39
C ALA B 343 11.79 34.67 -19.71
N LEU B 344 10.68 33.98 -19.47
CA LEU B 344 10.72 32.62 -18.90
C LEU B 344 11.21 31.62 -19.94
N GLU B 345 12.02 30.66 -19.49
CA GLU B 345 12.38 29.51 -20.33
C GLU B 345 11.25 28.49 -20.25
N PRO B 346 11.08 27.66 -21.30
CA PRO B 346 10.08 26.60 -21.21
C PRO B 346 10.54 25.53 -20.22
N LEU B 347 9.58 24.83 -19.63
CA LEU B 347 9.92 23.72 -18.74
C LEU B 347 10.24 22.50 -19.58
N PRO B 348 11.30 21.75 -19.24
CA PRO B 348 11.53 20.48 -19.95
C PRO B 348 10.37 19.46 -19.73
N VAL B 349 10.19 18.54 -20.68
CA VAL B 349 9.23 17.46 -20.55
C VAL B 349 10.01 16.20 -20.16
N THR B 350 9.60 15.58 -19.06
CA THR B 350 10.31 14.44 -18.49
C THR B 350 9.89 13.12 -19.06
N VAL B 351 10.87 12.27 -19.38
CA VAL B 351 10.63 10.83 -19.56
C VAL B 351 11.47 10.13 -18.50
N GLN B 352 10.82 9.37 -17.60
CA GLN B 352 11.54 8.61 -16.58
C GLN B 352 11.95 7.24 -17.11
N MET B 353 13.16 6.81 -16.78
CA MET B 353 13.51 5.38 -16.81
C MET B 353 13.18 4.83 -15.41
N VAL B 354 12.29 3.82 -15.33
CA VAL B 354 11.76 3.36 -14.03
C VAL B 354 11.18 1.97 -14.15
N GLY B 355 11.65 1.08 -13.26
CA GLY B 355 11.25 -0.32 -13.33
C GLY B 355 11.50 -0.98 -14.69
N ASN B 356 12.67 -0.72 -15.25
CA ASN B 356 13.02 -1.21 -16.60
C ASN B 356 11.95 -0.85 -17.64
N SER B 357 11.53 0.41 -17.65
CA SER B 357 10.54 0.89 -18.57
C SER B 357 10.68 2.37 -18.77
N PHE B 358 10.08 2.90 -19.84
CA PHE B 358 10.05 4.35 -20.09
C PHE B 358 8.66 4.90 -19.82
N TYR B 359 8.58 5.98 -19.06
CA TYR B 359 7.31 6.55 -18.63
C TYR B 359 7.28 8.07 -18.86
N PRO B 360 6.39 8.57 -19.71
CA PRO B 360 5.38 7.85 -20.48
C PRO B 360 5.94 6.99 -21.62
N LYS B 361 5.21 5.93 -21.96
CA LYS B 361 5.59 5.01 -23.03
C LYS B 361 5.58 5.69 -24.45
N VAL B 362 4.63 6.56 -24.68
CA VAL B 362 4.45 7.27 -25.97
C VAL B 362 4.27 8.74 -25.63
N LEU B 363 5.19 9.58 -26.12
CA LEU B 363 5.12 11.01 -25.88
C LEU B 363 4.96 11.77 -27.21
N GLU B 364 4.01 12.70 -27.26
CA GLU B 364 3.80 13.54 -28.46
C GLU B 364 3.96 14.98 -28.06
N ILE B 365 4.98 15.64 -28.62
CA ILE B 365 5.37 16.99 -28.26
C ILE B 365 5.44 17.95 -29.47
N PRO B 366 5.27 19.25 -29.25
CA PRO B 366 5.37 20.18 -30.40
C PRO B 366 6.82 20.57 -30.70
N VAL B 367 7.11 20.85 -31.97
CA VAL B 367 8.42 21.39 -32.39
C VAL B 367 8.87 22.48 -31.44
N GLY B 368 10.15 22.44 -31.06
CA GLY B 368 10.73 23.39 -30.08
C GLY B 368 10.80 22.92 -28.62
N THR B 369 10.28 21.73 -28.33
CA THR B 369 10.24 21.20 -26.95
C THR B 369 11.53 20.46 -26.60
N THR B 370 11.98 20.65 -25.34
CA THR B 370 13.12 19.92 -24.82
C THR B 370 12.63 18.76 -23.96
N VAL B 371 13.12 17.56 -24.26
CA VAL B 371 12.87 16.36 -23.44
C VAL B 371 14.05 16.11 -22.51
N GLU B 372 13.78 15.78 -21.23
CA GLU B 372 14.81 15.35 -20.28
C GLU B 372 14.55 13.91 -19.86
N PHE B 373 15.42 12.99 -20.28
CA PHE B 373 15.48 11.64 -19.71
C PHE B 373 16.10 11.69 -18.31
N VAL B 374 15.54 10.93 -17.35
CA VAL B 374 16.06 10.89 -15.98
C VAL B 374 15.93 9.45 -15.50
N ASN B 375 17.00 8.91 -14.92
CA ASN B 375 16.98 7.52 -14.42
C ASN B 375 16.53 7.50 -12.95
N GLU B 376 15.31 7.03 -12.75
CA GLU B 376 14.72 6.87 -11.39
C GLU B 376 15.02 5.45 -10.83
N ASP B 377 15.49 4.49 -11.64
CA ASP B 377 15.99 3.23 -11.04
C ASP B 377 17.23 3.56 -10.17
N VAL B 378 17.39 2.82 -9.06
CA VAL B 378 18.31 3.19 -8.00
C VAL B 378 19.61 2.37 -8.00
N PHE B 379 19.52 1.08 -8.28
CA PHE B 379 20.67 0.18 -8.30
C PHE B 379 21.43 0.35 -9.62
N ASP B 380 22.59 1.00 -9.56
CA ASP B 380 23.32 1.35 -10.79
C ASP B 380 24.73 0.75 -10.88
N LEU B 381 24.95 -0.30 -10.10
CA LEU B 381 26.16 -1.10 -10.16
C LEU B 381 25.98 -2.30 -11.11
N LEU B 382 27.06 -3.07 -11.27
CA LEU B 382 27.08 -4.31 -12.11
C LEU B 382 26.80 -4.00 -13.59
N GLU B 383 26.23 -4.94 -14.35
CA GLU B 383 26.03 -4.75 -15.77
C GLU B 383 24.87 -5.62 -16.29
N GLY B 384 24.43 -5.29 -17.49
CA GLY B 384 23.41 -6.09 -18.18
C GLY B 384 22.11 -6.18 -17.38
N GLU B 385 21.55 -7.39 -17.31
CA GLU B 385 20.31 -7.60 -16.54
C GLU B 385 20.50 -7.47 -15.03
N ARG B 386 21.75 -7.41 -14.56
CA ARG B 386 22.00 -7.16 -13.14
C ARG B 386 22.02 -5.68 -12.73
N THR B 387 22.02 -4.76 -13.71
CA THR B 387 22.06 -3.32 -13.45
C THR B 387 20.73 -2.59 -13.76
N GLY B 388 20.52 -1.48 -13.04
CA GLY B 388 19.45 -0.51 -13.32
C GLY B 388 19.92 0.77 -14.02
N ARG B 389 21.17 0.82 -14.52
CA ARG B 389 21.58 1.89 -15.47
C ARG B 389 20.81 1.68 -16.76
N HIS B 390 20.54 2.77 -17.47
CA HIS B 390 19.78 2.73 -18.73
C HIS B 390 20.28 3.81 -19.70
N ASP B 391 20.07 3.59 -20.99
CA ASP B 391 20.21 4.66 -22.01
C ASP B 391 18.95 4.66 -22.86
N ALA B 392 18.93 5.56 -23.84
CA ALA B 392 17.84 5.59 -24.81
C ALA B 392 18.48 5.75 -26.19
N VAL B 393 18.26 4.77 -27.06
CA VAL B 393 18.93 4.71 -28.39
C VAL B 393 17.89 4.41 -29.48
N VAL B 394 17.85 5.23 -30.54
CA VAL B 394 16.83 5.04 -31.59
C VAL B 394 17.06 3.76 -32.40
N ILE B 395 15.97 3.05 -32.70
CA ILE B 395 16.01 1.83 -33.52
C ILE B 395 15.13 1.91 -34.78
N ASP B 396 14.27 2.93 -34.87
CA ASP B 396 13.43 3.17 -36.07
C ASP B 396 13.34 4.68 -36.22
N VAL B 397 13.96 5.21 -37.28
CA VAL B 397 14.18 6.64 -37.47
C VAL B 397 13.27 7.17 -38.59
N GLN B 398 12.30 8.01 -38.24
CA GLN B 398 11.44 8.69 -39.22
C GLN B 398 11.45 10.20 -38.93
N GLY B 399 12.64 10.76 -38.94
CA GLY B 399 12.76 12.19 -38.74
C GLY B 399 14.22 12.53 -38.78
N PRO B 400 14.55 13.83 -38.81
CA PRO B 400 15.93 14.28 -38.94
C PRO B 400 16.79 14.28 -37.69
N GLU B 401 16.25 13.98 -36.50
CA GLU B 401 17.00 14.15 -35.24
C GLU B 401 17.09 12.84 -34.41
N PRO B 402 17.72 11.78 -34.97
CA PRO B 402 17.96 10.55 -34.19
C PRO B 402 18.90 10.82 -33.01
N PHE B 403 18.86 9.98 -31.97
CA PHE B 403 19.60 10.23 -30.70
C PHE B 403 20.13 8.95 -30.06
N VAL B 404 21.24 9.07 -29.32
CA VAL B 404 21.87 7.96 -28.58
C VAL B 404 22.38 8.57 -27.27
N THR B 405 21.64 8.40 -26.16
CA THR B 405 22.01 9.05 -24.89
C THR B 405 23.20 8.32 -24.29
N PRO B 406 23.93 8.97 -23.38
CA PRO B 406 24.87 8.24 -22.54
C PRO B 406 24.11 7.28 -21.62
N LYS B 407 24.84 6.34 -21.02
CA LYS B 407 24.28 5.47 -20.01
C LYS B 407 24.18 6.24 -18.70
N LEU B 408 22.98 6.27 -18.13
CA LEU B 408 22.68 7.10 -16.97
C LEU B 408 22.60 6.25 -15.71
N GLY B 409 23.38 6.64 -14.69
CA GLY B 409 23.20 6.18 -13.31
C GLY B 409 22.00 6.83 -12.61
N HIS B 410 21.77 6.43 -11.36
CA HIS B 410 20.61 6.92 -10.63
C HIS B 410 20.61 8.43 -10.51
N GLY B 411 19.51 9.05 -10.85
CA GLY B 411 19.37 10.48 -10.70
C GLY B 411 20.12 11.31 -11.75
N GLU B 412 20.75 10.65 -12.70
CA GLU B 412 21.44 11.35 -13.83
C GLU B 412 20.46 11.65 -14.93
N ARG B 413 20.77 12.69 -15.71
CA ARG B 413 19.83 13.29 -16.64
C ARG B 413 20.46 13.56 -18.00
N TYR B 414 19.64 13.60 -19.05
CA TYR B 414 20.11 13.97 -20.40
C TYR B 414 19.01 14.65 -21.20
N ARG B 415 19.33 15.85 -21.74
CA ARG B 415 18.38 16.67 -22.48
C ARG B 415 18.59 16.64 -24.01
N ILE B 416 17.48 16.58 -24.73
CA ILE B 416 17.43 16.63 -26.21
C ILE B 416 16.38 17.68 -26.59
N THR B 417 16.74 18.68 -27.41
CA THR B 417 15.75 19.65 -27.97
C THR B 417 15.38 19.26 -29.41
N PHE B 418 14.08 19.11 -29.68
CA PHE B 418 13.56 18.69 -30.98
C PHE B 418 13.02 19.92 -31.68
N THR B 419 13.57 20.23 -32.87
CA THR B 419 13.20 21.44 -33.63
C THR B 419 12.43 21.13 -34.93
N LYS B 420 12.29 19.87 -35.29
CA LYS B 420 11.62 19.50 -36.53
C LYS B 420 10.66 18.34 -36.31
N PRO B 421 9.61 18.23 -37.17
CA PRO B 421 8.67 17.13 -37.03
C PRO B 421 9.30 15.80 -37.36
N GLY B 422 8.75 14.75 -36.74
CA GLY B 422 9.26 13.39 -36.92
C GLY B 422 8.78 12.44 -35.84
N GLU B 423 9.22 11.20 -35.96
CA GLU B 423 8.77 10.12 -35.08
C GLU B 423 9.94 9.16 -34.87
N TYR B 424 10.14 8.73 -33.62
CA TYR B 424 11.28 7.88 -33.26
C TYR B 424 10.85 6.78 -32.32
N VAL B 425 11.18 5.53 -32.65
CA VAL B 425 11.04 4.39 -31.71
C VAL B 425 12.43 4.16 -31.14
N TYR B 426 12.53 4.04 -29.79
CA TYR B 426 13.78 3.88 -29.11
C TYR B 426 13.76 2.73 -28.08
N ILE B 427 14.95 2.21 -27.74
CA ILE B 427 15.12 1.17 -26.69
C ILE B 427 16.23 1.55 -25.73
N CYS B 428 16.40 0.75 -24.70
CA CYS B 428 17.62 0.73 -23.93
C CYS B 428 18.54 -0.36 -24.53
N SER B 429 19.80 0.01 -24.83
CA SER B 429 20.79 -0.94 -25.36
C SER B 429 21.19 -2.02 -24.34
N ILE B 430 21.10 -1.69 -23.05
CA ILE B 430 21.42 -2.65 -21.95
C ILE B 430 20.32 -3.69 -21.81
N HIS B 431 19.06 -3.20 -21.84
CA HIS B 431 17.86 -4.03 -21.68
C HIS B 431 16.94 -3.85 -22.93
N PRO B 432 17.19 -4.59 -24.03
CA PRO B 432 16.55 -4.29 -25.32
C PRO B 432 15.03 -4.48 -25.46
N TYR B 433 14.40 -5.11 -24.48
CA TYR B 433 12.94 -5.21 -24.39
C TYR B 433 12.27 -3.93 -23.83
N MET B 434 13.05 -2.99 -23.27
CA MET B 434 12.53 -1.65 -22.90
C MET B 434 12.38 -0.84 -24.18
N LYS B 435 11.20 -0.24 -24.38
CA LYS B 435 10.85 0.46 -25.63
C LYS B 435 9.91 1.61 -25.38
N GLY B 436 10.14 2.71 -26.11
CA GLY B 436 9.27 3.84 -26.10
C GLY B 436 9.22 4.57 -27.44
N ILE B 437 8.37 5.59 -27.52
CA ILE B 437 8.18 6.39 -28.75
C ILE B 437 8.15 7.85 -28.38
N ILE B 438 8.85 8.67 -29.17
CA ILE B 438 8.66 10.12 -29.17
C ILE B 438 8.19 10.56 -30.57
N ARG B 439 7.13 11.36 -30.63
CA ARG B 439 6.63 11.94 -31.91
C ARG B 439 6.67 13.44 -31.73
N VAL B 440 7.20 14.15 -32.74
CA VAL B 440 7.28 15.61 -32.73
C VAL B 440 6.32 16.13 -33.82
N TYR B 441 5.35 16.95 -33.42
CA TYR B 441 4.31 17.50 -34.32
C TYR B 441 4.47 18.99 -34.56
N GLU B 442 3.89 19.47 -35.68
CA GLU B 442 4.01 20.87 -36.18
C GLU B 442 2.75 21.24 -36.99
N PRO B 443 2.28 22.50 -36.91
CA PRO B 443 1.11 22.85 -37.73
C PRO B 443 1.40 22.85 -39.24
N LEU B 444 0.51 22.24 -40.02
CA LEU B 444 0.50 22.33 -41.49
C LEU B 444 0.19 23.74 -41.99
N ALA C 20 -27.44 -20.61 25.27
CA ALA C 20 -28.52 -19.61 24.99
C ALA C 20 -28.88 -19.47 23.52
N GLU C 21 -30.09 -19.00 23.26
CA GLU C 21 -30.48 -18.56 21.93
C GLU C 21 -30.49 -17.05 21.95
N ARG C 22 -29.83 -16.46 20.96
CA ARG C 22 -29.62 -15.04 20.89
C ARG C 22 -30.15 -14.58 19.55
N HIS C 23 -30.85 -13.46 19.55
CA HIS C 23 -31.45 -12.98 18.33
C HIS C 23 -31.05 -11.55 18.03
N PHE C 24 -30.64 -11.30 16.79
CA PHE C 24 -30.19 -10.00 16.34
C PHE C 24 -30.85 -9.62 15.02
N THR C 25 -31.18 -8.33 14.89
CA THR C 25 -31.79 -7.82 13.67
C THR C 25 -30.88 -6.80 12.99
N LEU C 26 -30.50 -7.07 11.74
CA LEU C 26 -29.75 -6.12 10.92
C LEU C 26 -30.60 -5.57 9.77
N GLU C 27 -30.57 -4.25 9.58
CA GLU C 27 -31.36 -3.57 8.59
C GLU C 27 -30.48 -2.82 7.57
N ALA C 28 -30.39 -3.34 6.35
CA ALA C 28 -29.61 -2.71 5.29
C ALA C 28 -30.27 -1.44 4.76
N ARG C 29 -29.49 -0.36 4.68
CA ARG C 29 -29.98 0.95 4.19
C ARG C 29 -28.91 1.84 3.57
N SER C 30 -29.38 2.89 2.89
CA SER C 30 -28.56 4.01 2.44
C SER C 30 -28.46 5.01 3.57
N SER C 31 -27.28 5.56 3.83
CA SER C 31 -27.09 6.49 4.97
C SER C 31 -26.07 7.61 4.70
N ILE C 32 -26.03 8.55 5.63
CA ILE C 32 -25.07 9.65 5.62
C ILE C 32 -24.42 9.69 7.02
N PHE C 33 -23.08 9.61 7.09
CA PHE C 33 -22.34 9.65 8.36
C PHE C 33 -21.55 10.95 8.57
N GLU C 34 -21.58 11.56 9.77
CA GLU C 34 -20.71 12.72 10.05
C GLU C 34 -19.34 12.22 10.59
N VAL C 35 -18.35 12.09 9.71
CA VAL C 35 -17.06 11.48 10.08
C VAL C 35 -16.05 12.46 10.72
N ASP C 36 -16.32 13.76 10.63
CA ASP C 36 -15.51 14.79 11.31
C ASP C 36 -16.44 16.01 11.46
N GLN C 37 -16.03 17.05 12.20
CA GLN C 37 -16.86 18.25 12.31
C GLN C 37 -17.05 18.83 10.92
N GLY C 38 -18.31 19.01 10.50
CA GLY C 38 -18.64 19.62 9.17
C GLY C 38 -18.32 18.73 7.93
N VAL C 39 -17.99 17.46 8.14
CA VAL C 39 -17.58 16.55 7.04
C VAL C 39 -18.50 15.32 7.00
N TYR C 40 -19.27 15.18 5.91
CA TYR C 40 -20.27 14.13 5.76
C TYR C 40 -19.90 13.14 4.68
N LEU C 41 -20.16 11.86 4.94
CA LEU C 41 -19.87 10.74 4.04
C LEU C 41 -21.14 10.00 3.66
N ARG C 42 -21.43 9.89 2.36
CA ARG C 42 -22.57 9.09 1.87
C ARG C 42 -22.12 7.68 1.60
N GLY C 43 -22.96 6.72 1.96
CA GLY C 43 -22.69 5.31 1.73
C GLY C 43 -23.85 4.40 2.06
N PHE C 44 -23.53 3.18 2.46
CA PHE C 44 -24.50 2.18 2.88
C PHE C 44 -24.20 1.77 4.33
N SER C 45 -25.23 1.37 5.08
CA SER C 45 -25.07 0.90 6.46
C SER C 45 -25.94 -0.31 6.81
N PHE C 46 -25.66 -0.86 7.98
CA PHE C 46 -26.64 -1.62 8.74
C PHE C 46 -27.11 -0.73 9.91
N ASN C 47 -28.42 -0.50 9.97
CA ASN C 47 -29.07 0.24 11.06
C ASN C 47 -28.62 1.69 11.24
N ASP C 48 -28.24 2.33 10.14
CA ASP C 48 -27.90 3.74 10.09
C ASP C 48 -26.63 4.15 10.89
N MET C 49 -25.70 3.22 11.09
N MET C 49 -25.67 3.25 11.05
CA MET C 49 -24.39 3.46 11.75
CA MET C 49 -24.37 3.64 11.59
C MET C 49 -23.29 2.74 10.97
C MET C 49 -23.28 2.76 10.99
N SER C 50 -22.08 3.32 10.91
CA SER C 50 -20.88 2.64 10.35
C SER C 50 -19.67 2.92 11.26
N PRO C 51 -19.14 1.91 11.97
CA PRO C 51 -19.57 0.50 11.89
C PRO C 51 -20.96 0.24 12.46
N GLY C 52 -21.56 -0.86 12.01
CA GLY C 52 -22.90 -1.22 12.40
C GLY C 52 -23.04 -1.75 13.85
N PRO C 53 -24.24 -2.23 14.21
CA PRO C 53 -24.50 -2.81 15.52
C PRO C 53 -23.48 -3.86 15.91
N MET C 54 -22.96 -3.79 17.13
CA MET C 54 -22.02 -4.77 17.64
C MET C 54 -22.79 -5.89 18.31
N LEU C 55 -22.49 -7.14 17.93
CA LEU C 55 -23.14 -8.33 18.48
C LEU C 55 -22.19 -9.09 19.37
N VAL C 56 -22.62 -9.48 20.57
CA VAL C 56 -21.79 -10.26 21.49
C VAL C 56 -22.56 -11.48 21.96
N VAL C 57 -21.96 -12.65 21.81
CA VAL C 57 -22.52 -13.92 22.26
C VAL C 57 -21.46 -14.72 22.97
N GLU C 58 -21.88 -15.85 23.55
CA GLU C 58 -20.98 -16.79 24.21
C GLU C 58 -20.73 -17.99 23.29
N GLU C 59 -19.54 -18.59 23.42
CA GLU C 59 -19.18 -19.82 22.71
C GLU C 59 -20.22 -20.93 22.95
N GLY C 60 -20.66 -21.56 21.87
CA GLY C 60 -21.72 -22.58 21.94
C GLY C 60 -23.14 -22.07 21.82
N ASP C 61 -23.38 -20.74 21.87
CA ASP C 61 -24.73 -20.20 21.66
C ASP C 61 -25.27 -20.48 20.26
N THR C 62 -26.60 -20.56 20.17
CA THR C 62 -27.31 -20.55 18.91
C THR C 62 -27.61 -19.11 18.55
N VAL C 63 -27.19 -18.69 17.36
CA VAL C 63 -27.33 -17.30 16.94
C VAL C 63 -28.37 -17.25 15.83
N HIS C 64 -29.46 -16.49 16.07
CA HIS C 64 -30.49 -16.29 15.06
C HIS C 64 -30.28 -14.89 14.53
N ILE C 65 -30.17 -14.74 13.21
CA ILE C 65 -30.11 -13.45 12.54
C ILE C 65 -31.40 -13.19 11.74
N THR C 66 -31.93 -11.99 11.85
CA THR C 66 -33.00 -11.53 10.98
C THR C 66 -32.40 -10.40 10.18
N LEU C 67 -32.36 -10.55 8.85
CA LEU C 67 -31.84 -9.51 7.98
C LEU C 67 -32.96 -8.91 7.17
N ARG C 68 -33.10 -7.60 7.18
CA ARG C 68 -34.14 -6.93 6.42
C ARG C 68 -33.52 -5.92 5.49
N ASN C 69 -33.97 -5.88 4.24
CA ASN C 69 -33.48 -4.88 3.29
C ASN C 69 -34.46 -3.73 3.14
N LEU C 70 -34.07 -2.58 3.69
CA LEU C 70 -34.89 -1.39 3.73
C LEU C 70 -34.53 -0.42 2.61
N ASP C 71 -33.58 -0.79 1.76
CA ASP C 71 -33.10 0.08 0.68
C ASP C 71 -33.83 -0.22 -0.66
N ASN C 72 -33.52 0.58 -1.68
CA ASN C 72 -33.98 0.39 -3.08
C ASN C 72 -33.04 -0.42 -3.99
N VAL C 73 -31.88 -0.88 -3.47
CA VAL C 73 -31.03 -1.85 -4.18
C VAL C 73 -30.80 -3.09 -3.32
N THR C 74 -30.36 -4.14 -3.99
CA THR C 74 -30.05 -5.45 -3.37
C THR C 74 -28.90 -5.33 -2.36
N HIS C 75 -28.98 -6.08 -1.26
CA HIS C 75 -27.93 -6.15 -0.23
C HIS C 75 -27.81 -7.62 0.18
N GLY C 76 -27.14 -7.88 1.29
CA GLY C 76 -26.96 -9.24 1.77
C GLY C 76 -26.10 -9.24 3.00
N LEU C 77 -25.61 -10.40 3.40
CA LEU C 77 -24.76 -10.49 4.60
C LEU C 77 -23.83 -11.71 4.58
N SER C 78 -22.57 -11.45 4.95
CA SER C 78 -21.63 -12.48 5.36
C SER C 78 -21.27 -12.27 6.83
N ILE C 79 -21.14 -13.37 7.58
CA ILE C 79 -20.87 -13.30 9.01
C ILE C 79 -19.80 -14.32 9.38
N HIS C 80 -18.59 -13.83 9.70
CA HIS C 80 -17.42 -14.71 9.75
C HIS C 80 -17.43 -15.68 10.94
N ALA C 81 -18.26 -15.44 11.97
CA ALA C 81 -18.46 -16.41 13.08
C ALA C 81 -19.16 -17.71 12.69
N ALA C 82 -19.77 -17.75 11.52
CA ALA C 82 -20.43 -18.97 11.02
C ALA C 82 -19.49 -19.87 10.20
N ASN C 83 -19.22 -21.10 10.70
CA ASN C 83 -18.54 -22.16 9.96
C ASN C 83 -19.60 -23.10 9.31
N THR C 84 -20.37 -22.52 8.40
CA THR C 84 -21.38 -23.23 7.62
C THR C 84 -21.80 -22.32 6.46
N GLN C 85 -22.39 -22.93 5.43
N GLN C 85 -22.41 -22.91 5.43
CA GLN C 85 -22.87 -22.21 4.25
CA GLN C 85 -22.85 -22.18 4.22
C GLN C 85 -23.74 -21.00 4.58
C GLN C 85 -23.74 -20.99 4.59
N THR C 86 -23.41 -19.82 4.03
CA THR C 86 -24.17 -18.59 4.28
C THR C 86 -24.76 -17.92 3.04
N SER C 87 -24.06 -17.94 1.91
N SER C 87 -24.06 -17.95 1.91
CA SER C 87 -24.48 -17.20 0.71
CA SER C 87 -24.46 -17.21 0.73
C SER C 87 -25.87 -17.63 0.19
C SER C 87 -25.84 -17.63 0.17
N ARG C 88 -26.22 -18.91 0.32
CA ARG C 88 -27.55 -19.40 -0.15
C ARG C 88 -28.69 -18.78 0.65
N PHE C 89 -28.42 -18.52 1.93
CA PHE C 89 -29.42 -18.10 2.90
C PHE C 89 -29.44 -16.60 3.12
N LEU C 90 -28.29 -15.93 2.97
CA LEU C 90 -28.16 -14.49 3.26
C LEU C 90 -27.68 -13.63 2.10
N GLY C 91 -27.45 -14.23 0.94
CA GLY C 91 -27.04 -13.46 -0.23
C GLY C 91 -28.18 -13.03 -1.10
N ASN C 92 -27.92 -12.01 -1.94
CA ASN C 92 -28.84 -11.58 -3.00
C ASN C 92 -30.24 -11.23 -2.47
N VAL C 93 -30.25 -10.37 -1.46
CA VAL C 93 -31.47 -10.02 -0.75
C VAL C 93 -32.09 -8.82 -1.44
N GLN C 94 -33.22 -9.03 -2.10
CA GLN C 94 -33.87 -7.98 -2.89
C GLN C 94 -34.50 -6.88 -2.00
N PRO C 95 -34.69 -5.67 -2.56
CA PRO C 95 -35.36 -4.60 -1.82
C PRO C 95 -36.68 -5.06 -1.18
N GLY C 96 -36.84 -4.79 0.11
CA GLY C 96 -38.03 -5.15 0.86
C GLY C 96 -38.08 -6.58 1.36
N GLU C 97 -37.10 -7.40 1.01
CA GLU C 97 -37.09 -8.81 1.43
C GLU C 97 -36.54 -8.97 2.86
N THR C 98 -36.92 -10.10 3.51
CA THR C 98 -36.39 -10.54 4.80
C THR C 98 -35.81 -11.96 4.71
N ARG C 99 -34.69 -12.20 5.40
CA ARG C 99 -34.20 -13.57 5.60
C ARG C 99 -34.03 -13.87 7.07
N GLU C 100 -34.16 -15.15 7.42
CA GLU C 100 -33.96 -15.64 8.77
C GLU C 100 -32.90 -16.72 8.64
N PHE C 101 -31.89 -16.71 9.52
CA PHE C 101 -30.80 -17.69 9.50
C PHE C 101 -30.26 -17.97 10.91
N SER C 102 -30.00 -19.23 11.22
CA SER C 102 -29.38 -19.59 12.48
C SER C 102 -28.11 -20.39 12.27
N PHE C 103 -27.14 -20.24 13.19
CA PHE C 103 -25.90 -21.02 13.23
C PHE C 103 -25.45 -21.15 14.67
N THR C 104 -24.61 -22.14 14.97
CA THR C 104 -23.98 -22.25 16.26
C THR C 104 -22.59 -21.58 16.24
N ALA C 105 -22.28 -20.81 17.29
CA ALA C 105 -20.97 -20.17 17.42
C ALA C 105 -19.96 -21.15 17.99
N ASP C 106 -19.35 -21.94 17.10
CA ASP C 106 -18.44 -23.02 17.48
C ASP C 106 -17.00 -22.58 17.76
N PHE C 107 -16.63 -21.35 17.35
CA PHE C 107 -15.25 -20.88 17.46
C PHE C 107 -15.19 -19.54 18.21
N PRO C 108 -14.40 -19.47 19.28
CA PRO C 108 -14.28 -18.21 20.03
C PRO C 108 -13.43 -17.16 19.30
N GLY C 109 -13.76 -15.88 19.47
CA GLY C 109 -12.94 -14.77 18.95
C GLY C 109 -13.69 -13.52 18.52
N VAL C 110 -13.02 -12.71 17.69
CA VAL C 110 -13.53 -11.42 17.20
C VAL C 110 -13.66 -11.53 15.68
N PHE C 111 -14.90 -11.43 15.18
CA PHE C 111 -15.24 -11.71 13.78
C PHE C 111 -15.85 -10.50 13.07
N MET C 112 -15.49 -10.32 11.81
CA MET C 112 -16.15 -9.33 10.95
C MET C 112 -17.50 -9.85 10.43
N TYR C 113 -18.46 -8.92 10.23
CA TYR C 113 -19.60 -9.18 9.34
C TYR C 113 -19.69 -8.00 8.37
N HIS C 114 -20.31 -8.20 7.22
CA HIS C 114 -20.36 -7.17 6.17
C HIS C 114 -21.41 -7.54 5.12
N CYS C 115 -21.74 -6.59 4.27
CA CYS C 115 -22.72 -6.83 3.23
C CYS C 115 -22.16 -7.82 2.21
N ALA C 116 -23.03 -8.68 1.66
CA ALA C 116 -22.65 -9.62 0.60
C ALA C 116 -23.84 -9.84 -0.36
N PRO C 117 -24.12 -8.86 -1.23
CA PRO C 117 -25.09 -9.10 -2.33
C PRO C 117 -24.67 -10.32 -3.13
N GLY C 118 -23.35 -10.49 -3.31
CA GLY C 118 -22.75 -11.54 -4.11
C GLY C 118 -21.84 -10.87 -5.13
N GLY C 119 -20.90 -11.65 -5.62
CA GLY C 119 -19.99 -11.20 -6.70
C GLY C 119 -19.27 -9.90 -6.43
N HIS C 120 -19.33 -9.00 -7.43
CA HIS C 120 -18.67 -7.72 -7.41
C HIS C 120 -19.12 -6.89 -6.20
N GLY C 121 -20.40 -7.02 -5.83
CA GLY C 121 -20.98 -6.17 -4.82
C GLY C 121 -20.47 -6.40 -3.44
N ILE C 122 -19.96 -7.59 -3.15
CA ILE C 122 -19.35 -7.88 -1.85
C ILE C 122 -18.29 -6.80 -1.56
N MET C 123 -17.37 -6.61 -2.51
CA MET C 123 -16.28 -5.63 -2.40
C MET C 123 -16.81 -4.20 -2.51
N ALA C 124 -17.70 -3.95 -3.48
CA ALA C 124 -18.17 -2.56 -3.69
C ALA C 124 -19.01 -2.02 -2.52
N HIS C 125 -19.89 -2.84 -1.96
CA HIS C 125 -20.72 -2.38 -0.80
C HIS C 125 -19.94 -2.27 0.50
N THR C 126 -19.03 -3.21 0.76
CA THR C 126 -18.27 -3.19 2.02
C THR C 126 -17.48 -1.89 2.15
N MET C 127 -16.86 -1.47 1.07
CA MET C 127 -16.09 -0.21 1.10
C MET C 127 -16.93 1.05 1.28
N GLY C 128 -18.24 0.96 1.04
CA GLY C 128 -19.19 2.06 1.32
C GLY C 128 -19.71 2.19 2.75
N GLY C 129 -19.28 1.32 3.68
CA GLY C 129 -19.64 1.48 5.10
C GLY C 129 -20.32 0.29 5.77
N GLN C 130 -20.70 -0.73 4.99
CA GLN C 130 -21.53 -1.83 5.49
C GLN C 130 -20.70 -2.93 6.14
N PHE C 131 -20.32 -2.69 7.39
CA PHE C 131 -19.54 -3.68 8.17
C PHE C 131 -19.76 -3.49 9.66
N GLY C 132 -19.41 -4.54 10.44
CA GLY C 132 -19.43 -4.49 11.90
C GLY C 132 -18.72 -5.67 12.54
N MET C 133 -18.85 -5.80 13.86
CA MET C 133 -18.21 -6.85 14.67
C MET C 133 -19.21 -7.78 15.36
N ILE C 134 -18.87 -9.08 15.39
CA ILE C 134 -19.52 -10.06 16.27
C ILE C 134 -18.42 -10.74 17.08
N VAL C 135 -18.59 -10.70 18.41
CA VAL C 135 -17.70 -11.31 19.37
C VAL C 135 -18.31 -12.59 19.94
N VAL C 136 -17.49 -13.63 19.98
CA VAL C 136 -17.81 -14.94 20.59
C VAL C 136 -16.86 -15.15 21.78
N GLU C 137 -17.39 -14.94 22.98
CA GLU C 137 -16.57 -15.04 24.20
C GLU C 137 -16.27 -16.50 24.52
N PRO C 138 -14.98 -16.85 24.74
CA PRO C 138 -14.61 -18.25 24.94
C PRO C 138 -15.05 -18.80 26.30
N LYS C 139 -15.28 -20.12 26.35
CA LYS C 139 -15.52 -20.80 27.60
C LYS C 139 -14.22 -20.84 28.39
N GLU C 140 -13.10 -21.13 27.73
CA GLU C 140 -11.77 -21.05 28.36
C GLU C 140 -11.44 -19.58 28.64
N LYS C 141 -11.18 -19.24 29.91
CA LYS C 141 -10.88 -17.84 30.24
C LYS C 141 -9.48 -17.42 29.73
N TYR C 142 -9.34 -16.16 29.30
CA TYR C 142 -8.05 -15.61 28.86
C TYR C 142 -7.08 -15.58 30.05
N ARG C 143 -5.77 -15.57 29.77
CA ARG C 143 -4.76 -15.77 30.79
C ARG C 143 -4.75 -14.76 31.96
N MET C 144 -4.90 -13.46 31.67
CA MET C 144 -4.89 -12.44 32.72
C MET C 144 -6.15 -12.52 33.61
N GLU C 145 -7.31 -12.89 33.05
CA GLU C 145 -8.50 -13.14 33.88
C GLU C 145 -8.25 -14.34 34.81
N ARG C 146 -7.72 -15.42 34.29
CA ARG C 146 -7.43 -16.60 35.10
C ARG C 146 -6.47 -16.22 36.24
N GLU C 147 -5.34 -15.62 35.89
CA GLU C 147 -4.31 -15.18 36.86
C GLU C 147 -4.80 -14.21 37.93
N LEU C 148 -5.67 -13.26 37.60
CA LEU C 148 -6.14 -12.29 38.58
C LEU C 148 -7.38 -12.75 39.36
N GLY C 149 -8.05 -13.78 38.86
CA GLY C 149 -9.28 -14.30 39.48
C GLY C 149 -10.48 -13.38 39.34
N ARG C 150 -10.47 -12.50 38.32
CA ARG C 150 -11.59 -11.59 38.07
C ARG C 150 -11.56 -11.10 36.63
N GLY C 151 -12.69 -10.58 36.18
CA GLY C 151 -12.84 -10.07 34.84
C GLY C 151 -12.31 -8.66 34.69
N PRO C 152 -12.31 -8.15 33.44
CA PRO C 152 -11.73 -6.84 33.20
C PRO C 152 -12.40 -5.73 33.99
N ASP C 153 -11.65 -4.72 34.40
CA ASP C 153 -12.22 -3.49 34.91
C ASP C 153 -12.93 -2.67 33.83
N LEU C 154 -12.43 -2.69 32.59
CA LEU C 154 -13.15 -2.09 31.46
C LEU C 154 -12.83 -2.87 30.15
N LYS C 155 -13.88 -3.15 29.37
CA LYS C 155 -13.74 -3.72 28.02
C LYS C 155 -13.90 -2.61 26.99
N LEU C 156 -13.02 -2.62 25.98
CA LEU C 156 -13.00 -1.63 24.93
C LEU C 156 -13.10 -2.42 23.61
N TYR C 157 -14.12 -2.13 22.81
CA TYR C 157 -14.35 -2.76 21.50
C TYR C 157 -14.09 -1.71 20.42
N ILE C 158 -13.11 -2.01 19.53
CA ILE C 158 -12.62 -1.02 18.56
C ILE C 158 -12.58 -1.59 17.11
N ILE C 159 -13.19 -0.90 16.16
CA ILE C 159 -12.99 -1.17 14.72
C ILE C 159 -12.18 -0.06 14.13
N GLN C 160 -11.18 -0.42 13.33
CA GLN C 160 -10.51 0.47 12.41
C GLN C 160 -11.07 0.33 11.01
N SER C 161 -11.36 1.43 10.33
CA SER C 161 -11.93 1.38 8.97
C SER C 161 -11.55 2.63 8.18
N GLU C 162 -11.65 2.50 6.85
CA GLU C 162 -11.25 3.54 5.88
C GLU C 162 -12.47 4.14 5.19
N ALA C 163 -12.34 5.39 4.73
CA ALA C 163 -13.34 6.03 3.88
C ALA C 163 -12.68 6.50 2.60
N TYR C 164 -13.40 6.39 1.47
CA TYR C 164 -12.88 6.72 0.13
C TYR C 164 -13.67 7.83 -0.58
N ALA C 165 -12.93 8.68 -1.28
CA ALA C 165 -13.51 9.75 -2.12
C ALA C 165 -14.01 9.30 -3.50
N SER C 166 -13.54 8.14 -3.95
CA SER C 166 -13.90 7.65 -5.30
C SER C 166 -13.56 6.19 -5.43
N GLY C 167 -14.20 5.52 -6.39
CA GLY C 167 -13.84 4.13 -6.70
C GLY C 167 -12.43 4.00 -7.30
N ARG C 168 -11.97 5.04 -7.99
CA ARG C 168 -10.60 5.14 -8.48
C ARG C 168 -9.61 5.09 -7.30
N ASP C 169 -9.88 5.86 -6.25
CA ASP C 169 -9.00 5.87 -5.05
C ASP C 169 -9.10 4.52 -4.32
N PHE C 170 -10.28 3.90 -4.33
CA PHE C 170 -10.43 2.55 -3.73
C PHE C 170 -9.52 1.50 -4.42
N TYR C 171 -9.54 1.45 -5.76
CA TYR C 171 -8.63 0.56 -6.53
C TYR C 171 -7.15 0.84 -6.20
N ASP C 172 -6.81 2.11 -6.10
CA ASP C 172 -5.43 2.54 -5.83
C ASP C 172 -4.96 2.46 -4.35
N GLY C 173 -5.84 2.09 -3.42
CA GLY C 173 -5.52 2.04 -1.98
C GLY C 173 -5.28 3.39 -1.34
N LYS C 174 -5.87 4.45 -1.90
CA LYS C 174 -5.68 5.80 -1.43
C LYS C 174 -6.89 6.22 -0.53
N ALA C 175 -6.86 5.92 0.77
CA ALA C 175 -7.95 6.29 1.70
C ALA C 175 -7.95 7.77 2.01
N LEU C 176 -9.14 8.41 2.02
CA LEU C 176 -9.23 9.80 2.46
C LEU C 176 -9.14 9.89 4.00
N TYR C 177 -9.90 9.05 4.70
CA TYR C 177 -9.86 9.07 6.16
C TYR C 177 -9.69 7.65 6.66
N VAL C 178 -9.04 7.52 7.81
CA VAL C 178 -8.92 6.24 8.53
C VAL C 178 -9.26 6.50 10.00
N MET C 179 -10.08 5.65 10.60
CA MET C 179 -10.75 6.01 11.89
C MET C 179 -11.08 4.84 12.80
N PHE C 180 -11.16 5.12 14.11
CA PHE C 180 -11.63 4.13 15.10
C PHE C 180 -13.13 4.42 15.36
N ASN C 181 -13.95 3.38 15.29
CA ASN C 181 -15.40 3.48 15.53
C ASN C 181 -16.12 4.66 14.78
N GLY C 182 -15.76 4.83 13.51
CA GLY C 182 -16.56 5.66 12.57
C GLY C 182 -16.43 7.17 12.59
N ARG C 183 -15.44 7.71 13.31
CA ARG C 183 -15.27 9.17 13.36
C ARG C 183 -13.79 9.54 13.62
N ASN C 184 -13.25 10.46 12.82
CA ASN C 184 -11.87 10.90 12.91
C ASN C 184 -11.54 11.41 14.30
N PHE C 185 -10.49 10.86 14.92
CA PHE C 185 -10.02 11.37 16.24
C PHE C 185 -11.15 11.43 17.29
N ARG C 186 -12.11 10.52 17.15
CA ARG C 186 -13.26 10.40 18.08
C ARG C 186 -12.86 10.43 19.56
N TYR C 187 -11.82 9.68 19.91
CA TYR C 187 -11.38 9.54 21.29
C TYR C 187 -10.21 10.47 21.65
N VAL C 188 -9.88 11.42 20.76
CA VAL C 188 -9.20 12.66 21.17
C VAL C 188 -10.26 13.66 21.67
N ASP C 189 -11.33 13.86 20.87
CA ASP C 189 -12.41 14.78 21.20
C ASP C 189 -13.11 14.35 22.51
N GLU C 190 -13.24 13.04 22.72
CA GLU C 190 -13.85 12.48 23.92
C GLU C 190 -12.97 11.36 24.46
N PRO C 191 -11.93 11.72 25.27
CA PRO C 191 -11.02 10.68 25.80
C PRO C 191 -11.70 9.63 26.69
N ILE C 192 -11.20 8.41 26.64
CA ILE C 192 -11.77 7.27 27.40
C ILE C 192 -11.22 7.22 28.86
N PRO C 193 -12.08 7.40 29.89
CA PRO C 193 -11.53 7.43 31.25
C PRO C 193 -11.12 6.03 31.74
N VAL C 194 -9.92 5.93 32.30
CA VAL C 194 -9.40 4.71 32.92
C VAL C 194 -8.67 5.09 34.22
N ARG C 195 -8.38 4.10 35.05
CA ARG C 195 -7.58 4.29 36.27
C ARG C 195 -6.23 3.57 36.18
N PRO C 196 -5.16 4.17 36.76
CA PRO C 196 -3.92 3.44 36.94
C PRO C 196 -4.17 2.12 37.66
N GLY C 197 -3.50 1.05 37.22
CA GLY C 197 -3.74 -0.32 37.70
C GLY C 197 -4.94 -1.07 37.10
N ASP C 198 -5.84 -0.43 36.34
CA ASP C 198 -6.97 -1.17 35.72
C ASP C 198 -6.50 -2.32 34.81
N TYR C 199 -7.20 -3.45 34.91
CA TYR C 199 -7.09 -4.53 33.92
C TYR C 199 -8.03 -4.22 32.74
N LEU C 200 -7.44 -3.85 31.59
CA LEU C 200 -8.20 -3.60 30.36
C LEU C 200 -8.19 -4.82 29.44
N ARG C 201 -9.33 -5.11 28.80
CA ARG C 201 -9.37 -6.08 27.68
C ARG C 201 -9.90 -5.38 26.41
N ILE C 202 -9.11 -5.42 25.33
CA ILE C 202 -9.38 -4.67 24.09
C ILE C 202 -9.74 -5.74 23.04
N TYR C 203 -10.85 -5.53 22.36
CA TYR C 203 -11.32 -6.39 21.26
C TYR C 203 -11.14 -5.53 20.00
N PHE C 204 -10.16 -5.89 19.15
CA PHE C 204 -9.77 -5.06 18.00
C PHE C 204 -10.00 -5.79 16.68
N LEU C 205 -10.70 -5.13 15.74
CA LEU C 205 -10.90 -5.67 14.39
C LEU C 205 -10.51 -4.60 13.39
N ASN C 206 -9.58 -4.93 12.49
CA ASN C 206 -9.25 -4.03 11.35
C ASN C 206 -10.12 -4.49 10.19
N VAL C 207 -11.13 -3.70 9.80
CA VAL C 207 -11.95 -4.10 8.65
C VAL C 207 -11.30 -3.70 7.31
N GLY C 208 -10.31 -2.84 7.34
CA GLY C 208 -9.70 -2.35 6.11
C GLY C 208 -10.63 -1.35 5.40
N PRO C 209 -10.99 -1.56 4.12
CA PRO C 209 -10.79 -2.81 3.41
C PRO C 209 -9.47 -3.04 2.68
N ASN C 210 -8.59 -2.03 2.60
CA ASN C 210 -7.29 -2.17 1.91
C ASN C 210 -6.01 -2.18 2.77
N LEU C 211 -6.00 -1.45 3.88
CA LEU C 211 -4.72 -1.13 4.58
C LEU C 211 -4.48 -1.97 5.85
N THR C 212 -3.22 -2.22 6.14
CA THR C 212 -2.82 -3.00 7.33
C THR C 212 -2.69 -2.01 8.50
N SER C 213 -2.82 -2.53 9.72
CA SER C 213 -2.75 -1.77 10.98
C SER C 213 -1.71 -2.39 11.89
N THR C 214 -1.05 -1.56 12.71
CA THR C 214 -0.18 -2.01 13.78
C THR C 214 -0.62 -1.26 15.05
N LEU C 215 -1.52 -1.87 15.81
CA LEU C 215 -2.12 -1.19 16.99
C LEU C 215 -1.11 -1.07 18.12
N HIS C 216 -1.10 0.09 18.77
CA HIS C 216 -0.06 0.46 19.75
C HIS C 216 -0.68 1.33 20.86
N VAL C 217 -0.17 1.24 22.10
CA VAL C 217 -0.49 2.23 23.17
C VAL C 217 0.79 2.92 23.66
N VAL C 218 0.85 4.26 23.55
CA VAL C 218 2.04 5.04 23.97
C VAL C 218 2.11 4.98 25.50
N GLY C 219 3.21 4.43 26.00
CA GLY C 219 3.38 4.18 27.44
C GLY C 219 2.97 2.78 27.85
N GLY C 220 2.68 1.91 26.88
CA GLY C 220 2.35 0.52 27.22
C GLY C 220 3.01 -0.56 26.37
N ILE C 221 3.24 -1.73 26.97
CA ILE C 221 3.65 -2.93 26.25
C ILE C 221 2.57 -3.94 26.56
N PHE C 222 1.86 -4.43 25.53
CA PHE C 222 0.74 -5.35 25.70
C PHE C 222 1.22 -6.66 26.32
N GLU C 223 0.59 -7.07 27.42
CA GLU C 223 1.09 -8.23 28.16
C GLU C 223 0.78 -9.54 27.44
N TYR C 224 -0.47 -9.73 27.05
CA TYR C 224 -0.92 -10.93 26.35
C TYR C 224 -1.83 -10.54 25.18
N MET C 225 -1.65 -11.16 24.02
CA MET C 225 -2.52 -10.96 22.86
C MET C 225 -2.91 -12.31 22.26
N TYR C 226 -4.09 -12.36 21.66
CA TYR C 226 -4.62 -13.58 21.08
C TYR C 226 -5.05 -13.32 19.65
N TYR C 227 -4.34 -13.91 18.69
CA TYR C 227 -4.67 -13.74 17.27
C TYR C 227 -6.04 -14.37 16.94
N GLN C 228 -6.88 -13.57 16.27
CA GLN C 228 -8.30 -13.84 15.99
C GLN C 228 -9.21 -13.80 17.24
N GLY C 229 -8.65 -13.42 18.38
CA GLY C 229 -9.36 -13.59 19.67
C GLY C 229 -9.45 -15.01 20.24
N ASN C 230 -8.80 -15.98 19.60
CA ASN C 230 -8.80 -17.36 20.09
C ASN C 230 -7.76 -17.54 21.20
N PRO C 231 -8.18 -17.99 22.41
CA PRO C 231 -7.20 -18.14 23.51
C PRO C 231 -5.96 -18.96 23.24
N LYS C 232 -5.99 -19.90 22.29
CA LYS C 232 -4.83 -20.73 21.97
C LYS C 232 -3.70 -19.99 21.24
N ASN C 233 -4.02 -18.90 20.55
CA ASN C 233 -3.06 -18.20 19.70
C ASN C 233 -2.34 -17.04 20.45
N LEU C 234 -1.61 -17.41 21.51
CA LEU C 234 -1.00 -16.43 22.43
C LEU C 234 0.34 -15.86 21.95
N VAL C 235 0.48 -14.53 22.04
CA VAL C 235 1.69 -13.77 21.77
C VAL C 235 1.88 -12.90 23.01
N VAL C 236 3.11 -12.79 23.52
CA VAL C 236 3.36 -12.01 24.73
C VAL C 236 4.30 -10.81 24.50
N GLY C 237 4.13 -9.77 25.33
CA GLY C 237 5.10 -8.68 25.40
C GLY C 237 5.33 -7.87 24.13
N ALA C 238 4.24 -7.35 23.56
CA ALA C 238 4.27 -6.71 22.25
C ALA C 238 4.02 -5.20 22.25
N GLN C 239 4.85 -4.50 21.49
CA GLN C 239 4.63 -3.07 21.23
C GLN C 239 3.58 -2.78 20.15
N THR C 240 3.29 -3.77 19.31
CA THR C 240 2.35 -3.67 18.22
C THR C 240 1.53 -4.98 18.06
N ALA C 241 0.29 -4.83 17.56
CA ALA C 241 -0.55 -5.93 17.11
C ALA C 241 -0.81 -5.77 15.59
N LEU C 242 -0.08 -6.54 14.79
CA LEU C 242 -0.16 -6.51 13.32
C LEU C 242 -1.52 -7.12 12.84
N ALA C 243 -2.29 -6.37 12.04
CA ALA C 243 -3.59 -6.82 11.52
C ALA C 243 -3.84 -6.35 10.10
N GLY C 244 -3.90 -7.29 9.16
CA GLY C 244 -4.40 -6.98 7.84
C GLY C 244 -5.91 -6.83 7.81
N PRO C 245 -6.49 -6.48 6.64
CA PRO C 245 -7.96 -6.40 6.54
C PRO C 245 -8.68 -7.70 6.94
N SER C 246 -9.63 -7.57 7.89
CA SER C 246 -10.41 -8.65 8.56
C SER C 246 -9.65 -9.49 9.57
N ASP C 247 -8.38 -9.14 9.87
CA ASP C 247 -7.67 -9.69 11.03
C ASP C 247 -8.16 -9.02 12.32
N SER C 248 -8.07 -9.77 13.41
CA SER C 248 -8.51 -9.28 14.74
C SER C 248 -7.60 -9.79 15.84
N TRP C 249 -7.68 -9.14 17.00
CA TRP C 249 -6.97 -9.49 18.21
C TRP C 249 -7.83 -9.27 19.45
N VAL C 250 -7.64 -10.11 20.48
CA VAL C 250 -7.95 -9.72 21.88
C VAL C 250 -6.63 -9.41 22.62
N ILE C 251 -6.59 -8.30 23.34
CA ILE C 251 -5.37 -7.82 24.03
C ILE C 251 -5.73 -7.62 25.54
N GLU C 252 -4.88 -8.15 26.42
CA GLU C 252 -4.97 -7.90 27.88
C GLU C 252 -3.76 -7.07 28.32
N TRP C 253 -4.00 -5.96 29.02
CA TRP C 253 -2.97 -5.04 29.46
C TRP C 253 -3.45 -4.35 30.75
N ARG C 254 -2.56 -4.22 31.73
CA ARG C 254 -2.81 -3.37 32.90
C ARG C 254 -2.26 -1.98 32.70
N VAL C 255 -3.07 -0.98 33.05
CA VAL C 255 -2.64 0.41 32.98
C VAL C 255 -1.54 0.54 34.07
N PRO C 256 -0.33 1.01 33.69
CA PRO C 256 0.74 1.26 34.66
C PRO C 256 0.31 2.20 35.81
N PRO C 257 1.03 2.16 36.94
CA PRO C 257 0.56 2.91 38.12
C PRO C 257 0.86 4.40 38.13
N VAL C 258 0.70 5.08 36.98
CA VAL C 258 1.05 6.47 36.83
C VAL C 258 -0.05 7.14 36.03
N GLU C 259 -0.54 8.27 36.52
CA GLU C 259 -1.61 9.03 35.86
C GLU C 259 -1.11 9.72 34.57
N GLY C 260 -2.04 10.01 33.66
CA GLY C 260 -1.78 10.73 32.42
C GLY C 260 -2.37 10.03 31.21
N ASP C 261 -2.11 10.59 30.04
CA ASP C 261 -2.69 10.08 28.79
C ASP C 261 -1.84 8.92 28.21
N TYR C 262 -2.51 7.82 27.85
CA TYR C 262 -1.91 6.70 27.19
C TYR C 262 -2.60 6.60 25.82
N THR C 263 -1.88 6.99 24.76
CA THR C 263 -2.49 7.22 23.45
C THR C 263 -2.60 5.89 22.67
N LEU C 264 -3.79 5.61 22.16
CA LEU C 264 -4.05 4.44 21.30
C LEU C 264 -3.88 4.88 19.84
N VAL C 265 -3.08 4.13 19.07
CA VAL C 265 -2.72 4.58 17.72
C VAL C 265 -2.31 3.37 16.88
N THR C 266 -2.47 3.52 15.56
CA THR C 266 -1.83 2.61 14.59
C THR C 266 -0.47 3.17 14.22
N HIS C 267 0.55 2.32 14.25
CA HIS C 267 1.91 2.78 13.92
C HIS C 267 2.17 2.87 12.38
N VAL C 268 1.14 2.62 11.57
CA VAL C 268 1.16 2.92 10.14
C VAL C 268 0.80 4.43 10.07
N PHE C 269 1.84 5.26 10.14
CA PHE C 269 1.64 6.69 10.50
C PHE C 269 0.98 7.52 9.40
N GLY C 270 1.03 7.07 8.13
CA GLY C 270 0.21 7.69 7.08
C GLY C 270 -1.29 7.44 7.17
N THR C 271 -1.72 6.50 8.03
CA THR C 271 -3.12 6.32 8.40
C THR C 271 -3.49 6.92 9.78
N ALA C 272 -2.54 6.93 10.75
CA ALA C 272 -2.79 7.62 12.04
C ALA C 272 -3.07 9.11 11.81
N ILE C 273 -2.35 9.67 10.86
CA ILE C 273 -2.47 11.10 10.54
C ILE C 273 -3.83 11.48 9.92
N LYS C 274 -4.54 10.47 9.40
CA LYS C 274 -5.84 10.59 8.73
C LYS C 274 -7.05 10.37 9.65
N GLY C 275 -6.82 10.12 10.97
CA GLY C 275 -7.89 10.02 11.95
C GLY C 275 -7.81 8.90 12.98
N ALA C 276 -6.85 8.01 12.86
CA ALA C 276 -6.82 6.72 13.68
C ALA C 276 -5.85 6.89 14.86
N LEU C 277 -6.30 7.72 15.81
CA LEU C 277 -5.57 8.03 17.02
C LEU C 277 -6.63 8.40 18.08
N GLY C 278 -6.52 7.86 19.30
CA GLY C 278 -7.41 8.20 20.44
C GLY C 278 -6.66 8.19 21.76
N ILE C 279 -7.33 8.58 22.85
CA ILE C 279 -6.66 8.78 24.18
C ILE C 279 -7.37 7.97 25.27
N LEU C 280 -6.61 7.16 26.02
CA LEU C 280 -7.02 6.59 27.31
C LEU C 280 -6.51 7.52 28.43
N ARG C 281 -7.40 8.22 29.13
CA ARG C 281 -7.00 9.24 30.11
C ARG C 281 -7.05 8.66 31.51
N ALA C 282 -5.88 8.35 32.06
CA ALA C 282 -5.76 7.62 33.32
C ALA C 282 -5.76 8.62 34.48
N LYS C 283 -6.73 8.46 35.38
CA LYS C 283 -6.85 9.29 36.63
C LYS C 283 -7.28 8.40 37.76
N LYS C 284 -6.67 8.59 38.93
CA LYS C 284 -6.97 7.79 40.14
C LYS C 284 -8.44 7.78 40.50
N ASP C 285 -9.11 8.91 40.31
CA ASP C 285 -10.54 9.03 40.72
C ASP C 285 -11.54 8.77 39.56
N ALA C 286 -11.10 8.14 38.47
CA ALA C 286 -11.92 8.07 37.25
C ALA C 286 -13.15 7.20 37.49
N PRO C 287 -14.33 7.68 37.05
CA PRO C 287 -15.52 6.84 37.15
C PRO C 287 -15.45 5.67 36.21
N ARG C 288 -16.12 4.58 36.60
CA ARG C 288 -16.30 3.47 35.71
C ARG C 288 -17.40 3.75 34.66
N ILE C 289 -16.99 4.09 33.43
CA ILE C 289 -17.96 4.39 32.38
C ILE C 289 -18.50 3.12 31.76
N PRO C 290 -19.61 3.23 31.01
CA PRO C 290 -20.07 2.04 30.28
C PRO C 290 -19.05 1.60 29.19
N GLU C 291 -19.05 0.31 28.88
CA GLU C 291 -18.14 -0.25 27.87
C GLU C 291 -18.18 0.50 26.54
N VAL C 292 -17.02 0.61 25.91
CA VAL C 292 -16.88 1.31 24.63
C VAL C 292 -17.28 0.30 23.55
N ARG C 293 -18.41 0.54 22.89
CA ARG C 293 -18.93 -0.34 21.83
C ARG C 293 -18.33 0.03 20.45
N ALA C 294 -18.20 -0.98 19.60
CA ALA C 294 -17.58 -0.78 18.28
C ALA C 294 -18.64 -0.41 17.25
N GLU C 295 -19.20 0.80 17.42
CA GLU C 295 -20.38 1.26 16.70
C GLU C 295 -20.18 2.72 16.35
N GLY C 296 -20.53 3.08 15.12
CA GLY C 296 -20.50 4.46 14.66
C GLY C 296 -21.54 5.36 15.34
N VAL C 297 -21.40 6.66 15.15
CA VAL C 297 -22.40 7.64 15.58
C VAL C 297 -23.60 7.51 14.62
N PRO C 298 -24.85 7.49 15.12
CA PRO C 298 -26.00 7.40 14.19
C PRO C 298 -25.97 8.48 13.10
N GLY C 299 -26.47 8.14 11.90
CA GLY C 299 -26.40 9.04 10.75
C GLY C 299 -27.40 10.18 10.75
N VAL C 300 -27.28 11.05 9.74
CA VAL C 300 -28.22 12.16 9.55
C VAL C 300 -29.12 11.94 8.34
N LYS C 301 -30.16 12.76 8.21
CA LYS C 301 -31.09 12.67 7.06
C LYS C 301 -30.85 13.72 6.00
N GLU C 302 -30.45 14.90 6.43
CA GLU C 302 -30.06 15.97 5.53
C GLU C 302 -28.66 16.41 5.90
N ILE C 303 -27.97 16.98 4.92
CA ILE C 303 -26.68 17.60 5.16
C ILE C 303 -26.97 19.08 5.38
N PRO C 304 -26.47 19.64 6.49
CA PRO C 304 -26.72 21.06 6.74
C PRO C 304 -25.93 22.00 5.84
N ALA C 305 -26.40 23.25 5.80
CA ALA C 305 -25.75 24.31 5.02
C ALA C 305 -24.40 24.70 5.63
N SER C 306 -24.20 24.38 6.91
CA SER C 306 -22.88 24.53 7.56
C SER C 306 -21.78 23.56 7.08
N ALA C 307 -22.11 22.50 6.33
CA ALA C 307 -21.13 21.46 5.92
C ALA C 307 -19.97 22.03 5.13
N LYS C 308 -18.75 21.58 5.43
CA LYS C 308 -17.59 22.01 4.63
C LYS C 308 -17.16 21.01 3.54
N ARG C 309 -17.60 19.76 3.64
CA ARG C 309 -17.26 18.75 2.65
C ARG C 309 -18.31 17.65 2.70
N VAL C 310 -18.73 17.18 1.51
CA VAL C 310 -19.50 15.95 1.39
C VAL C 310 -18.73 14.96 0.53
N VAL C 311 -18.44 13.79 1.10
CA VAL C 311 -17.66 12.74 0.44
C VAL C 311 -18.66 11.68 -0.04
N ASP C 312 -18.50 11.20 -1.28
CA ASP C 312 -19.34 10.14 -1.82
C ASP C 312 -18.53 9.31 -2.83
N PRO C 313 -18.15 8.07 -2.46
CA PRO C 313 -17.31 7.35 -3.41
C PRO C 313 -17.99 7.05 -4.76
N TYR C 314 -19.28 6.78 -4.73
CA TYR C 314 -20.05 6.35 -5.91
C TYR C 314 -20.62 7.51 -6.78
N GLY C 315 -20.87 8.66 -6.18
CA GLY C 315 -21.69 9.73 -6.80
C GLY C 315 -21.05 11.08 -6.73
N LEU C 316 -21.86 12.14 -6.77
CA LEU C 316 -21.35 13.50 -6.80
C LEU C 316 -20.95 13.95 -5.38
N ALA C 317 -19.79 14.57 -5.27
CA ALA C 317 -19.28 15.06 -3.98
C ALA C 317 -19.27 16.58 -3.98
N SER C 318 -19.10 17.19 -2.79
CA SER C 318 -19.01 18.66 -2.62
C SER C 318 -17.80 19.11 -1.80
N PRO C 319 -17.18 20.26 -2.13
CA PRO C 319 -17.58 21.12 -3.26
C PRO C 319 -17.26 20.47 -4.61
N GLY C 320 -18.10 20.72 -5.61
CA GLY C 320 -17.94 20.07 -6.91
C GLY C 320 -16.64 20.40 -7.65
N HIS C 321 -16.10 21.59 -7.45
CA HIS C 321 -14.92 21.99 -8.23
C HIS C 321 -13.69 21.13 -7.95
N GLU C 322 -13.55 20.64 -6.71
CA GLU C 322 -12.39 19.79 -6.39
C GLU C 322 -12.44 18.41 -7.07
N HIS C 323 -13.57 18.04 -7.71
CA HIS C 323 -13.68 16.81 -8.52
C HIS C 323 -13.86 17.01 -10.03
N THR C 324 -13.65 18.25 -10.49
CA THR C 324 -13.92 18.66 -11.87
C THR C 324 -12.64 18.73 -12.71
N VAL C 325 -12.65 18.09 -13.88
CA VAL C 325 -11.59 18.21 -14.87
C VAL C 325 -12.14 19.07 -16.04
N ARG C 326 -11.53 20.24 -16.26
CA ARG C 326 -11.79 21.05 -17.48
C ARG C 326 -10.64 20.90 -18.47
N VAL C 327 -10.97 20.36 -19.64
CA VAL C 327 -10.02 20.09 -20.71
C VAL C 327 -10.00 21.27 -21.72
N PRO C 328 -8.80 21.72 -22.16
CA PRO C 328 -8.74 22.66 -23.30
C PRO C 328 -8.87 21.90 -24.62
N LEU C 329 -9.07 22.61 -25.73
CA LEU C 329 -9.22 21.97 -27.05
C LEU C 329 -7.91 21.25 -27.42
N ASP C 330 -8.04 19.98 -27.85
CA ASP C 330 -6.89 19.18 -28.30
C ASP C 330 -6.14 19.98 -29.37
N PRO C 331 -4.80 20.07 -29.27
CA PRO C 331 -4.03 20.78 -30.32
C PRO C 331 -4.35 20.34 -31.77
N ALA C 332 -4.67 19.04 -31.95
CA ALA C 332 -5.08 18.50 -33.25
C ALA C 332 -6.43 19.01 -33.76
N LEU C 333 -7.32 19.40 -32.84
CA LEU C 333 -8.57 20.10 -33.21
C LEU C 333 -8.38 21.60 -33.38
N ALA C 334 -7.52 22.22 -32.57
CA ALA C 334 -7.28 23.67 -32.63
C ALA C 334 -6.87 24.13 -34.03
N GLN C 335 -6.05 23.32 -34.69
CA GLN C 335 -5.69 23.49 -36.10
C GLN C 335 -5.13 22.17 -36.65
N PRO C 336 -4.94 22.09 -37.98
CA PRO C 336 -4.31 20.88 -38.53
C PRO C 336 -2.83 20.79 -38.14
N VAL C 337 -2.43 19.66 -37.54
CA VAL C 337 -1.03 19.40 -37.16
C VAL C 337 -0.60 18.04 -37.68
N ALA C 338 0.70 17.86 -37.86
CA ALA C 338 1.20 16.59 -38.40
C ALA C 338 2.61 16.29 -37.91
N VAL C 339 2.90 14.99 -37.86
CA VAL C 339 4.21 14.47 -37.58
C VAL C 339 4.84 14.17 -38.94
N GLY C 340 4.44 13.06 -39.56
CA GLY C 340 5.07 12.59 -40.80
C GLY C 340 4.53 13.30 -42.02
N ALA C 341 3.22 13.21 -42.21
CA ALA C 341 2.59 13.66 -43.45
C ALA C 341 1.13 14.05 -43.22
N LYS C 342 0.29 13.07 -42.90
CA LYS C 342 -1.15 13.31 -42.72
C LYS C 342 -1.43 13.91 -41.35
N ALA C 343 -2.47 14.74 -41.25
CA ALA C 343 -2.80 15.42 -40.00
C ALA C 343 -3.08 14.43 -38.86
N LEU C 344 -2.81 14.85 -37.61
CA LEU C 344 -3.08 14.00 -36.42
C LEU C 344 -4.56 14.04 -36.06
N GLU C 345 -5.07 12.90 -35.59
CA GLU C 345 -6.42 12.80 -35.04
C GLU C 345 -6.40 13.24 -33.57
N PRO C 346 -7.49 13.84 -33.07
CA PRO C 346 -7.51 14.20 -31.64
C PRO C 346 -7.57 12.96 -30.77
N LEU C 347 -6.99 13.05 -29.57
CA LEU C 347 -7.06 11.93 -28.62
C LEU C 347 -8.40 12.02 -27.90
N PRO C 348 -9.10 10.89 -27.71
CA PRO C 348 -10.35 10.97 -26.94
C PRO C 348 -10.09 11.32 -25.46
N VAL C 349 -11.12 11.83 -24.78
CA VAL C 349 -11.07 12.16 -23.36
C VAL C 349 -11.71 10.98 -22.63
N THR C 350 -10.98 10.38 -21.70
CA THR C 350 -11.44 9.15 -21.03
C THR C 350 -12.34 9.41 -19.80
N VAL C 351 -13.47 8.70 -19.73
CA VAL C 351 -14.21 8.57 -18.49
C VAL C 351 -14.20 7.10 -18.09
N GLN C 352 -13.62 6.81 -16.91
CA GLN C 352 -13.58 5.44 -16.41
C GLN C 352 -14.80 5.11 -15.57
N MET C 353 -15.35 3.91 -15.75
CA MET C 353 -16.23 3.30 -14.76
C MET C 353 -15.29 2.43 -13.90
N VAL C 354 -15.25 2.70 -12.59
CA VAL C 354 -14.27 2.05 -11.69
C VAL C 354 -14.75 2.11 -10.23
N GLY C 355 -14.77 0.95 -9.56
CA GLY C 355 -15.31 0.86 -8.19
C GLY C 355 -16.72 1.40 -8.03
N ASN C 356 -17.61 1.04 -8.98
CA ASN C 356 -18.99 1.54 -9.03
C ASN C 356 -19.04 3.07 -8.92
N SER C 357 -18.20 3.72 -9.73
CA SER C 357 -18.17 5.18 -9.83
C SER C 357 -17.69 5.60 -11.18
N PHE C 358 -17.88 6.89 -11.51
CA PHE C 358 -17.38 7.48 -12.74
C PHE C 358 -16.20 8.40 -12.41
N TYR C 359 -15.09 8.29 -13.15
CA TYR C 359 -13.86 9.08 -12.91
C TYR C 359 -13.33 9.70 -14.19
N PRO C 360 -13.26 11.02 -14.31
CA PRO C 360 -13.63 12.00 -13.27
C PRO C 360 -15.16 12.13 -13.06
N LYS C 361 -15.57 12.54 -11.86
CA LYS C 361 -16.99 12.72 -11.53
C LYS C 361 -17.69 13.81 -12.38
N VAL C 362 -16.96 14.90 -12.64
CA VAL C 362 -17.45 16.04 -13.43
C VAL C 362 -16.42 16.36 -14.51
N LEU C 363 -16.86 16.36 -15.77
CA LEU C 363 -15.99 16.61 -16.92
C LEU C 363 -16.56 17.80 -17.74
N GLU C 364 -15.70 18.76 -18.04
CA GLU C 364 -16.03 19.95 -18.84
C GLU C 364 -15.13 19.97 -20.10
N ILE C 365 -15.76 19.77 -21.27
CA ILE C 365 -15.07 19.63 -22.57
C ILE C 365 -15.56 20.70 -23.56
N PRO C 366 -14.68 21.14 -24.49
CA PRO C 366 -15.12 22.05 -25.58
C PRO C 366 -15.87 21.30 -26.68
N VAL C 367 -16.79 21.99 -27.37
CA VAL C 367 -17.49 21.40 -28.52
C VAL C 367 -16.53 20.80 -29.55
N GLY C 368 -16.92 19.66 -30.12
CA GLY C 368 -16.08 18.92 -31.06
C GLY C 368 -15.35 17.73 -30.43
N THR C 369 -15.36 17.66 -29.09
CA THR C 369 -14.56 16.65 -28.36
C THR C 369 -15.26 15.31 -28.32
N THR C 370 -14.47 14.24 -28.40
CA THR C 370 -14.98 12.90 -28.28
C THR C 370 -14.60 12.35 -26.89
N VAL C 371 -15.60 11.84 -26.18
CA VAL C 371 -15.43 11.16 -24.90
C VAL C 371 -15.44 9.65 -25.16
N GLU C 372 -14.53 8.92 -24.52
CA GLU C 372 -14.58 7.46 -24.51
C GLU C 372 -14.83 6.98 -23.09
N PHE C 373 -15.99 6.35 -22.87
CA PHE C 373 -16.25 5.57 -21.66
C PHE C 373 -15.50 4.23 -21.73
N VAL C 374 -14.80 3.87 -20.65
CA VAL C 374 -14.15 2.54 -20.58
C VAL C 374 -14.48 1.90 -19.24
N ASN C 375 -14.85 0.62 -19.21
CA ASN C 375 -15.14 -0.06 -17.97
C ASN C 375 -13.86 -0.71 -17.42
N GLU C 376 -13.34 -0.15 -16.32
CA GLU C 376 -12.17 -0.71 -15.63
C GLU C 376 -12.56 -1.74 -14.55
N ASP C 377 -13.83 -1.82 -14.15
CA ASP C 377 -14.21 -2.90 -13.22
C ASP C 377 -14.04 -4.23 -13.97
N VAL C 378 -13.62 -5.26 -13.23
CA VAL C 378 -13.13 -6.52 -13.80
C VAL C 378 -14.17 -7.65 -13.78
N PHE C 379 -14.97 -7.75 -12.71
CA PHE C 379 -16.00 -8.79 -12.56
C PHE C 379 -17.27 -8.40 -13.35
N ASP C 380 -17.46 -8.99 -14.53
CA ASP C 380 -18.59 -8.59 -15.42
C ASP C 380 -19.62 -9.73 -15.61
N LEU C 381 -19.66 -10.64 -14.64
CA LEU C 381 -20.62 -11.73 -14.60
C LEU C 381 -21.85 -11.37 -13.75
N LEU C 382 -22.82 -12.29 -13.69
CA LEU C 382 -24.05 -12.11 -12.89
C LEU C 382 -24.86 -10.84 -13.31
N GLU C 383 -25.60 -10.24 -12.40
CA GLU C 383 -26.46 -9.08 -12.73
C GLU C 383 -26.68 -8.19 -11.52
N GLY C 384 -27.18 -6.98 -11.78
CA GLY C 384 -27.57 -6.05 -10.72
C GLY C 384 -26.39 -5.67 -9.81
N GLU C 385 -26.63 -5.63 -8.51
CA GLU C 385 -25.57 -5.37 -7.53
C GLU C 385 -24.51 -6.46 -7.45
N ARG C 386 -24.73 -7.61 -8.06
CA ARG C 386 -23.73 -8.66 -8.13
C ARG C 386 -22.71 -8.53 -9.27
N THR C 387 -22.95 -7.58 -10.19
CA THR C 387 -22.10 -7.39 -11.38
C THR C 387 -21.36 -6.07 -11.36
N GLY C 388 -20.21 -6.09 -12.03
CA GLY C 388 -19.44 -4.88 -12.30
C GLY C 388 -19.51 -4.39 -13.74
N ARG C 389 -20.46 -4.93 -14.54
CA ARG C 389 -20.91 -4.27 -15.75
C ARG C 389 -21.57 -2.94 -15.44
N HIS C 390 -21.41 -1.97 -16.33
CA HIS C 390 -21.97 -0.64 -16.19
C HIS C 390 -22.42 -0.08 -17.53
N ASP C 391 -23.35 0.88 -17.45
CA ASP C 391 -23.68 1.76 -18.58
C ASP C 391 -23.69 3.19 -18.07
N ALA C 392 -23.97 4.12 -18.98
CA ALA C 392 -24.18 5.52 -18.60
C ALA C 392 -25.45 6.01 -19.32
N VAL C 393 -26.44 6.50 -18.57
CA VAL C 393 -27.77 6.94 -19.08
C VAL C 393 -28.13 8.34 -18.52
N VAL C 394 -28.33 9.31 -19.39
CA VAL C 394 -28.67 10.67 -18.94
C VAL C 394 -30.06 10.66 -18.28
N ILE C 395 -30.16 11.29 -17.11
CA ILE C 395 -31.46 11.45 -16.41
C ILE C 395 -31.85 12.91 -16.09
N ASP C 396 -31.01 13.89 -16.49
CA ASP C 396 -31.28 15.32 -16.32
C ASP C 396 -30.70 15.98 -17.57
N VAL C 397 -31.60 16.47 -18.43
CA VAL C 397 -31.27 16.89 -19.77
C VAL C 397 -31.28 18.41 -19.81
N GLN C 398 -30.11 19.02 -20.01
CA GLN C 398 -30.00 20.49 -20.22
C GLN C 398 -29.13 20.79 -21.43
N GLY C 399 -29.48 20.13 -22.52
CA GLY C 399 -28.78 20.26 -23.77
C GLY C 399 -29.42 19.35 -24.82
N PRO C 400 -29.02 19.51 -26.08
CA PRO C 400 -29.65 18.75 -27.16
C PRO C 400 -29.08 17.35 -27.45
N GLU C 401 -28.10 16.85 -26.67
CA GLU C 401 -27.50 15.55 -26.99
C GLU C 401 -27.48 14.53 -25.83
N PRO C 402 -28.64 14.28 -25.19
CA PRO C 402 -28.65 13.21 -24.18
C PRO C 402 -28.26 11.86 -24.80
N PHE C 403 -27.79 10.92 -23.97
CA PHE C 403 -27.15 9.71 -24.49
C PHE C 403 -27.46 8.52 -23.60
N VAL C 404 -27.28 7.34 -24.18
CA VAL C 404 -27.35 6.07 -23.46
C VAL C 404 -26.28 5.17 -24.08
N THR C 405 -25.39 4.60 -23.24
CA THR C 405 -24.34 3.74 -23.76
C THR C 405 -24.87 2.34 -23.64
N PRO C 406 -24.32 1.41 -24.41
CA PRO C 406 -24.52 -0.02 -24.08
C PRO C 406 -23.99 -0.42 -22.70
N LYS C 407 -24.34 -1.61 -22.22
CA LYS C 407 -23.77 -2.14 -20.98
C LYS C 407 -22.39 -2.75 -21.30
N LEU C 408 -21.35 -2.21 -20.68
CA LEU C 408 -19.96 -2.56 -21.01
C LEU C 408 -19.42 -3.57 -19.99
N GLY C 409 -18.84 -4.65 -20.52
CA GLY C 409 -18.01 -5.59 -19.75
C GLY C 409 -16.58 -5.04 -19.55
N HIS C 410 -15.71 -5.83 -18.94
CA HIS C 410 -14.37 -5.34 -18.62
C HIS C 410 -13.56 -4.97 -19.85
N GLY C 411 -12.98 -3.78 -19.85
CA GLY C 411 -12.15 -3.35 -20.94
C GLY C 411 -12.90 -3.01 -22.23
N GLU C 412 -14.25 -3.03 -22.19
CA GLU C 412 -15.07 -2.58 -23.35
C GLU C 412 -15.22 -1.08 -23.32
N ARG C 413 -15.45 -0.49 -24.49
CA ARG C 413 -15.36 0.97 -24.66
C ARG C 413 -16.54 1.51 -25.48
N TYR C 414 -16.94 2.76 -25.23
CA TYR C 414 -17.99 3.41 -26.05
C TYR C 414 -17.69 4.89 -26.22
N ARG C 415 -17.68 5.36 -27.47
CA ARG C 415 -17.37 6.75 -27.83
C ARG C 415 -18.61 7.59 -28.20
N ILE C 416 -18.57 8.85 -27.77
CA ILE C 416 -19.61 9.86 -28.04
C ILE C 416 -18.91 11.16 -28.40
N THR C 417 -19.28 11.76 -29.51
CA THR C 417 -18.76 13.08 -29.91
C THR C 417 -19.82 14.13 -29.64
N PHE C 418 -19.46 15.17 -28.89
CA PHE C 418 -20.36 16.27 -28.51
C PHE C 418 -20.10 17.49 -29.41
N THR C 419 -21.13 17.93 -30.14
CA THR C 419 -21.00 19.04 -31.13
C THR C 419 -21.64 20.39 -30.73
N LYS C 420 -22.46 20.38 -29.67
CA LYS C 420 -23.19 21.57 -29.25
C LYS C 420 -23.07 21.74 -27.75
N PRO C 421 -23.17 22.99 -27.24
CA PRO C 421 -23.11 23.22 -25.80
C PRO C 421 -24.31 22.67 -25.05
N GLY C 422 -24.11 22.41 -23.76
CA GLY C 422 -25.14 21.77 -22.92
C GLY C 422 -24.53 21.13 -21.66
N GLU C 423 -25.39 20.75 -20.72
CA GLU C 423 -24.98 19.90 -19.59
C GLU C 423 -25.96 18.77 -19.30
N TYR C 424 -25.41 17.71 -18.69
CA TYR C 424 -26.10 16.44 -18.51
C TYR C 424 -25.66 15.79 -17.20
N VAL C 425 -26.62 15.30 -16.41
CA VAL C 425 -26.35 14.44 -15.28
C VAL C 425 -26.70 13.03 -15.73
N TYR C 426 -25.79 12.07 -15.54
CA TYR C 426 -26.03 10.69 -15.95
C TYR C 426 -25.81 9.73 -14.77
N ILE C 427 -26.47 8.58 -14.84
CA ILE C 427 -26.30 7.48 -13.88
C ILE C 427 -25.96 6.20 -14.61
N CYS C 428 -25.64 5.15 -13.83
CA CYS C 428 -25.70 3.79 -14.34
C CYS C 428 -27.07 3.19 -14.04
N SER C 429 -27.70 2.56 -15.03
CA SER C 429 -29.05 2.00 -14.83
C SER C 429 -29.00 0.74 -13.98
N ILE C 430 -27.86 0.05 -13.97
CA ILE C 430 -27.66 -1.16 -13.18
C ILE C 430 -27.52 -0.78 -11.70
N HIS C 431 -26.71 0.25 -11.45
CA HIS C 431 -26.39 0.77 -10.11
C HIS C 431 -26.77 2.26 -10.04
N PRO C 432 -28.05 2.56 -9.74
CA PRO C 432 -28.54 3.95 -9.95
C PRO C 432 -27.94 5.05 -9.05
N TYR C 433 -27.28 4.63 -7.97
CA TYR C 433 -26.49 5.51 -7.07
C TYR C 433 -25.12 5.96 -7.66
N MET C 434 -24.65 5.31 -8.73
CA MET C 434 -23.50 5.84 -9.50
C MET C 434 -23.93 7.04 -10.30
N LYS C 435 -23.21 8.14 -10.17
CA LYS C 435 -23.61 9.39 -10.82
C LYS C 435 -22.44 10.24 -11.27
N GLY C 436 -22.60 10.86 -12.44
CA GLY C 436 -21.61 11.76 -13.00
C GLY C 436 -22.23 12.89 -13.82
N ILE C 437 -21.38 13.83 -14.23
CA ILE C 437 -21.78 15.03 -15.02
C ILE C 437 -20.84 15.23 -16.19
N ILE C 438 -21.41 15.59 -17.36
CA ILE C 438 -20.62 16.15 -18.47
C ILE C 438 -21.21 17.51 -18.86
N ARG C 439 -20.35 18.50 -19.00
CA ARG C 439 -20.72 19.82 -19.51
C ARG C 439 -19.88 20.10 -20.74
N VAL C 440 -20.52 20.68 -21.77
CA VAL C 440 -19.86 20.96 -23.04
C VAL C 440 -19.93 22.47 -23.29
N TYR C 441 -18.78 23.09 -23.48
CA TYR C 441 -18.70 24.54 -23.58
C TYR C 441 -18.32 24.99 -24.99
N GLU C 442 -18.68 26.23 -25.31
CA GLU C 442 -18.45 26.83 -26.64
C GLU C 442 -18.30 28.36 -26.45
N PRO C 443 -17.42 29.01 -27.22
CA PRO C 443 -17.34 30.48 -27.10
C PRO C 443 -18.68 31.16 -27.45
N LEU C 444 -19.07 32.15 -26.65
CA LEU C 444 -20.33 32.92 -26.87
C LEU C 444 -20.34 33.67 -28.22
N SER C 445 -19.15 34.09 -28.66
CA SER C 445 -18.91 34.63 -30.00
C SER C 445 -19.50 33.80 -31.15
N GLN C 446 -19.55 32.47 -30.98
CA GLN C 446 -20.24 31.59 -31.92
C GLN C 446 -21.71 31.54 -31.52
CU CU D . 1.93 24.66 9.25
CU CU E . 5.51 4.87 18.85
CU CU F . 10.61 16.17 16.42
CA CA G . 24.40 4.03 -5.07
CU CU H . 17.97 -0.37 -19.44
CU CU I . 13.46 -14.78 -3.16
CU CU J . 14.71 -13.50 -15.66
CA CA K . -13.57 -12.50 -17.13
CU CU L . -23.09 0.26 -12.78
CU CU M . -15.95 -11.53 4.55
CU CU N . -25.05 -3.85 0.51
CA CA O . -11.86 17.19 14.11
#